data_9LUV
#
_entry.id   9LUV
#
_cell.length_a   1.00
_cell.length_b   1.00
_cell.length_c   1.00
_cell.angle_alpha   90.00
_cell.angle_beta   90.00
_cell.angle_gamma   90.00
#
_symmetry.space_group_name_H-M   'P 1'
#
loop_
_entity.id
_entity.type
_entity.pdbx_description
1 polymer 'Toll-like receptor 7'
2 polymer "RNA (5'-R(*(OMG)P*UP*C)-3')"
3 branched beta-D-mannopyranose-(1-4)-2-acetamido-2-deoxy-beta-D-glucopyranose-(1-4)-2-acetamido-2-deoxy-beta-D-glucopyranose
4 branched 2-acetamido-2-deoxy-beta-D-glucopyranose-(1-4)-2-acetamido-2-deoxy-beta-D-glucopyranose
5 non-polymer 2-acetamido-2-deoxy-beta-D-glucopyranose
#
loop_
_entity_poly.entity_id
_entity_poly.type
_entity_poly.pdbx_seq_one_letter_code
_entity_poly.pdbx_strand_id
1 'polypeptide(L)'
;RSPWARWFPKTLPCDVTLDVSKNHVIVDCTDKHLTEIPGGIPTNTTNLTLTINHIPDISPASFHRLVHLVEIDFRCNCVP
IRLGSKSNMCPRRLQIKPRSFSGLTYLKSLYLDGNQLLEIPQGLPPSLQLLSLEANNIFSIRKEQLTELANIEILYLGQN
CYYRNPCYVSYSIEKDAFLNLTKLKVLSLKDNNVTTVPTVLPSTLTELYLYNNMIAEIQEDDFNNLNQLQILDLSGNCPR
CYNAPFPCTPCKNNSPLQIPVNAFDALTELKVLRLHSNSLQHVPPRWFKNINNLQELDLSQNFLAKEIGDAKFLHFLPNL
IQLDLSFNFELQVYRASMNLSQAFSSLKSLKILRIRGYVFKELKSFQLSPLHNLQNLEVLDLGTNFIKIANLSMFKQFKR
LKVIDLSVNKISPSGDSLVPRGSSNARTSVESYEPQVLEQLYYFRYDKYARSCRFKNKEASFTSVQESCYKYGQTLDLSK
NSIFFIKSSDFQHLSFLKCLNLSGNLISQTLNGSEFQPLAELRYLDFSNNRLDLLHSTAFEELRKLEVLDISSNSHYFQS
EGITHMLNFTKNLKVLQKLMMNDNDISSSTSRTMESESLRTLEFRGNHLDVLWRDGDNRYLQLFKNLLKLEELDISKNSL
SFLPSGVFDGMPPNLKNLSLAKNGLKSFIWEKLRYLKNLETLDLSHNQLTTVPERLSNCSRSLKNLILKNNQIRSLTKYF
LQDAFQLRYLDLSSNKIQMIQKTSFPENVLNNLKMLLLHHNRFLCTCDAVWFVWWVQHTEVTIPYLATDVTCVGPGAHKG
QSVISLDLYTCELDLTNEFLVPR
;
A,B
2 'polyribonucleotide' (OMG)UC C,D
#
# COMPACT_ATOMS: atom_id res chain seq x y z
N PRO A 9 49.51 7.44 -2.72
CA PRO A 9 49.29 6.02 -2.99
C PRO A 9 49.62 5.64 -4.43
N LYS A 10 49.79 4.35 -4.69
CA LYS A 10 50.10 3.85 -6.02
C LYS A 10 48.96 3.02 -6.61
N THR A 11 48.52 1.98 -5.89
CA THR A 11 47.44 1.12 -6.36
C THR A 11 46.47 0.78 -5.23
N LEU A 12 46.37 1.65 -4.24
CA LEU A 12 45.49 1.39 -3.10
C LEU A 12 44.03 1.62 -3.51
N PRO A 13 43.15 0.62 -3.37
CA PRO A 13 41.74 0.81 -3.72
C PRO A 13 40.90 1.46 -2.62
N CYS A 14 41.53 2.07 -1.61
CA CYS A 14 40.83 2.68 -0.50
C CYS A 14 41.05 4.19 -0.51
N ASP A 15 40.04 4.94 -0.11
CA ASP A 15 40.15 6.39 -0.02
C ASP A 15 41.10 6.78 1.10
N VAL A 16 41.89 7.83 0.85
CA VAL A 16 42.88 8.32 1.80
C VAL A 16 42.52 9.75 2.17
N THR A 17 42.41 10.01 3.47
CA THR A 17 42.11 11.34 4.00
C THR A 17 43.30 11.81 4.82
N LEU A 18 43.76 13.03 4.55
CA LEU A 18 44.92 13.61 5.21
C LEU A 18 44.48 14.80 6.05
N ASP A 19 44.92 14.83 7.31
CA ASP A 19 44.64 15.93 8.23
C ASP A 19 45.97 16.41 8.79
N VAL A 20 46.48 17.51 8.23
CA VAL A 20 47.78 18.03 8.66
C VAL A 20 47.70 18.58 10.08
N SER A 21 46.58 19.23 10.42
CA SER A 21 46.44 19.79 11.76
C SER A 21 46.36 18.70 12.82
N LYS A 22 45.62 17.63 12.54
CA LYS A 22 45.46 16.54 13.49
C LYS A 22 46.54 15.46 13.34
N ASN A 23 47.36 15.52 12.30
CA ASN A 23 48.41 14.54 12.06
C ASN A 23 47.83 13.13 12.00
N HIS A 24 46.68 12.99 11.35
CA HIS A 24 45.98 11.72 11.24
C HIS A 24 45.71 11.41 9.78
N VAL A 25 45.99 10.17 9.38
CA VAL A 25 45.72 9.69 8.03
C VAL A 25 44.68 8.59 8.13
N ILE A 26 43.59 8.74 7.38
CA ILE A 26 42.45 7.83 7.44
C ILE A 26 42.39 7.05 6.13
N VAL A 27 42.33 5.73 6.25
CA VAL A 27 42.19 4.82 5.11
C VAL A 27 40.89 4.04 5.30
N ASP A 28 39.99 4.16 4.34
CA ASP A 28 38.67 3.54 4.42
C ASP A 28 38.52 2.50 3.32
N CYS A 29 38.47 1.23 3.71
CA CYS A 29 38.28 0.11 2.79
C CYS A 29 36.94 -0.58 3.03
N THR A 30 35.90 0.21 3.28
CA THR A 30 34.59 -0.36 3.57
C THR A 30 33.94 -0.90 2.30
N ASP A 31 33.45 -2.14 2.37
CA ASP A 31 32.75 -2.80 1.26
C ASP A 31 33.63 -2.85 0.01
N LYS A 32 34.75 -3.57 0.14
CA LYS A 32 35.69 -3.73 -0.96
C LYS A 32 35.90 -5.18 -1.38
N HIS A 33 35.41 -6.15 -0.60
CA HIS A 33 35.53 -7.58 -0.93
C HIS A 33 36.98 -7.97 -1.13
N LEU A 34 37.85 -7.54 -0.21
CA LEU A 34 39.27 -7.85 -0.27
C LEU A 34 39.54 -9.16 0.46
N THR A 35 40.00 -10.18 -0.28
CA THR A 35 40.35 -11.45 0.35
C THR A 35 41.52 -11.30 1.29
N GLU A 36 42.53 -10.52 0.90
CA GLU A 36 43.71 -10.28 1.72
C GLU A 36 44.00 -8.79 1.74
N ILE A 37 44.78 -8.37 2.74
CA ILE A 37 45.16 -6.97 2.90
C ILE A 37 46.03 -6.55 1.72
N PRO A 38 45.66 -5.51 0.98
CA PRO A 38 46.47 -5.09 -0.16
C PRO A 38 47.81 -4.52 0.28
N GLY A 39 48.81 -4.66 -0.59
CA GLY A 39 50.14 -4.15 -0.32
C GLY A 39 50.25 -2.66 -0.62
N GLY A 40 51.42 -2.13 -0.29
CA GLY A 40 51.69 -0.72 -0.53
C GLY A 40 51.04 0.22 0.44
N ILE A 41 50.60 -0.27 1.60
CA ILE A 41 49.97 0.60 2.59
C ILE A 41 51.04 1.50 3.21
N PRO A 42 50.84 2.82 3.23
CA PRO A 42 51.85 3.71 3.82
C PRO A 42 51.98 3.48 5.32
N THR A 43 53.19 3.70 5.82
CA THR A 43 53.48 3.51 7.24
C THR A 43 53.06 4.71 8.09
N ASN A 44 52.66 5.81 7.46
CA ASN A 44 52.26 7.01 8.18
C ASN A 44 50.77 7.05 8.50
N THR A 45 50.02 6.02 8.12
CA THR A 45 48.59 6.00 8.38
C THR A 45 48.32 5.83 9.87
N THR A 46 47.16 6.32 10.30
CA THR A 46 46.74 6.25 11.70
C THR A 46 45.49 5.42 11.91
N ASN A 47 44.47 5.58 11.07
CA ASN A 47 43.23 4.84 11.16
C ASN A 47 43.12 3.90 9.98
N LEU A 48 42.90 2.61 10.26
CA LEU A 48 42.78 1.58 9.24
C LEU A 48 41.38 0.97 9.31
N THR A 49 40.71 0.90 8.16
CA THR A 49 39.38 0.33 8.06
C THR A 49 39.48 -1.02 7.36
N LEU A 50 39.06 -2.08 8.06
CA LEU A 50 39.10 -3.44 7.56
C LEU A 50 37.78 -4.14 7.85
N THR A 51 36.68 -3.53 7.42
CA THR A 51 35.33 -4.01 7.69
C THR A 51 35.02 -5.24 6.85
N ILE A 52 33.73 -5.56 6.71
CA ILE A 52 33.25 -6.81 6.12
C ILE A 52 33.99 -7.11 4.82
N ASN A 53 34.64 -8.26 4.78
CA ASN A 53 35.45 -8.68 3.64
C ASN A 53 35.54 -10.21 3.68
N HIS A 54 36.51 -10.76 2.94
CA HIS A 54 36.76 -12.18 2.89
C HIS A 54 38.13 -12.54 3.46
N ILE A 55 38.51 -11.88 4.54
CA ILE A 55 39.81 -12.12 5.18
C ILE A 55 39.76 -13.44 5.92
N PRO A 56 40.67 -14.38 5.62
CA PRO A 56 40.62 -15.68 6.30
C PRO A 56 41.10 -15.61 7.75
N ASP A 57 42.19 -14.90 8.01
CA ASP A 57 42.75 -14.82 9.35
C ASP A 57 43.62 -13.57 9.45
N ILE A 58 44.26 -13.40 10.60
CA ILE A 58 45.13 -12.26 10.87
C ILE A 58 46.54 -12.77 11.08
N SER A 59 47.49 -12.22 10.34
CA SER A 59 48.89 -12.61 10.44
C SER A 59 49.72 -11.50 11.07
N PRO A 60 50.74 -11.86 11.85
CA PRO A 60 51.60 -10.81 12.45
C PRO A 60 52.31 -9.95 11.43
N ALA A 61 52.59 -10.49 10.23
CA ALA A 61 53.27 -9.73 9.20
C ALA A 61 52.38 -8.67 8.55
N SER A 62 51.08 -8.68 8.84
CA SER A 62 50.19 -7.68 8.26
C SER A 62 50.53 -6.28 8.75
N PHE A 63 50.85 -6.14 10.03
CA PHE A 63 51.23 -4.86 10.62
C PHE A 63 52.69 -4.84 11.06
N HIS A 64 53.55 -5.53 10.32
CA HIS A 64 54.97 -5.58 10.68
C HIS A 64 55.65 -4.24 10.46
N ARG A 65 55.39 -3.62 9.30
CA ARG A 65 56.02 -2.35 8.97
C ARG A 65 55.18 -1.15 9.39
N LEU A 66 53.99 -1.37 9.95
CA LEU A 66 53.12 -0.28 10.38
C LEU A 66 53.27 -0.10 11.89
N VAL A 67 53.89 1.00 12.29
CA VAL A 67 54.09 1.31 13.70
C VAL A 67 53.35 2.56 14.14
N HIS A 68 52.85 3.37 13.21
CA HIS A 68 52.13 4.59 13.55
C HIS A 68 50.62 4.39 13.58
N LEU A 69 50.14 3.16 13.41
CA LEU A 69 48.70 2.90 13.43
C LEU A 69 48.14 3.10 14.84
N VAL A 70 47.06 3.87 14.93
CA VAL A 70 46.41 4.14 16.22
C VAL A 70 44.98 3.65 16.26
N GLU A 71 44.43 3.14 15.17
CA GLU A 71 43.05 2.66 15.15
C GLU A 71 42.93 1.55 14.11
N ILE A 72 42.48 0.37 14.55
CA ILE A 72 42.28 -0.78 13.67
C ILE A 72 40.83 -1.25 13.85
N ASP A 73 40.12 -1.36 12.74
CA ASP A 73 38.72 -1.77 12.73
C ASP A 73 38.58 -3.12 12.05
N PHE A 74 37.91 -4.05 12.72
CA PHE A 74 37.66 -5.40 12.20
C PHE A 74 36.20 -5.78 12.43
N ARG A 75 35.29 -4.86 12.12
CA ARG A 75 33.87 -5.07 12.42
C ARG A 75 33.21 -5.97 11.40
N CYS A 76 32.60 -7.05 11.87
CA CYS A 76 31.80 -7.96 11.05
C CYS A 76 32.60 -8.54 9.88
N ASN A 77 33.80 -9.05 10.20
CA ASN A 77 34.60 -9.69 9.17
C ASN A 77 34.02 -11.03 8.73
N CYS A 78 33.16 -11.65 9.55
CA CYS A 78 32.50 -12.90 9.19
C CYS A 78 31.16 -12.94 9.92
N VAL A 79 30.10 -12.61 9.21
CA VAL A 79 28.75 -12.60 9.77
C VAL A 79 28.20 -14.03 9.68
N PRO A 80 27.82 -14.64 10.81
CA PRO A 80 27.26 -16.01 10.83
C PRO A 80 25.96 -16.13 10.05
N CYS A 90 29.50 -17.90 5.28
CA CYS A 90 30.74 -17.39 5.84
C CYS A 90 31.66 -18.55 6.23
N PRO A 91 32.97 -18.38 6.04
CA PRO A 91 33.92 -19.44 6.40
C PRO A 91 34.08 -19.57 7.91
N ARG A 92 35.04 -20.39 8.33
CA ARG A 92 35.27 -20.63 9.75
C ARG A 92 35.65 -19.33 10.46
N ARG A 93 35.65 -19.39 11.79
CA ARG A 93 35.91 -18.21 12.60
C ARG A 93 37.34 -17.72 12.39
N LEU A 94 37.53 -16.42 12.59
CA LEU A 94 38.84 -15.81 12.40
C LEU A 94 39.81 -16.27 13.48
N GLN A 95 41.01 -16.63 13.06
CA GLN A 95 42.07 -17.07 13.95
C GLN A 95 43.16 -16.00 13.99
N ILE A 96 43.57 -15.61 15.20
CA ILE A 96 44.58 -14.59 15.41
C ILE A 96 45.85 -15.27 15.91
N LYS A 97 46.95 -15.07 15.19
CA LYS A 97 48.21 -15.66 15.59
C LYS A 97 48.75 -14.94 16.82
N PRO A 98 49.54 -15.62 17.65
CA PRO A 98 50.11 -14.96 18.84
C PRO A 98 51.06 -13.84 18.44
N ARG A 99 51.13 -12.82 19.30
CA ARG A 99 52.00 -11.66 19.09
C ARG A 99 51.70 -10.97 17.77
N SER A 100 50.42 -10.85 17.43
CA SER A 100 50.00 -10.18 16.21
C SER A 100 49.73 -8.69 16.41
N PHE A 101 49.77 -8.21 17.65
CA PHE A 101 49.51 -6.80 17.94
C PHE A 101 50.55 -6.17 18.84
N SER A 102 51.58 -6.92 19.26
CA SER A 102 52.60 -6.36 20.14
C SER A 102 53.48 -5.33 19.44
N GLY A 103 53.56 -5.37 18.11
CA GLY A 103 54.36 -4.41 17.38
C GLY A 103 53.74 -3.05 17.19
N LEU A 104 52.47 -2.89 17.56
CA LEU A 104 51.77 -1.61 17.43
C LEU A 104 51.81 -0.90 18.78
N THR A 105 52.95 -0.27 19.06
CA THR A 105 53.12 0.44 20.32
C THR A 105 52.26 1.70 20.39
N TYR A 106 51.89 2.27 19.24
CA TYR A 106 51.07 3.48 19.20
C TYR A 106 49.58 3.17 19.09
N LEU A 107 49.19 1.91 19.14
CA LEU A 107 47.77 1.55 19.04
C LEU A 107 47.01 2.05 20.28
N LYS A 108 45.84 2.62 20.05
CA LYS A 108 45.03 3.15 21.13
C LYS A 108 43.61 2.60 21.08
N SER A 109 43.11 2.32 19.88
CA SER A 109 41.76 1.81 19.70
C SER A 109 41.78 0.61 18.77
N LEU A 110 41.00 -0.42 19.12
CA LEU A 110 40.93 -1.63 18.32
C LEU A 110 39.50 -2.18 18.37
N TYR A 111 38.95 -2.49 17.20
CA TYR A 111 37.62 -3.05 17.08
C TYR A 111 37.72 -4.47 16.52
N LEU A 112 37.02 -5.41 17.15
CA LEU A 112 37.03 -6.80 16.70
C LEU A 112 35.63 -7.39 16.72
N ASP A 113 34.63 -6.61 16.33
CA ASP A 113 33.25 -7.08 16.36
C ASP A 113 32.95 -7.99 15.17
N GLY A 114 32.06 -8.94 15.39
CA GLY A 114 31.65 -9.84 14.33
C GLY A 114 32.76 -10.73 13.80
N ASN A 115 33.58 -11.28 14.69
CA ASN A 115 34.67 -12.16 14.32
C ASN A 115 34.49 -13.59 14.79
N GLN A 116 33.40 -13.87 15.52
CA GLN A 116 33.11 -15.21 16.04
C GLN A 116 34.26 -15.74 16.90
N LEU A 117 34.87 -14.85 17.68
CA LEU A 117 35.97 -15.25 18.54
C LEU A 117 35.45 -16.04 19.74
N LEU A 118 36.22 -17.05 20.14
CA LEU A 118 35.86 -17.87 21.29
C LEU A 118 36.44 -17.33 22.60
N GLU A 119 37.67 -16.80 22.55
CA GLU A 119 38.32 -16.25 23.72
C GLU A 119 38.86 -14.86 23.38
N ILE A 120 39.14 -14.10 24.44
CA ILE A 120 39.70 -12.75 24.26
C ILE A 120 41.11 -12.86 23.69
N PRO A 121 41.43 -12.14 22.61
CA PRO A 121 42.78 -12.23 22.05
C PRO A 121 43.83 -11.72 23.02
N GLN A 122 45.01 -12.34 22.98
CA GLN A 122 46.13 -11.99 23.83
C GLN A 122 47.20 -11.27 23.02
N GLY A 123 48.20 -10.76 23.74
CA GLY A 123 49.28 -10.04 23.12
C GLY A 123 48.97 -8.61 22.73
N LEU A 124 47.88 -8.04 23.24
CA LEU A 124 47.53 -6.66 22.92
C LEU A 124 48.54 -5.70 23.54
N PRO A 125 48.83 -4.59 22.87
CA PRO A 125 49.80 -3.64 23.41
C PRO A 125 49.26 -2.97 24.66
N PRO A 126 50.13 -2.57 25.59
CA PRO A 126 49.65 -1.90 26.81
C PRO A 126 49.08 -0.51 26.55
N SER A 127 49.31 0.08 25.38
CA SER A 127 48.81 1.41 25.07
C SER A 127 47.37 1.39 24.58
N LEU A 128 46.74 0.22 24.47
CA LEU A 128 45.37 0.15 24.00
C LEU A 128 44.42 0.78 25.02
N GLN A 129 43.47 1.56 24.52
CA GLN A 129 42.48 2.22 25.37
C GLN A 129 41.05 1.78 25.10
N LEU A 130 40.73 1.35 23.89
CA LEU A 130 39.39 0.89 23.53
C LEU A 130 39.48 -0.49 22.92
N LEU A 131 38.56 -1.37 23.32
CA LEU A 131 38.50 -2.74 22.80
C LEU A 131 37.04 -3.14 22.63
N SER A 132 36.67 -3.56 21.44
CA SER A 132 35.31 -3.98 21.13
C SER A 132 35.32 -5.45 20.73
N LEU A 133 34.45 -6.24 21.36
CA LEU A 133 34.35 -7.67 21.10
C LEU A 133 32.88 -8.08 20.98
N GLU A 134 32.07 -7.24 20.34
CA GLU A 134 30.66 -7.55 20.19
C GLU A 134 30.44 -8.60 19.10
N ALA A 135 29.27 -9.21 19.13
CA ALA A 135 28.87 -10.24 18.16
C ALA A 135 29.89 -11.38 18.11
N ASN A 136 30.38 -11.78 19.27
CA ASN A 136 31.36 -12.85 19.39
C ASN A 136 30.77 -13.99 20.22
N ASN A 137 31.55 -15.06 20.38
CA ASN A 137 31.14 -16.24 21.13
C ASN A 137 31.94 -16.39 22.42
N ILE A 138 32.24 -15.28 23.07
CA ILE A 138 32.99 -15.26 24.32
C ILE A 138 32.00 -15.17 25.46
N PHE A 139 31.74 -16.29 26.12
CA PHE A 139 30.80 -16.35 27.24
C PHE A 139 31.51 -16.59 28.57
N SER A 140 32.84 -16.55 28.60
CA SER A 140 33.60 -16.76 29.81
C SER A 140 34.55 -15.60 30.02
N ILE A 141 34.58 -15.06 31.24
CA ILE A 141 35.43 -13.93 31.59
C ILE A 141 36.34 -14.38 32.73
N ARG A 142 37.66 -14.23 32.52
CA ARG A 142 38.65 -14.60 33.51
C ARG A 142 39.64 -13.45 33.69
N LYS A 143 40.20 -13.36 34.90
CA LYS A 143 41.18 -12.31 35.18
C LYS A 143 42.49 -12.52 34.45
N GLU A 144 42.80 -13.75 34.06
CA GLU A 144 44.06 -14.01 33.35
C GLU A 144 44.08 -13.32 32.00
N GLN A 145 42.95 -13.35 31.28
CA GLN A 145 42.88 -12.68 29.98
C GLN A 145 42.77 -11.17 30.14
N LEU A 146 42.21 -10.68 31.25
CA LEU A 146 42.05 -9.26 31.48
C LEU A 146 43.25 -8.62 32.16
N THR A 147 44.24 -9.41 32.56
CA THR A 147 45.43 -8.84 33.19
C THR A 147 46.19 -7.93 32.23
N GLU A 148 46.29 -8.33 30.97
CA GLU A 148 46.97 -7.51 29.98
C GLU A 148 46.20 -6.25 29.62
N LEU A 149 44.91 -6.18 29.96
CA LEU A 149 44.07 -5.02 29.66
C LEU A 149 43.95 -4.08 30.86
N ALA A 150 44.98 -4.00 31.70
CA ALA A 150 44.93 -3.13 32.87
C ALA A 150 44.88 -1.65 32.51
N ASN A 151 45.34 -1.28 31.32
CA ASN A 151 45.36 0.10 30.87
C ASN A 151 44.20 0.44 29.95
N ILE A 152 43.24 -0.47 29.78
CA ILE A 152 42.10 -0.19 28.91
C ILE A 152 41.17 0.81 29.58
N GLU A 153 40.40 1.51 28.75
CA GLU A 153 39.46 2.52 29.22
C GLU A 153 38.03 2.19 28.88
N ILE A 154 37.76 1.78 27.64
CA ILE A 154 36.41 1.44 27.19
C ILE A 154 36.42 0.00 26.71
N LEU A 155 35.50 -0.81 27.25
CA LEU A 155 35.38 -2.22 26.91
C LEU A 155 33.99 -2.49 26.38
N TYR A 156 33.90 -3.18 25.25
CA TYR A 156 32.64 -3.53 24.61
C TYR A 156 32.59 -5.05 24.43
N LEU A 157 31.88 -5.73 25.33
CA LEU A 157 31.73 -7.19 25.27
C LEU A 157 30.28 -7.60 25.13
N GLY A 158 29.41 -6.71 24.65
CA GLY A 158 28.00 -7.01 24.56
C GLY A 158 27.65 -7.84 23.34
N GLN A 159 26.38 -8.26 23.29
CA GLN A 159 25.83 -9.04 22.18
C GLN A 159 26.63 -10.31 21.95
N ASN A 160 26.97 -11.01 23.03
CA ASN A 160 27.72 -12.26 22.95
C ASN A 160 26.83 -13.50 23.01
N CYS A 161 25.67 -13.41 23.67
CA CYS A 161 24.77 -14.56 23.77
C CYS A 161 23.35 -14.01 23.95
N TYR A 162 22.56 -14.04 22.89
CA TYR A 162 21.17 -13.59 22.93
C TYR A 162 20.42 -14.29 21.79
N TYR A 163 19.22 -13.79 21.49
CA TYR A 163 18.34 -14.49 20.57
C TYR A 163 18.89 -14.52 19.14
N ARG A 164 19.61 -13.47 18.72
CA ARG A 164 20.18 -13.46 17.38
C ARG A 164 21.39 -14.36 17.28
N ASN A 165 22.21 -14.40 18.33
CA ASN A 165 23.43 -15.21 18.37
C ASN A 165 23.40 -16.07 19.62
N PRO A 166 22.66 -17.17 19.60
CA PRO A 166 22.56 -18.01 20.79
C PRO A 166 23.84 -18.79 21.06
N CYS A 167 24.07 -19.07 22.34
CA CYS A 167 25.22 -19.87 22.76
C CYS A 167 24.87 -20.94 23.78
N TYR A 168 23.65 -20.93 24.33
CA TYR A 168 23.14 -21.94 25.26
C TYR A 168 23.96 -22.04 26.54
N VAL A 169 24.79 -21.05 26.85
CA VAL A 169 25.60 -21.04 28.05
C VAL A 169 25.40 -19.71 28.77
N SER A 170 25.09 -19.77 30.05
CA SER A 170 24.94 -18.56 30.84
C SER A 170 26.28 -17.87 31.02
N TYR A 171 26.26 -16.54 31.04
CA TYR A 171 27.49 -15.77 31.20
C TYR A 171 28.09 -16.01 32.57
N SER A 172 29.39 -16.32 32.60
CA SER A 172 30.10 -16.59 33.84
C SER A 172 31.28 -15.63 33.96
N ILE A 173 31.32 -14.88 35.06
CA ILE A 173 32.40 -13.93 35.33
C ILE A 173 32.99 -14.27 36.69
N GLU A 174 34.31 -14.42 36.73
CA GLU A 174 34.98 -14.75 37.97
C GLU A 174 34.98 -13.55 38.91
N LYS A 175 35.21 -13.84 40.20
CA LYS A 175 35.17 -12.80 41.22
C LYS A 175 36.29 -11.79 41.02
N ASP A 176 35.95 -10.51 41.13
CA ASP A 176 36.92 -9.41 41.02
C ASP A 176 37.66 -9.44 39.68
N ALA A 177 36.92 -9.78 38.62
CA ALA A 177 37.54 -9.83 37.29
C ALA A 177 37.90 -8.44 36.78
N PHE A 178 37.01 -7.47 37.01
CA PHE A 178 37.23 -6.09 36.56
C PHE A 178 37.78 -5.19 37.65
N LEU A 179 38.10 -5.74 38.82
CA LEU A 179 38.60 -4.92 39.92
C LEU A 179 39.97 -4.33 39.60
N ASN A 180 40.84 -5.11 38.94
CA ASN A 180 42.17 -4.65 38.61
C ASN A 180 42.18 -3.61 37.49
N LEU A 181 41.07 -3.42 36.78
CA LEU A 181 40.98 -2.45 35.70
C LEU A 181 40.69 -1.08 36.29
N THR A 182 41.76 -0.45 36.79
CA THR A 182 41.61 0.87 37.41
C THR A 182 41.33 1.96 36.38
N LYS A 183 41.78 1.76 35.14
CA LYS A 183 41.58 2.74 34.08
C LYS A 183 40.28 2.54 33.33
N LEU A 184 39.48 1.55 33.69
CA LEU A 184 38.22 1.30 33.00
C LEU A 184 37.23 2.43 33.26
N LYS A 185 36.57 2.89 32.21
CA LYS A 185 35.59 3.96 32.30
C LYS A 185 34.23 3.58 31.75
N VAL A 186 34.17 2.84 30.65
CA VAL A 186 32.92 2.42 30.03
C VAL A 186 32.93 0.90 29.90
N LEU A 187 31.86 0.27 30.38
CA LEU A 187 31.71 -1.19 30.29
C LEU A 187 30.32 -1.52 29.78
N SER A 188 30.25 -2.38 28.77
CA SER A 188 28.99 -2.77 28.16
C SER A 188 28.89 -4.29 28.13
N LEU A 189 27.76 -4.81 28.60
CA LEU A 189 27.50 -6.25 28.60
C LEU A 189 26.07 -6.53 28.13
N LYS A 190 25.62 -5.79 27.13
CA LYS A 190 24.26 -5.92 26.64
C LYS A 190 24.07 -7.21 25.87
N ASP A 191 22.91 -7.86 26.06
CA ASP A 191 22.55 -9.07 25.34
C ASP A 191 23.59 -10.17 25.50
N ASN A 192 24.08 -10.34 26.72
CA ASN A 192 25.12 -11.32 27.02
C ASN A 192 24.63 -12.43 27.95
N ASN A 193 23.31 -12.54 28.16
CA ASN A 193 22.74 -13.58 29.02
C ASN A 193 23.33 -13.51 30.43
N VAL A 194 23.54 -12.30 30.93
CA VAL A 194 24.12 -12.10 32.25
C VAL A 194 23.04 -12.23 33.30
N THR A 195 23.28 -13.06 34.32
CA THR A 195 22.35 -13.27 35.41
C THR A 195 22.73 -12.51 36.67
N THR A 196 24.02 -12.39 36.97
CA THR A 196 24.51 -11.70 38.15
C THR A 196 25.48 -10.61 37.75
N VAL A 197 25.34 -9.44 38.36
CA VAL A 197 26.25 -8.33 38.08
C VAL A 197 27.66 -8.70 38.49
N PRO A 198 28.66 -8.48 37.64
CA PRO A 198 30.03 -8.91 37.98
C PRO A 198 30.67 -8.08 39.08
N THR A 199 30.33 -8.38 40.32
CA THR A 199 30.97 -7.74 41.46
C THR A 199 32.41 -8.22 41.59
N VAL A 200 33.32 -7.29 41.89
CA VAL A 200 32.98 -5.89 42.12
C VAL A 200 33.53 -5.01 41.00
N LEU A 201 32.67 -4.15 40.46
CA LEU A 201 33.09 -3.25 39.40
C LEU A 201 34.07 -2.21 39.95
N PRO A 202 35.00 -1.74 39.12
CA PRO A 202 35.96 -0.73 39.59
C PRO A 202 35.28 0.57 39.94
N SER A 203 35.86 1.28 40.93
CA SER A 203 35.29 2.53 41.40
C SER A 203 35.42 3.67 40.40
N THR A 204 36.25 3.51 39.36
CA THR A 204 36.45 4.55 38.35
C THR A 204 35.49 4.41 37.18
N LEU A 205 34.54 3.49 37.23
CA LEU A 205 33.58 3.32 36.15
C LEU A 205 32.67 4.53 36.06
N THR A 206 32.40 4.97 34.83
CA THR A 206 31.54 6.11 34.57
C THR A 206 30.23 5.73 33.88
N GLU A 207 30.29 4.84 32.88
CA GLU A 207 29.11 4.39 32.17
C GLU A 207 29.01 2.88 32.27
N LEU A 208 27.85 2.39 32.71
CA LEU A 208 27.60 0.96 32.87
C LEU A 208 26.42 0.58 31.99
N TYR A 209 26.61 -0.45 31.16
CA TYR A 209 25.58 -0.93 30.23
C TYR A 209 25.35 -2.42 30.48
N LEU A 210 24.46 -2.73 31.41
CA LEU A 210 24.07 -4.10 31.70
C LEU A 210 22.65 -4.41 31.25
N TYR A 211 22.15 -3.64 30.28
CA TYR A 211 20.76 -3.80 29.84
C TYR A 211 20.62 -5.01 28.93
N ASN A 212 19.36 -5.39 28.68
CA ASN A 212 19.02 -6.53 27.83
C ASN A 212 19.68 -7.81 28.33
N ASN A 213 19.65 -8.01 29.65
CA ASN A 213 20.24 -9.17 30.29
C ASN A 213 19.15 -9.95 31.02
N MET A 214 19.57 -11.02 31.70
CA MET A 214 18.67 -11.89 32.45
C MET A 214 18.83 -11.73 33.95
N ILE A 215 19.14 -10.52 34.41
CA ILE A 215 19.31 -10.26 35.83
C ILE A 215 17.95 -10.20 36.49
N ALA A 216 17.77 -10.98 37.56
CA ALA A 216 16.51 -11.05 38.27
C ALA A 216 16.51 -10.35 39.62
N GLU A 217 17.67 -10.24 40.26
CA GLU A 217 17.78 -9.60 41.57
C GLU A 217 18.98 -8.70 41.59
N ILE A 218 18.91 -7.66 42.44
CA ILE A 218 20.00 -6.69 42.61
C ILE A 218 20.38 -6.68 44.08
N GLN A 219 21.68 -6.79 44.34
CA GLN A 219 22.18 -6.78 45.71
C GLN A 219 22.41 -5.35 46.19
N GLU A 220 22.36 -5.17 47.51
CA GLU A 220 22.57 -3.85 48.10
C GLU A 220 24.01 -3.38 47.97
N ASP A 221 24.97 -4.30 47.82
CA ASP A 221 26.37 -3.95 47.64
C ASP A 221 26.81 -4.04 46.19
N ASP A 222 25.85 -4.10 45.25
CA ASP A 222 26.23 -4.19 43.84
C ASP A 222 26.92 -2.93 43.36
N PHE A 223 26.44 -1.77 43.78
CA PHE A 223 27.01 -0.48 43.41
C PHE A 223 27.52 0.27 44.63
N ASN A 224 28.15 -0.44 45.56
CA ASN A 224 28.62 0.18 46.79
C ASN A 224 29.86 1.03 46.55
N ASN A 225 30.76 0.57 45.70
CA ASN A 225 32.01 1.28 45.44
C ASN A 225 31.93 2.21 44.24
N LEU A 226 30.80 2.26 43.55
CA LEU A 226 30.64 3.11 42.37
C LEU A 226 30.19 4.49 42.82
N ASN A 227 31.09 5.48 42.71
CA ASN A 227 30.78 6.85 43.06
C ASN A 227 30.89 7.82 41.90
N GLN A 228 31.63 7.48 40.84
CA GLN A 228 31.77 8.34 39.67
C GLN A 228 30.89 7.89 38.51
N LEU A 229 29.98 6.95 38.74
CA LEU A 229 29.10 6.48 37.67
C LEU A 229 28.14 7.59 37.25
N GLN A 230 27.95 7.71 35.94
CA GLN A 230 27.07 8.73 35.37
C GLN A 230 25.90 8.15 34.59
N ILE A 231 26.11 7.04 33.87
CA ILE A 231 25.07 6.42 33.07
C ILE A 231 24.92 4.97 33.54
N LEU A 232 23.69 4.61 33.90
CA LEU A 232 23.37 3.25 34.34
C LEU A 232 22.18 2.73 33.55
N ASP A 233 22.32 1.54 32.98
CA ASP A 233 21.28 0.92 32.17
C ASP A 233 20.93 -0.44 32.76
N LEU A 234 19.64 -0.67 32.96
CA LEU A 234 19.15 -1.94 33.50
C LEU A 234 17.95 -2.46 32.74
N SER A 235 17.89 -2.20 31.43
CA SER A 235 16.77 -2.65 30.62
C SER A 235 16.84 -4.15 30.38
N GLY A 236 15.72 -4.71 29.92
CA GLY A 236 15.65 -6.11 29.58
C GLY A 236 15.57 -7.06 30.77
N ASN A 237 15.65 -6.55 32.00
CA ASN A 237 15.55 -7.37 33.19
C ASN A 237 14.07 -7.51 33.56
N CYS A 238 13.56 -8.74 33.45
CA CYS A 238 12.14 -9.02 33.61
C CYS A 238 11.30 -8.12 32.70
N PRO A 239 11.44 -8.26 31.39
CA PRO A 239 10.77 -7.33 30.47
C PRO A 239 9.30 -7.67 30.28
N ARG A 240 8.58 -6.70 29.71
CA ARG A 240 7.18 -6.86 29.38
C ARG A 240 7.08 -7.51 28.00
N CYS A 241 6.70 -8.79 27.97
CA CYS A 241 6.68 -9.57 26.75
C CYS A 241 5.35 -9.50 26.01
N TYR A 242 4.40 -8.71 26.50
CA TYR A 242 3.11 -8.60 25.83
C TYR A 242 3.26 -7.82 24.52
N ASN A 243 2.75 -8.41 23.44
CA ASN A 243 2.82 -7.81 22.10
C ASN A 243 4.25 -7.48 21.72
N ALA A 244 5.18 -8.37 22.05
CA ALA A 244 6.59 -8.17 21.76
C ALA A 244 6.92 -8.73 20.39
N PRO A 245 7.41 -7.92 19.45
CA PRO A 245 7.78 -8.44 18.12
C PRO A 245 9.11 -9.17 18.09
N PHE A 246 9.79 -9.30 19.23
CA PHE A 246 11.08 -9.98 19.31
C PHE A 246 11.01 -11.05 20.40
N PRO A 247 11.79 -12.11 20.27
CA PRO A 247 11.79 -13.17 21.30
C PRO A 247 12.22 -12.62 22.64
N CYS A 248 11.55 -13.11 23.69
CA CYS A 248 11.84 -12.68 25.06
C CYS A 248 11.31 -13.72 26.02
N THR A 249 11.96 -13.83 27.17
CA THR A 249 11.57 -14.79 28.22
C THR A 249 11.07 -14.04 29.44
N PRO A 250 9.76 -14.01 29.69
CA PRO A 250 9.26 -13.32 30.88
C PRO A 250 9.68 -14.03 32.16
N CYS A 251 9.80 -13.25 33.22
CA CYS A 251 10.21 -13.79 34.50
C CYS A 251 9.07 -14.61 35.12
N LYS A 252 9.42 -15.39 36.14
CA LYS A 252 8.45 -16.25 36.80
C LYS A 252 7.39 -15.42 37.52
N ASN A 253 6.12 -15.75 37.30
CA ASN A 253 4.98 -15.08 37.91
C ASN A 253 4.93 -13.60 37.58
N ASN A 254 5.57 -13.19 36.47
CA ASN A 254 5.62 -11.79 36.05
C ASN A 254 6.17 -10.89 37.16
N SER A 255 7.16 -11.40 37.88
CA SER A 255 7.74 -10.65 38.99
C SER A 255 8.60 -9.51 38.45
N PRO A 256 8.52 -8.33 39.07
CA PRO A 256 9.34 -7.20 38.62
C PRO A 256 10.79 -7.37 39.06
N LEU A 257 11.65 -6.52 38.51
CA LEU A 257 13.06 -6.52 38.86
C LEU A 257 13.22 -6.08 40.30
N GLN A 258 13.60 -7.01 41.17
CA GLN A 258 13.74 -6.73 42.60
C GLN A 258 14.94 -5.82 42.83
N ILE A 259 14.67 -4.55 43.12
CA ILE A 259 15.71 -3.56 43.40
C ILE A 259 15.52 -3.07 44.82
N PRO A 260 16.52 -3.18 45.69
CA PRO A 260 16.35 -2.71 47.07
C PRO A 260 16.21 -1.19 47.13
N VAL A 261 15.60 -0.73 48.22
CA VAL A 261 15.42 0.70 48.42
C VAL A 261 16.76 1.39 48.60
N ASN A 262 17.68 0.76 49.33
CA ASN A 262 19.01 1.31 49.54
C ASN A 262 20.01 0.77 48.52
N ALA A 263 19.67 0.91 47.24
CA ALA A 263 20.52 0.45 46.15
C ALA A 263 21.35 1.58 45.53
N PHE A 264 20.68 2.67 45.12
CA PHE A 264 21.36 3.82 44.53
C PHE A 264 21.76 4.84 45.60
N ASP A 265 22.45 4.37 46.64
CA ASP A 265 22.88 5.24 47.73
C ASP A 265 24.27 5.81 47.50
N ALA A 266 25.22 4.96 47.09
CA ALA A 266 26.58 5.42 46.84
C ALA A 266 26.68 6.26 45.57
N LEU A 267 25.71 6.16 44.67
CA LEU A 267 25.74 6.94 43.44
C LEU A 267 25.42 8.40 43.74
N THR A 268 26.35 9.29 43.38
CA THR A 268 26.16 10.72 43.58
C THR A 268 26.30 11.54 42.31
N GLU A 269 27.06 11.06 41.33
CA GLU A 269 27.23 11.76 40.05
C GLU A 269 26.38 11.16 38.94
N LEU A 270 25.42 10.31 39.27
CA LEU A 270 24.57 9.70 38.26
C LEU A 270 23.70 10.76 37.59
N LYS A 271 23.63 10.69 36.26
CA LYS A 271 22.86 11.64 35.47
C LYS A 271 21.81 10.98 34.59
N VAL A 272 22.09 9.80 34.05
CA VAL A 272 21.16 9.08 33.18
C VAL A 272 20.89 7.71 33.80
N LEU A 273 19.62 7.43 34.06
CA LEU A 273 19.20 6.14 34.60
C LEU A 273 18.10 5.58 33.71
N ARG A 274 18.29 4.36 33.22
CA ARG A 274 17.36 3.71 32.31
C ARG A 274 16.76 2.48 32.98
N LEU A 275 15.43 2.41 33.00
CA LEU A 275 14.71 1.27 33.54
C LEU A 275 13.63 0.80 32.56
N HIS A 276 13.87 0.98 31.26
CA HIS A 276 12.89 0.62 30.26
C HIS A 276 12.71 -0.90 30.20
N SER A 277 11.47 -1.33 30.04
CA SER A 277 11.11 -2.75 29.92
C SER A 277 11.61 -3.54 31.13
N ASN A 278 11.10 -3.17 32.30
CA ASN A 278 11.45 -3.84 33.54
C ASN A 278 10.23 -4.39 34.28
N SER A 279 9.03 -4.16 33.77
CA SER A 279 7.79 -4.63 34.40
C SER A 279 7.65 -4.14 35.83
N LEU A 280 8.14 -2.93 36.10
CA LEU A 280 8.05 -2.36 37.44
C LEU A 280 6.62 -1.98 37.78
N GLN A 281 6.26 -2.14 39.04
CA GLN A 281 4.93 -1.81 39.54
C GLN A 281 4.91 -0.60 40.46
N HIS A 282 5.94 -0.45 41.31
CA HIS A 282 6.03 0.67 42.23
C HIS A 282 7.45 1.24 42.20
N VAL A 283 7.55 2.55 42.35
CA VAL A 283 8.82 3.26 42.37
C VAL A 283 8.95 3.95 43.72
N PRO A 284 9.63 3.33 44.67
CA PRO A 284 9.80 3.94 45.99
C PRO A 284 10.62 5.21 45.91
N PRO A 285 10.30 6.23 46.71
CA PRO A 285 11.09 7.46 46.71
C PRO A 285 12.51 7.28 47.23
N ARG A 286 12.79 6.18 47.94
CA ARG A 286 14.13 5.95 48.48
C ARG A 286 15.17 5.76 47.38
N TRP A 287 14.75 5.34 46.19
CA TRP A 287 15.70 5.12 45.10
C TRP A 287 16.39 6.42 44.69
N PHE A 288 15.63 7.52 44.63
CA PHE A 288 16.15 8.81 44.20
C PHE A 288 16.49 9.73 45.37
N LYS A 289 16.70 9.17 46.56
CA LYS A 289 17.03 10.00 47.71
C LYS A 289 18.43 10.58 47.60
N ASN A 290 19.40 9.77 47.17
CA ASN A 290 20.79 10.21 47.12
C ASN A 290 21.17 10.82 45.78
N ILE A 291 20.57 10.36 44.68
CA ILE A 291 20.90 10.86 43.35
C ILE A 291 20.06 12.13 43.13
N ASN A 292 20.62 13.26 43.55
CA ASN A 292 19.97 14.55 43.39
C ASN A 292 20.36 15.25 42.10
N ASN A 293 21.30 14.69 41.33
CA ASN A 293 21.75 15.27 40.08
C ASN A 293 21.28 14.50 38.86
N LEU A 294 20.21 13.71 39.02
CA LEU A 294 19.69 12.93 37.90
C LEU A 294 19.10 13.86 36.84
N GLN A 295 19.38 13.55 35.57
CA GLN A 295 18.91 14.35 34.45
C GLN A 295 17.91 13.61 33.57
N GLU A 296 18.27 12.41 33.10
CA GLU A 296 17.40 11.62 32.25
C GLU A 296 16.98 10.35 32.98
N LEU A 297 15.67 10.11 33.03
CA LEU A 297 15.11 8.92 33.67
C LEU A 297 14.20 8.22 32.68
N ASP A 298 14.39 6.91 32.53
CA ASP A 298 13.61 6.09 31.61
C ASP A 298 12.83 5.06 32.40
N LEU A 299 11.51 5.02 32.17
CA LEU A 299 10.64 4.05 32.83
C LEU A 299 9.59 3.50 31.87
N SER A 300 9.94 3.39 30.59
CA SER A 300 9.00 2.94 29.58
C SER A 300 8.82 1.42 29.64
N GLN A 301 7.72 0.98 29.05
CA GLN A 301 7.36 -0.45 28.96
C GLN A 301 7.31 -1.08 30.35
N ASN A 302 6.62 -0.40 31.26
CA ASN A 302 6.46 -0.90 32.62
C ASN A 302 4.98 -0.97 32.99
N PHE A 303 4.68 -1.35 34.24
CA PHE A 303 3.32 -1.41 34.75
C PHE A 303 3.08 -0.32 35.78
N LEU A 304 3.61 0.87 35.53
CA LEU A 304 3.50 2.01 36.44
C LEU A 304 2.28 2.88 36.14
N ALA A 305 1.20 2.30 35.60
CA ALA A 305 -0.01 3.07 35.34
C ALA A 305 -0.60 3.61 36.64
N LYS A 306 -0.64 2.79 37.68
CA LYS A 306 -1.11 3.26 38.98
C LYS A 306 -0.08 4.16 39.65
N GLU A 307 1.21 3.97 39.34
CA GLU A 307 2.24 4.82 39.92
C GLU A 307 2.19 6.23 39.37
N ILE A 308 1.73 6.39 38.13
CA ILE A 308 1.61 7.73 37.54
C ILE A 308 0.61 8.56 38.33
N GLY A 309 -0.49 7.94 38.75
CA GLY A 309 -1.48 8.65 39.54
C GLY A 309 -0.95 9.12 40.88
N ASP A 310 0.04 8.41 41.43
CA ASP A 310 0.65 8.82 42.70
C ASP A 310 1.91 9.66 42.45
N ALA A 311 2.90 9.07 41.78
CA ALA A 311 4.14 9.76 41.41
C ALA A 311 4.82 10.39 42.63
N LYS A 312 4.88 9.64 43.72
CA LYS A 312 5.51 10.16 44.93
C LYS A 312 7.01 10.33 44.78
N PHE A 313 7.63 9.54 43.89
CA PHE A 313 9.07 9.62 43.69
C PHE A 313 9.50 10.87 42.92
N LEU A 314 8.56 11.60 42.31
CA LEU A 314 8.92 12.78 41.53
C LEU A 314 9.34 13.95 42.41
N HIS A 315 9.06 13.89 43.72
CA HIS A 315 9.45 14.96 44.62
C HIS A 315 10.95 15.01 44.89
N PHE A 316 11.68 13.95 44.56
CA PHE A 316 13.12 13.88 44.81
C PHE A 316 13.94 14.07 43.54
N LEU A 317 13.34 14.61 42.49
CA LEU A 317 14.02 14.86 41.21
C LEU A 317 13.80 16.30 40.79
N PRO A 318 14.49 17.25 41.43
CA PRO A 318 14.33 18.65 41.04
C PRO A 318 15.14 19.04 39.81
N ASN A 319 16.19 18.31 39.48
CA ASN A 319 17.04 18.62 38.33
C ASN A 319 16.80 17.68 37.16
N LEU A 320 15.68 16.96 37.14
CA LEU A 320 15.39 16.05 36.04
C LEU A 320 15.13 16.83 34.76
N ILE A 321 15.73 16.36 33.67
CA ILE A 321 15.60 16.99 32.36
C ILE A 321 14.65 16.22 31.46
N GLN A 322 14.87 14.91 31.31
CA GLN A 322 14.06 14.06 30.46
C GLN A 322 13.40 12.97 31.31
N LEU A 323 12.09 12.81 31.14
CA LEU A 323 11.33 11.78 31.84
C LEU A 323 10.57 10.96 30.82
N ASP A 324 10.74 9.64 30.87
CA ASP A 324 10.11 8.72 29.92
C ASP A 324 9.19 7.78 30.66
N LEU A 325 7.92 7.76 30.29
CA LEU A 325 6.92 6.86 30.84
C LEU A 325 6.05 6.29 29.73
N SER A 326 6.68 5.90 28.62
CA SER A 326 5.94 5.49 27.44
C SER A 326 5.50 4.04 27.54
N PHE A 327 4.26 3.78 27.09
CA PHE A 327 3.72 2.43 26.97
C PHE A 327 3.65 1.73 28.33
N ASN A 328 2.88 2.32 29.23
CA ASN A 328 2.61 1.77 30.55
C ASN A 328 1.15 1.38 30.71
N PHE A 329 0.48 1.06 29.61
CA PHE A 329 -0.94 0.72 29.66
C PHE A 329 -1.16 -0.63 30.32
N GLU A 330 -2.29 -0.76 31.01
CA GLU A 330 -2.66 -2.00 31.65
C GLU A 330 -3.34 -2.94 30.65
N LEU A 331 -3.29 -4.23 30.94
CA LEU A 331 -3.88 -5.22 30.06
C LEU A 331 -5.39 -5.23 30.21
N GLN A 332 -6.10 -5.18 29.08
CA GLN A 332 -7.56 -5.22 29.05
C GLN A 332 -8.18 -4.08 29.86
N VAL A 333 -7.53 -2.91 29.86
CA VAL A 333 -8.00 -1.75 30.60
C VAL A 333 -8.02 -0.56 29.67
N TYR A 334 -9.16 0.11 29.58
CA TYR A 334 -9.34 1.32 28.77
C TYR A 334 -9.73 2.45 29.72
N ARG A 335 -8.75 3.28 30.09
CA ARG A 335 -9.00 4.35 31.03
C ARG A 335 -9.92 5.40 30.42
N ALA A 336 -10.77 6.00 31.27
CA ALA A 336 -11.67 7.04 30.80
C ALA A 336 -10.92 8.33 30.53
N SER A 337 -9.91 8.64 31.34
CA SER A 337 -9.14 9.86 31.17
C SER A 337 -7.76 9.67 31.78
N MET A 338 -6.84 10.54 31.40
CA MET A 338 -5.48 10.47 31.92
C MET A 338 -5.44 10.92 33.37
N ASN A 339 -4.77 10.15 34.21
CA ASN A 339 -4.64 10.43 35.64
C ASN A 339 -3.23 10.92 35.90
N LEU A 340 -3.06 12.24 35.93
CA LEU A 340 -1.76 12.86 36.18
C LEU A 340 -1.69 13.35 37.63
N SER A 341 -0.64 12.94 38.33
CA SER A 341 -0.49 13.31 39.73
C SER A 341 -0.09 14.77 39.85
N GLN A 342 -0.41 15.37 41.00
CA GLN A 342 -0.05 16.75 41.28
C GLN A 342 1.43 16.92 41.57
N ALA A 343 2.17 15.83 41.78
CA ALA A 343 3.60 15.91 42.05
C ALA A 343 4.42 16.26 40.82
N PHE A 344 3.81 16.26 39.63
CA PHE A 344 4.55 16.61 38.41
C PHE A 344 4.99 18.06 38.39
N SER A 345 4.41 18.92 39.24
CA SER A 345 4.82 20.31 39.28
C SER A 345 6.20 20.49 39.90
N SER A 346 6.70 19.48 40.61
CA SER A 346 8.04 19.57 41.21
C SER A 346 9.16 19.44 40.19
N LEU A 347 8.85 19.04 38.96
CA LEU A 347 9.85 18.90 37.90
C LEU A 347 10.09 20.27 37.27
N LYS A 348 10.81 21.12 38.01
CA LYS A 348 11.06 22.48 37.56
C LYS A 348 11.92 22.50 36.30
N SER A 349 12.95 21.64 36.25
CA SER A 349 13.88 21.62 35.14
C SER A 349 13.48 20.66 34.02
N LEU A 350 12.27 20.09 34.10
CA LEU A 350 11.82 19.15 33.07
C LEU A 350 11.66 19.87 31.73
N LYS A 351 12.15 19.23 30.68
CA LYS A 351 12.09 19.79 29.32
C LYS A 351 11.31 18.91 28.38
N ILE A 352 11.57 17.60 28.35
CA ILE A 352 10.90 16.66 27.47
C ILE A 352 10.15 15.66 28.32
N LEU A 353 8.86 15.49 28.05
CA LEU A 353 8.00 14.56 28.78
C LEU A 353 7.23 13.71 27.79
N ARG A 354 7.24 12.40 27.99
CA ARG A 354 6.58 11.45 27.10
C ARG A 354 5.60 10.60 27.90
N ILE A 355 4.32 10.66 27.53
CA ILE A 355 3.28 9.88 28.18
C ILE A 355 2.62 8.98 27.14
N ARG A 356 3.39 8.53 26.16
CA ARG A 356 2.86 7.66 25.11
C ARG A 356 2.45 6.32 25.70
N GLY A 357 1.58 5.61 24.97
CA GLY A 357 1.12 4.32 25.43
C GLY A 357 0.30 4.34 26.69
N TYR A 358 -0.26 5.50 27.04
CA TYR A 358 -1.13 5.66 28.21
C TYR A 358 -2.59 5.73 27.79
N VAL A 359 -2.99 4.87 26.86
CA VAL A 359 -4.27 4.91 26.15
C VAL A 359 -5.43 5.25 27.08
N PHE A 360 -6.19 6.28 26.71
CA PHE A 360 -7.35 6.71 27.47
C PHE A 360 -8.34 7.34 26.51
N LYS A 361 -9.58 7.55 27.00
CA LYS A 361 -10.66 7.98 26.13
C LYS A 361 -10.63 9.49 25.88
N GLU A 362 -10.79 10.28 26.93
CA GLU A 362 -10.98 11.72 26.80
C GLU A 362 -9.88 12.47 27.53
N LEU A 363 -9.36 13.52 26.88
CA LEU A 363 -8.36 14.40 27.47
C LEU A 363 -9.00 15.74 27.78
N LYS A 364 -8.84 16.20 29.01
CA LYS A 364 -9.43 17.45 29.47
C LYS A 364 -8.34 18.44 29.85
N SER A 365 -8.73 19.71 29.95
CA SER A 365 -7.77 20.77 30.28
C SER A 365 -7.27 20.65 31.71
N PHE A 366 -8.16 20.27 32.65
CA PHE A 366 -7.77 20.18 34.05
C PHE A 366 -6.80 19.03 34.31
N GLN A 367 -6.72 18.06 33.41
CA GLN A 367 -5.79 16.95 33.59
C GLN A 367 -4.35 17.36 33.35
N LEU A 368 -4.12 18.49 32.68
CA LEU A 368 -2.78 19.00 32.42
C LEU A 368 -2.39 20.13 33.36
N SER A 369 -3.13 20.32 34.46
CA SER A 369 -2.81 21.38 35.40
C SER A 369 -1.43 21.26 36.03
N PRO A 370 -0.94 20.07 36.43
CA PRO A 370 0.42 20.04 37.02
C PRO A 370 1.50 20.49 36.06
N LEU A 371 1.29 20.36 34.76
CA LEU A 371 2.27 20.78 33.76
C LEU A 371 2.15 22.25 33.39
N HIS A 372 1.18 22.97 33.96
CA HIS A 372 1.00 24.37 33.62
C HIS A 372 2.12 25.25 34.19
N ASN A 373 2.69 24.85 35.33
CA ASN A 373 3.72 25.64 35.99
C ASN A 373 5.13 25.27 35.54
N LEU A 374 5.28 24.36 34.58
CA LEU A 374 6.59 23.96 34.08
C LEU A 374 7.08 25.00 33.10
N GLN A 375 7.95 25.90 33.57
CA GLN A 375 8.45 26.96 32.70
C GLN A 375 9.45 26.43 31.68
N ASN A 376 10.23 25.42 32.05
CA ASN A 376 11.26 24.87 31.19
C ASN A 376 10.75 23.75 30.28
N LEU A 377 9.46 23.42 30.35
CA LEU A 377 8.92 22.37 29.50
C LEU A 377 8.86 22.84 28.06
N GLU A 378 9.41 22.04 27.14
CA GLU A 378 9.46 22.38 25.73
C GLU A 378 8.72 21.37 24.86
N VAL A 379 8.96 20.07 25.07
CA VAL A 379 8.36 19.01 24.27
C VAL A 379 7.44 18.19 25.16
N LEU A 380 6.19 18.03 24.74
CA LEU A 380 5.20 17.22 25.45
C LEU A 380 4.69 16.16 24.48
N ASP A 381 5.01 14.89 24.77
CA ASP A 381 4.64 13.78 23.91
C ASP A 381 3.39 13.10 24.47
N LEU A 382 2.35 13.01 23.63
CA LEU A 382 1.11 12.36 24.03
C LEU A 382 0.56 11.47 22.92
N GLY A 383 1.40 11.04 21.98
CA GLY A 383 0.94 10.23 20.87
C GLY A 383 0.72 8.78 21.25
N THR A 384 0.04 8.07 20.35
CA THR A 384 -0.30 6.66 20.52
C THR A 384 -1.05 6.44 21.83
N ASN A 385 -2.17 7.14 21.95
CA ASN A 385 -3.01 7.05 23.14
C ASN A 385 -4.49 6.85 22.82
N PHE A 386 -4.87 6.85 21.54
CA PHE A 386 -6.25 6.62 21.14
C PHE A 386 -7.20 7.60 21.82
N ILE A 387 -6.77 8.86 21.93
CA ILE A 387 -7.60 9.89 22.55
C ILE A 387 -8.77 10.20 21.64
N LYS A 388 -9.98 10.13 22.19
CA LYS A 388 -11.20 10.36 21.40
C LYS A 388 -11.61 11.83 21.42
N ILE A 389 -11.83 12.37 22.62
CA ILE A 389 -12.26 13.76 22.80
C ILE A 389 -11.08 14.55 23.35
N ALA A 390 -10.73 15.63 22.65
CA ALA A 390 -9.62 16.48 23.07
C ALA A 390 -9.87 17.87 22.52
N ASN A 391 -10.13 18.82 23.42
CA ASN A 391 -10.39 20.20 23.03
C ASN A 391 -9.06 20.87 22.68
N LEU A 392 -8.92 21.33 21.44
CA LEU A 392 -7.68 21.96 21.00
C LEU A 392 -7.45 23.31 21.65
N SER A 393 -8.50 23.94 22.20
CA SER A 393 -8.35 25.24 22.83
C SER A 393 -7.65 25.14 24.19
N MET A 394 -7.50 23.95 24.74
CA MET A 394 -6.82 23.79 26.03
C MET A 394 -5.32 23.99 25.94
N PHE A 395 -4.75 24.03 24.73
CA PHE A 395 -3.32 24.21 24.54
C PHE A 395 -2.92 25.67 24.48
N LYS A 396 -3.85 26.60 24.67
CA LYS A 396 -3.51 28.02 24.62
C LYS A 396 -2.60 28.42 25.78
N GLN A 397 -2.65 27.69 26.89
CA GLN A 397 -1.78 27.98 28.02
C GLN A 397 -0.34 27.50 27.79
N PHE A 398 -0.13 26.57 26.86
CA PHE A 398 1.21 26.05 26.58
C PHE A 398 1.88 26.83 25.45
N LYS A 399 1.96 28.14 25.60
CA LYS A 399 2.61 28.97 24.59
C LYS A 399 4.11 28.75 24.58
N ARG A 400 4.71 28.52 25.76
CA ARG A 400 6.15 28.29 25.85
C ARG A 400 6.56 26.92 25.32
N LEU A 401 5.61 26.01 25.11
CA LEU A 401 5.95 24.69 24.61
C LEU A 401 6.42 24.78 23.16
N LYS A 402 7.44 23.97 22.83
CA LYS A 402 8.01 23.97 21.49
C LYS A 402 7.34 22.94 20.58
N VAL A 403 7.24 21.70 21.03
CA VAL A 403 6.66 20.61 20.25
C VAL A 403 5.54 19.97 21.07
N ILE A 404 4.36 19.86 20.47
CA ILE A 404 3.21 19.21 21.08
C ILE A 404 2.82 18.03 20.19
N ASP A 405 2.69 16.85 20.79
CA ASP A 405 2.43 15.62 20.06
C ASP A 405 0.94 15.32 20.05
N LEU A 406 0.36 15.24 18.85
CA LEU A 406 -1.04 14.89 18.62
C LEU A 406 -1.10 13.80 17.56
N SER A 407 -0.38 12.70 17.81
CA SER A 407 -0.04 11.68 16.82
C SER A 407 -1.22 10.78 16.47
N VAL A 408 -0.91 9.57 16.00
CA VAL A 408 -1.83 8.67 15.31
C VAL A 408 -3.11 8.38 16.10
N ASN A 409 -3.18 8.86 17.35
CA ASN A 409 -4.40 8.73 18.15
C ASN A 409 -5.61 9.28 17.39
N LYS A 410 -6.81 8.91 17.83
CA LYS A 410 -8.04 9.11 17.07
C LYS A 410 -8.77 10.39 17.47
N ILE A 411 -8.04 11.47 17.76
CA ILE A 411 -8.67 12.73 18.09
C ILE A 411 -9.48 13.23 16.89
N SER A 412 -10.73 13.57 17.13
CA SER A 412 -11.67 13.98 16.11
C SER A 412 -12.16 15.39 16.41
N PRO A 413 -12.63 16.11 15.39
CA PRO A 413 -13.17 17.46 15.64
C PRO A 413 -14.35 17.43 16.59
N SER A 414 -14.46 18.50 17.38
CA SER A 414 -15.53 18.59 18.37
C SER A 414 -16.89 18.69 17.70
N GLY A 415 -17.87 17.98 18.27
CA GLY A 415 -19.21 17.97 17.75
C GLY A 415 -20.08 19.05 18.36
N ASP A 416 -21.36 19.01 18.01
CA ASP A 416 -22.33 19.97 18.52
C ASP A 416 -23.04 19.44 19.76
N SER A 452 24.10 -4.65 13.59
CA SER A 452 24.90 -3.55 14.11
C SER A 452 26.32 -3.60 13.55
N CYS A 453 26.45 -4.07 12.31
CA CYS A 453 27.75 -4.14 11.67
C CYS A 453 28.32 -2.76 11.41
N ARG A 454 27.47 -1.82 10.99
CA ARG A 454 27.90 -0.46 10.72
C ARG A 454 27.95 0.33 12.03
N PHE A 455 28.11 1.65 11.92
CA PHE A 455 28.17 2.58 13.05
C PHE A 455 29.41 2.36 13.90
N LYS A 456 29.87 3.42 14.58
CA LYS A 456 31.05 3.34 15.42
C LYS A 456 30.87 3.93 16.81
N ASN A 457 29.78 4.68 17.05
CA ASN A 457 29.56 5.26 18.37
C ASN A 457 29.12 4.22 19.39
N LYS A 458 28.68 3.05 18.94
CA LYS A 458 28.26 1.96 19.82
C LYS A 458 27.15 2.41 20.77
N GLU A 459 27.48 2.55 22.06
CA GLU A 459 26.50 2.95 23.06
C GLU A 459 26.26 4.45 22.94
N ALA A 460 25.15 4.82 22.31
CA ALA A 460 24.78 6.21 22.13
C ALA A 460 23.31 6.40 22.46
N SER A 461 22.96 7.61 22.89
CA SER A 461 21.58 7.91 23.22
C SER A 461 20.72 7.99 21.96
N PHE A 462 19.42 7.77 22.14
CA PHE A 462 18.49 7.82 21.01
C PHE A 462 18.36 9.25 20.51
N THR A 463 18.47 9.42 19.20
CA THR A 463 18.34 10.73 18.57
C THR A 463 16.90 10.94 18.13
N SER A 464 16.29 12.01 18.64
CA SER A 464 14.90 12.32 18.28
C SER A 464 14.81 12.71 16.81
N VAL A 465 13.69 12.34 16.19
CA VAL A 465 13.46 12.64 14.78
C VAL A 465 13.27 14.15 14.64
N GLN A 466 14.27 14.83 14.08
CA GLN A 466 14.22 16.28 13.90
C GLN A 466 13.47 16.57 12.61
N GLU A 467 12.16 16.79 12.73
CA GLU A 467 11.35 17.11 11.58
C GLU A 467 11.68 18.52 11.06
N SER A 468 11.41 18.73 9.77
CA SER A 468 11.68 20.03 9.16
C SER A 468 10.74 21.12 9.68
N CYS A 469 9.65 20.74 10.34
CA CYS A 469 8.69 21.71 10.86
C CYS A 469 9.00 22.16 12.28
N TYR A 470 9.98 21.55 12.94
CA TYR A 470 10.31 21.92 14.31
C TYR A 470 11.07 23.24 14.39
N LYS A 471 11.91 23.52 13.39
CA LYS A 471 12.74 24.73 13.43
C LYS A 471 11.93 26.01 13.21
N TYR A 472 10.68 25.91 12.80
CA TYR A 472 9.86 27.08 12.54
C TYR A 472 9.18 27.64 13.79
N GLY A 473 9.25 26.93 14.91
CA GLY A 473 8.63 27.41 16.14
C GLY A 473 7.73 26.39 16.80
N GLN A 474 6.57 26.84 17.29
CA GLN A 474 5.62 25.93 17.91
C GLN A 474 5.07 24.95 16.89
N THR A 475 5.01 23.68 17.27
CA THR A 475 4.59 22.61 16.37
C THR A 475 3.45 21.83 17.00
N LEU A 476 2.39 21.63 16.23
CA LEU A 476 1.24 20.82 16.64
C LEU A 476 1.11 19.69 15.62
N ASP A 477 1.82 18.59 15.85
CA ASP A 477 1.85 17.46 14.92
C ASP A 477 0.56 16.66 15.07
N LEU A 478 -0.45 17.04 14.27
CA LEU A 478 -1.75 16.36 14.26
C LEU A 478 -1.84 15.28 13.19
N SER A 479 -0.73 14.64 12.86
CA SER A 479 -0.71 13.69 11.76
C SER A 479 -1.41 12.39 12.13
N LYS A 480 -2.03 11.76 11.13
CA LYS A 480 -2.67 10.45 11.27
C LYS A 480 -3.76 10.45 12.34
N ASN A 481 -4.46 11.57 12.46
CA ASN A 481 -5.55 11.68 13.42
C ASN A 481 -6.88 11.34 12.75
N SER A 482 -7.95 11.34 13.54
CA SER A 482 -9.28 11.01 13.05
C SER A 482 -10.05 12.24 12.58
N ILE A 483 -9.36 13.29 12.17
CA ILE A 483 -10.01 14.50 11.67
C ILE A 483 -10.37 14.31 10.21
N PHE A 484 -11.65 14.52 9.88
CA PHE A 484 -12.13 14.39 8.51
C PHE A 484 -12.62 15.71 7.93
N PHE A 485 -12.74 16.75 8.73
CA PHE A 485 -13.13 18.07 8.23
C PHE A 485 -12.59 19.13 9.19
N ILE A 486 -12.33 20.32 8.65
CA ILE A 486 -11.66 21.40 9.36
C ILE A 486 -12.66 22.51 9.62
N LYS A 487 -12.71 22.98 10.87
CA LYS A 487 -13.54 24.10 11.27
C LYS A 487 -12.66 25.21 11.85
N SER A 488 -13.09 26.46 11.64
CA SER A 488 -12.34 27.59 12.17
C SER A 488 -12.45 27.69 13.69
N SER A 489 -13.57 27.21 14.26
CA SER A 489 -13.75 27.30 15.69
C SER A 489 -12.88 26.29 16.44
N ASP A 490 -12.53 25.18 15.79
CA ASP A 490 -11.71 24.17 16.45
C ASP A 490 -10.30 24.68 16.71
N PHE A 491 -9.73 25.41 15.76
CA PHE A 491 -8.38 25.95 15.89
C PHE A 491 -8.35 27.33 16.57
N GLN A 492 -9.39 27.67 17.32
CA GLN A 492 -9.42 28.95 18.01
C GLN A 492 -8.42 28.99 19.15
N HIS A 493 -8.00 30.20 19.52
CA HIS A 493 -7.02 30.43 20.58
C HIS A 493 -5.71 29.71 20.30
N LEU A 494 -5.33 29.62 19.03
CA LEU A 494 -4.10 28.97 18.60
C LEU A 494 -3.34 29.84 17.61
N SER A 495 -3.33 31.15 17.84
CA SER A 495 -2.64 32.08 16.96
C SER A 495 -1.13 32.00 17.08
N PHE A 496 -0.61 31.35 18.12
CA PHE A 496 0.83 31.23 18.31
C PHE A 496 1.42 30.01 17.64
N LEU A 497 0.61 29.23 16.93
CA LEU A 497 1.07 28.00 16.28
C LEU A 497 1.84 28.37 15.01
N LYS A 498 3.13 28.09 14.99
CA LYS A 498 3.98 28.33 13.83
C LYS A 498 4.10 27.11 12.93
N CYS A 499 3.55 25.98 13.33
CA CYS A 499 3.61 24.76 12.53
C CYS A 499 2.35 23.94 12.75
N LEU A 500 1.99 23.14 11.75
CA LEU A 500 0.81 22.29 11.83
C LEU A 500 0.96 21.15 10.85
N ASN A 501 1.00 19.92 11.34
CA ASN A 501 1.14 18.73 10.53
C ASN A 501 -0.20 18.00 10.50
N LEU A 502 -0.64 17.62 9.30
CA LEU A 502 -1.90 16.90 9.12
C LEU A 502 -1.73 15.75 8.13
N SER A 503 -0.60 15.06 8.18
CA SER A 503 -0.34 13.97 7.26
C SER A 503 -1.09 12.71 7.68
N GLY A 504 -1.76 12.08 6.72
CA GLY A 504 -2.49 10.86 6.97
C GLY A 504 -3.86 11.03 7.58
N ASN A 505 -4.33 12.27 7.73
CA ASN A 505 -5.66 12.49 8.30
C ASN A 505 -6.78 12.13 7.34
N LEU A 506 -6.50 12.09 6.04
CA LEU A 506 -7.48 11.75 5.01
C LEU A 506 -8.70 12.68 5.09
N ILE A 507 -8.43 13.97 4.98
CA ILE A 507 -9.47 14.99 5.05
C ILE A 507 -9.99 15.26 3.64
N SER A 508 -11.30 15.13 3.45
CA SER A 508 -11.95 15.41 2.18
C SER A 508 -12.71 16.72 2.34
N GLN A 509 -12.09 17.82 1.93
CA GLN A 509 -12.66 19.15 2.09
C GLN A 509 -12.30 20.00 0.88
N THR A 510 -13.15 20.98 0.59
CA THR A 510 -12.94 21.95 -0.49
C THR A 510 -12.73 23.31 0.17
N LEU A 511 -11.48 23.62 0.49
CA LEU A 511 -11.18 24.87 1.17
C LEU A 511 -11.39 26.06 0.24
N ASN A 512 -11.97 27.13 0.79
CA ASN A 512 -12.23 28.34 0.02
C ASN A 512 -11.61 29.58 0.66
N GLY A 513 -10.79 29.41 1.68
CA GLY A 513 -10.10 30.53 2.30
C GLY A 513 -10.62 30.97 3.65
N SER A 514 -11.27 30.10 4.40
CA SER A 514 -11.79 30.47 5.72
C SER A 514 -11.61 29.40 6.79
N GLU A 515 -11.03 28.24 6.46
CA GLU A 515 -10.90 27.18 7.46
C GLU A 515 -9.85 27.52 8.50
N PHE A 516 -8.67 27.94 8.07
CA PHE A 516 -7.58 28.27 8.99
C PHE A 516 -7.55 29.76 9.32
N GLN A 517 -8.71 30.30 9.73
CA GLN A 517 -8.78 31.73 10.05
C GLN A 517 -7.94 32.08 11.28
N PRO A 518 -8.03 31.38 12.42
CA PRO A 518 -7.21 31.78 13.57
C PRO A 518 -5.72 31.62 13.37
N LEU A 519 -5.29 30.80 12.40
CA LEU A 519 -3.87 30.56 12.15
C LEU A 519 -3.30 31.73 11.35
N ALA A 520 -3.22 32.89 12.02
CA ALA A 520 -2.68 34.09 11.38
C ALA A 520 -1.15 34.06 11.30
N GLU A 521 -0.50 33.49 12.31
CA GLU A 521 0.96 33.45 12.36
C GLU A 521 1.54 32.12 11.88
N LEU A 522 0.70 31.26 11.29
CA LEU A 522 1.19 29.97 10.80
C LEU A 522 2.10 30.17 9.59
N ARG A 523 3.25 29.51 9.62
CA ARG A 523 4.23 29.60 8.55
C ARG A 523 4.43 28.29 7.79
N TYR A 524 4.19 27.15 8.42
CA TYR A 524 4.35 25.84 7.79
C TYR A 524 3.08 25.05 7.97
N LEU A 525 2.55 24.52 6.87
CA LEU A 525 1.33 23.71 6.90
C LEU A 525 1.56 22.45 6.08
N ASP A 526 1.21 21.30 6.66
CA ASP A 526 1.36 20.01 6.01
C ASP A 526 -0.02 19.39 5.79
N PHE A 527 -0.29 18.99 4.55
CA PHE A 527 -1.57 18.39 4.18
C PHE A 527 -1.34 17.14 3.34
N SER A 528 -0.29 16.39 3.66
CA SER A 528 0.03 15.19 2.92
C SER A 528 -0.95 14.07 3.24
N ASN A 529 -1.06 13.12 2.29
CA ASN A 529 -1.91 11.94 2.44
C ASN A 529 -3.36 12.33 2.75
N ASN A 530 -3.85 13.36 2.07
CA ASN A 530 -5.21 13.86 2.24
C ASN A 530 -5.92 13.87 0.89
N ARG A 531 -7.15 14.40 0.89
CA ARG A 531 -7.97 14.51 -0.30
C ARG A 531 -8.42 15.96 -0.43
N LEU A 532 -7.58 16.77 -1.07
CA LEU A 532 -7.84 18.20 -1.24
C LEU A 532 -8.45 18.46 -2.61
N ASP A 533 -9.59 19.12 -2.63
CA ASP A 533 -10.28 19.49 -3.86
C ASP A 533 -9.97 20.94 -4.18
N LEU A 534 -9.18 21.16 -5.23
CA LEU A 534 -8.77 22.51 -5.62
C LEU A 534 -9.80 23.11 -6.59
N LEU A 535 -11.04 23.21 -6.10
CA LEU A 535 -12.14 23.76 -6.89
C LEU A 535 -12.18 25.29 -6.85
N HIS A 536 -11.43 25.92 -5.96
CA HIS A 536 -11.40 27.36 -5.84
C HIS A 536 -9.96 27.85 -5.76
N SER A 537 -9.73 29.04 -6.30
CA SER A 537 -8.40 29.65 -6.29
C SER A 537 -8.14 30.47 -5.02
N THR A 538 -9.11 30.55 -4.12
CA THR A 538 -8.97 31.30 -2.88
C THR A 538 -8.49 30.43 -1.72
N ALA A 539 -8.03 29.22 -1.99
CA ALA A 539 -7.55 28.35 -0.93
C ALA A 539 -6.26 28.91 -0.31
N PHE A 540 -6.16 28.79 1.01
CA PHE A 540 -4.99 29.27 1.76
C PHE A 540 -4.76 30.76 1.57
N GLU A 541 -5.84 31.52 1.33
CA GLU A 541 -5.70 32.96 1.17
C GLU A 541 -5.51 33.65 2.52
N GLU A 542 -6.18 33.15 3.56
CA GLU A 542 -6.08 33.75 4.89
C GLU A 542 -4.73 33.50 5.54
N LEU A 543 -3.94 32.55 5.03
CA LEU A 543 -2.62 32.27 5.58
C LEU A 543 -1.64 33.32 5.05
N ARG A 544 -1.67 34.49 5.68
CA ARG A 544 -0.85 35.61 5.23
C ARG A 544 0.63 35.36 5.50
N LYS A 545 0.94 34.68 6.59
CA LYS A 545 2.33 34.45 7.00
C LYS A 545 2.82 33.05 6.62
N LEU A 546 2.08 32.31 5.81
CA LEU A 546 2.51 30.99 5.40
C LEU A 546 3.72 31.07 4.48
N GLU A 547 4.68 30.17 4.71
CA GLU A 547 5.90 30.13 3.92
C GLU A 547 6.06 28.84 3.13
N VAL A 548 5.82 27.69 3.77
CA VAL A 548 5.94 26.39 3.13
C VAL A 548 4.60 25.68 3.20
N LEU A 549 4.14 25.16 2.06
CA LEU A 549 2.88 24.45 1.96
C LEU A 549 3.12 23.08 1.34
N ASP A 550 2.55 22.05 1.96
CA ASP A 550 2.70 20.67 1.50
C ASP A 550 1.31 20.12 1.21
N ILE A 551 1.03 19.84 -0.07
CA ILE A 551 -0.25 19.27 -0.47
C ILE A 551 0.01 17.97 -1.24
N SER A 552 1.09 17.28 -0.87
CA SER A 552 1.47 16.06 -1.56
C SER A 552 0.52 14.91 -1.23
N SER A 553 0.62 13.84 -2.02
CA SER A 553 -0.18 12.62 -1.81
C SER A 553 -1.67 12.92 -1.81
N ASN A 554 -2.10 13.79 -2.72
CA ASN A 554 -3.51 14.14 -2.89
C ASN A 554 -3.99 13.72 -4.27
N SER A 555 -3.60 12.52 -4.71
CA SER A 555 -3.90 12.05 -6.05
C SER A 555 -5.36 11.70 -6.25
N HIS A 556 -6.15 11.58 -5.17
CA HIS A 556 -7.54 11.14 -5.30
C HIS A 556 -8.35 12.10 -6.16
N TYR A 557 -8.37 13.39 -5.79
CA TYR A 557 -9.14 14.35 -6.56
C TYR A 557 -8.44 14.76 -7.84
N PHE A 558 -7.11 14.72 -7.86
CA PHE A 558 -6.37 15.14 -9.05
C PHE A 558 -6.41 14.09 -10.16
N GLN A 559 -6.72 12.83 -9.82
CA GLN A 559 -6.80 11.80 -10.85
C GLN A 559 -8.04 11.96 -11.72
N SER A 560 -9.12 12.49 -11.16
CA SER A 560 -10.34 12.69 -11.92
C SER A 560 -10.15 13.77 -12.98
N GLU A 561 -10.77 13.57 -14.13
CA GLU A 561 -10.67 14.50 -15.25
C GLU A 561 -12.01 15.19 -15.47
N GLY A 562 -11.95 16.47 -15.84
CA GLY A 562 -13.14 17.26 -16.10
C GLY A 562 -13.51 18.22 -14.99
N ILE A 563 -12.95 18.05 -13.80
CA ILE A 563 -13.23 18.95 -12.68
C ILE A 563 -12.21 20.08 -12.68
N THR A 564 -12.60 21.20 -12.06
CA THR A 564 -11.73 22.36 -12.01
C THR A 564 -10.52 22.09 -11.12
N HIS A 565 -9.36 22.55 -11.57
CA HIS A 565 -8.10 22.42 -10.84
C HIS A 565 -7.40 23.79 -10.86
N MET A 566 -7.70 24.62 -9.87
CA MET A 566 -7.14 25.96 -9.79
C MET A 566 -5.70 25.87 -9.29
N LEU A 567 -4.75 25.90 -10.22
CA LEU A 567 -3.34 25.84 -9.87
C LEU A 567 -2.73 27.20 -9.59
N ASN A 568 -3.49 28.28 -9.78
CA ASN A 568 -3.01 29.64 -9.53
C ASN A 568 -3.35 30.13 -8.13
N PHE A 569 -3.56 29.21 -7.18
CA PHE A 569 -3.89 29.59 -5.81
C PHE A 569 -2.69 30.17 -5.06
N THR A 570 -1.48 30.05 -5.60
CA THR A 570 -0.30 30.57 -4.95
C THR A 570 -0.13 32.08 -5.12
N LYS A 571 -0.97 32.72 -5.94
CA LYS A 571 -0.88 34.16 -6.14
C LYS A 571 -1.22 34.91 -4.85
N ASN A 572 -2.22 34.43 -4.11
CA ASN A 572 -2.61 35.10 -2.87
C ASN A 572 -1.53 34.97 -1.80
N LEU A 573 -0.75 33.90 -1.83
CA LEU A 573 0.32 33.69 -0.86
C LEU A 573 1.47 34.64 -1.19
N LYS A 574 1.57 35.73 -0.42
CA LYS A 574 2.56 36.77 -0.71
C LYS A 574 3.96 36.37 -0.29
N VAL A 575 4.10 35.64 0.82
CA VAL A 575 5.41 35.29 1.36
C VAL A 575 5.69 33.79 1.26
N LEU A 576 5.02 33.10 0.34
CA LEU A 576 5.28 31.68 0.14
C LEU A 576 6.68 31.48 -0.43
N GLN A 577 7.41 30.51 0.12
CA GLN A 577 8.78 30.24 -0.30
C GLN A 577 8.94 28.88 -0.93
N LYS A 578 8.38 27.82 -0.34
CA LYS A 578 8.49 26.48 -0.86
C LYS A 578 7.11 25.86 -0.97
N LEU A 579 6.85 25.17 -2.09
CA LEU A 579 5.59 24.50 -2.33
C LEU A 579 5.87 23.08 -2.77
N MET A 580 5.36 22.11 -2.02
CA MET A 580 5.57 20.69 -2.30
C MET A 580 4.22 20.07 -2.65
N MET A 581 4.03 19.74 -3.92
CA MET A 581 2.80 19.10 -4.40
C MET A 581 3.12 17.86 -5.22
N ASN A 582 4.19 17.15 -4.86
CA ASN A 582 4.61 15.99 -5.61
C ASN A 582 3.70 14.79 -5.30
N ASP A 583 3.81 13.76 -6.14
CA ASP A 583 3.03 12.52 -6.00
C ASP A 583 1.54 12.81 -6.01
N ASN A 584 1.12 13.75 -6.86
CA ASN A 584 -0.29 14.11 -7.00
C ASN A 584 -0.93 13.60 -8.28
N ASP A 585 -0.13 13.18 -9.26
CA ASP A 585 -0.65 12.67 -10.54
C ASP A 585 -1.56 13.68 -11.21
N ILE A 586 -1.14 14.95 -11.23
CA ILE A 586 -1.93 16.01 -11.84
C ILE A 586 -1.86 15.85 -13.36
N SER A 587 -3.02 15.68 -14.00
CA SER A 587 -3.09 15.52 -15.44
C SER A 587 -3.77 16.69 -16.15
N SER A 588 -4.59 17.47 -15.45
CA SER A 588 -5.26 18.61 -16.04
C SER A 588 -5.27 19.77 -15.05
N SER A 589 -5.35 20.98 -15.57
CA SER A 589 -5.35 22.18 -14.74
C SER A 589 -6.21 23.24 -15.42
N THR A 590 -7.21 23.75 -14.70
CA THR A 590 -8.06 24.80 -15.26
C THR A 590 -7.26 26.09 -15.48
N SER A 591 -6.43 26.46 -14.52
CA SER A 591 -5.61 27.67 -14.66
C SER A 591 -4.53 27.45 -15.72
N ARG A 592 -4.39 28.43 -16.61
CA ARG A 592 -3.39 28.31 -17.67
C ARG A 592 -1.98 28.45 -17.11
N THR A 593 -1.76 29.38 -16.19
CA THR A 593 -0.44 29.63 -15.63
C THR A 593 -0.54 29.73 -14.11
N MET A 594 0.58 29.47 -13.45
CA MET A 594 0.70 29.58 -12.00
C MET A 594 1.48 30.84 -11.66
N GLU A 595 0.91 31.68 -10.81
CA GLU A 595 1.49 32.97 -10.46
C GLU A 595 1.95 32.95 -9.01
N SER A 596 3.18 33.40 -8.78
CA SER A 596 3.74 33.51 -7.44
C SER A 596 4.92 34.46 -7.48
N GLU A 597 4.86 35.52 -6.69
CA GLU A 597 5.90 36.55 -6.69
C GLU A 597 7.01 36.28 -5.68
N SER A 598 6.91 35.21 -4.89
CA SER A 598 7.92 34.90 -3.90
C SER A 598 8.32 33.43 -3.85
N LEU A 599 7.67 32.55 -4.61
CA LEU A 599 8.01 31.13 -4.57
C LEU A 599 9.42 30.91 -5.12
N ARG A 600 10.20 30.12 -4.39
CA ARG A 600 11.57 29.80 -4.79
C ARG A 600 11.80 28.33 -5.06
N THR A 601 11.13 27.43 -4.36
CA THR A 601 11.29 26.00 -4.54
C THR A 601 9.92 25.37 -4.82
N LEU A 602 9.86 24.56 -5.88
CA LEU A 602 8.62 23.89 -6.27
C LEU A 602 8.93 22.45 -6.61
N GLU A 603 8.16 21.53 -6.03
CA GLU A 603 8.31 20.10 -6.28
C GLU A 603 7.08 19.60 -7.03
N PHE A 604 7.31 18.97 -8.18
CA PHE A 604 6.23 18.48 -9.03
C PHE A 604 6.56 17.08 -9.53
N ARG A 605 7.08 16.24 -8.65
CA ARG A 605 7.49 14.88 -9.01
C ARG A 605 6.31 13.92 -8.88
N GLY A 606 6.38 12.84 -9.64
CA GLY A 606 5.34 11.82 -9.60
C GLY A 606 3.99 12.30 -10.10
N ASN A 607 3.99 13.14 -11.13
CA ASN A 607 2.77 13.66 -11.72
C ASN A 607 2.69 13.23 -13.18
N HIS A 608 1.69 13.77 -13.89
CA HIS A 608 1.46 13.47 -15.29
C HIS A 608 1.63 14.76 -16.10
N LEU A 609 2.88 15.07 -16.46
CA LEU A 609 3.17 16.24 -17.27
C LEU A 609 3.17 15.96 -18.76
N ASP A 610 3.08 14.68 -19.16
CA ASP A 610 3.04 14.36 -20.58
C ASP A 610 1.73 14.80 -21.21
N VAL A 611 0.61 14.62 -20.51
CA VAL A 611 -0.68 15.06 -21.02
C VAL A 611 -0.75 16.58 -21.05
N LEU A 612 -0.18 17.24 -20.04
CA LEU A 612 -0.18 18.69 -20.02
C LEU A 612 0.66 19.26 -21.17
N TRP A 613 1.79 18.63 -21.47
CA TRP A 613 2.67 19.04 -22.57
C TRP A 613 2.52 18.13 -23.78
N ARG A 614 1.30 17.67 -24.06
CA ARG A 614 1.07 16.81 -25.20
C ARG A 614 1.28 17.57 -26.51
N ASP A 615 1.63 16.83 -27.55
CA ASP A 615 1.83 17.43 -28.87
C ASP A 615 0.55 18.06 -29.37
N GLY A 616 0.68 19.28 -29.90
CA GLY A 616 -0.47 20.03 -30.37
C GLY A 616 -1.21 20.81 -29.30
N ASP A 617 -0.77 20.74 -28.05
CA ASP A 617 -1.41 21.45 -26.93
C ASP A 617 -0.36 22.40 -26.34
N ASN A 618 -0.43 23.67 -26.72
CA ASN A 618 0.49 24.68 -26.23
C ASN A 618 -0.11 25.55 -25.13
N ARG A 619 -1.24 25.14 -24.56
CA ARG A 619 -1.89 25.94 -23.52
C ARG A 619 -1.04 25.98 -22.26
N TYR A 620 -0.44 24.85 -21.88
CA TYR A 620 0.32 24.74 -20.65
C TYR A 620 1.83 24.75 -20.88
N LEU A 621 2.28 25.36 -21.99
CA LEU A 621 3.71 25.43 -22.25
C LEU A 621 4.41 26.35 -21.25
N GLN A 622 3.88 27.54 -21.06
CA GLN A 622 4.46 28.50 -20.11
C GLN A 622 3.79 28.40 -18.73
N LEU A 623 3.77 27.19 -18.17
CA LEU A 623 3.13 26.99 -16.87
C LEU A 623 3.92 27.65 -15.76
N PHE A 624 5.25 27.59 -15.83
CA PHE A 624 6.12 28.15 -14.80
C PHE A 624 6.74 29.47 -15.20
N LYS A 625 6.21 30.12 -16.24
CA LYS A 625 6.79 31.39 -16.70
C LYS A 625 6.56 32.50 -15.68
N ASN A 626 5.36 32.56 -15.09
CA ASN A 626 5.02 33.63 -14.17
C ASN A 626 5.76 33.53 -12.84
N LEU A 627 6.40 32.39 -12.56
CA LEU A 627 7.18 32.22 -11.32
C LEU A 627 8.52 32.90 -11.52
N LEU A 628 8.53 34.22 -11.29
CA LEU A 628 9.74 35.01 -11.52
C LEU A 628 10.85 34.64 -10.55
N LYS A 629 10.50 34.42 -9.28
CA LYS A 629 11.49 34.15 -8.24
C LYS A 629 11.80 32.67 -8.08
N LEU A 630 11.23 31.80 -8.91
CA LEU A 630 11.50 30.38 -8.80
C LEU A 630 12.95 30.08 -9.16
N GLU A 631 13.59 29.23 -8.35
CA GLU A 631 14.98 28.86 -8.56
C GLU A 631 15.23 27.36 -8.61
N GLU A 632 14.36 26.54 -8.03
CA GLU A 632 14.55 25.09 -8.00
C GLU A 632 13.30 24.43 -8.53
N LEU A 633 13.49 23.49 -9.46
CA LEU A 633 12.40 22.72 -10.05
C LEU A 633 12.69 21.24 -9.88
N ASP A 634 11.65 20.47 -9.54
CA ASP A 634 11.78 19.05 -9.26
C ASP A 634 10.74 18.25 -10.05
N ILE A 635 10.64 18.55 -11.35
CA ILE A 635 9.72 17.81 -12.22
C ILE A 635 10.38 16.50 -12.65
N SER A 636 10.09 15.43 -11.91
CA SER A 636 10.70 14.13 -12.17
C SER A 636 9.63 13.05 -12.08
N LYS A 637 9.95 11.89 -12.67
CA LYS A 637 9.05 10.73 -12.68
C LYS A 637 7.68 11.10 -13.27
N ASN A 638 7.70 11.94 -14.31
CA ASN A 638 6.49 12.42 -14.96
C ASN A 638 6.15 11.65 -16.23
N SER A 639 6.87 10.58 -16.52
CA SER A 639 6.65 9.75 -17.72
C SER A 639 6.71 10.60 -18.99
N LEU A 640 7.65 11.53 -19.02
CA LEU A 640 7.84 12.42 -20.18
C LEU A 640 8.70 11.71 -21.20
N SER A 641 8.06 11.17 -22.25
CA SER A 641 8.81 10.50 -23.30
C SER A 641 9.71 11.46 -24.05
N PHE A 642 9.22 12.67 -24.31
CA PHE A 642 10.01 13.68 -25.01
C PHE A 642 9.57 15.06 -24.55
N LEU A 643 10.45 16.04 -24.75
CA LEU A 643 10.17 17.41 -24.35
C LEU A 643 9.78 18.22 -25.59
N PRO A 644 8.54 18.67 -25.71
CA PRO A 644 8.17 19.47 -26.88
C PRO A 644 8.88 20.82 -26.89
N SER A 645 9.10 21.34 -28.10
CA SER A 645 9.78 22.62 -28.25
C SER A 645 8.95 23.74 -27.66
N GLY A 646 9.62 24.69 -27.01
CA GLY A 646 8.97 25.83 -26.40
C GLY A 646 8.84 25.77 -24.89
N VAL A 647 9.07 24.61 -24.28
CA VAL A 647 8.98 24.51 -22.82
C VAL A 647 10.12 25.29 -22.17
N PHE A 648 11.30 25.26 -22.78
CA PHE A 648 12.43 25.98 -22.21
C PHE A 648 12.26 27.48 -22.32
N ASP A 649 11.57 27.95 -23.37
CA ASP A 649 11.27 29.38 -23.48
C ASP A 649 10.33 29.83 -22.37
N GLY A 650 9.40 28.98 -21.97
CA GLY A 650 8.49 29.28 -20.88
C GLY A 650 9.02 29.00 -19.49
N MET A 651 10.27 28.56 -19.39
CA MET A 651 10.87 28.30 -18.09
C MET A 651 11.12 29.62 -17.36
N PRO A 652 11.12 29.61 -16.02
CA PRO A 652 11.40 30.84 -15.27
C PRO A 652 12.78 31.37 -15.57
N PRO A 653 12.93 32.70 -15.65
CA PRO A 653 14.25 33.27 -15.96
C PRO A 653 15.28 33.03 -14.88
N ASN A 654 14.86 32.89 -13.62
CA ASN A 654 15.78 32.70 -12.50
C ASN A 654 15.91 31.22 -12.11
N LEU A 655 15.65 30.30 -13.03
CA LEU A 655 15.77 28.88 -12.73
C LEU A 655 17.23 28.51 -12.53
N LYS A 656 17.52 27.78 -11.45
CA LYS A 656 18.88 27.38 -11.12
C LYS A 656 19.04 25.90 -10.80
N ASN A 657 17.97 25.20 -10.42
CA ASN A 657 18.03 23.79 -10.06
C ASN A 657 16.91 23.06 -10.81
N LEU A 658 17.25 22.45 -11.94
CA LEU A 658 16.30 21.70 -12.75
C LEU A 658 16.64 20.21 -12.68
N SER A 659 15.65 19.39 -12.36
CA SER A 659 15.83 17.95 -12.24
C SER A 659 14.81 17.24 -13.13
N LEU A 660 15.26 16.22 -13.84
CA LEU A 660 14.42 15.41 -14.71
C LEU A 660 14.73 13.93 -14.53
N ALA A 661 14.86 13.50 -13.28
CA ALA A 661 15.26 12.13 -12.99
C ALA A 661 14.10 11.16 -13.23
N LYS A 662 14.44 9.97 -13.73
CA LYS A 662 13.47 8.89 -13.94
C LYS A 662 12.29 9.34 -14.80
N ASN A 663 12.59 10.13 -15.84
CA ASN A 663 11.57 10.64 -16.74
C ASN A 663 11.47 9.86 -18.05
N GLY A 664 12.47 9.06 -18.38
CA GLY A 664 12.45 8.31 -19.62
C GLY A 664 12.50 9.18 -20.87
N LEU A 665 13.37 10.19 -20.88
CA LEU A 665 13.49 11.10 -22.01
C LEU A 665 14.15 10.36 -23.17
N LYS A 666 13.34 10.00 -24.18
CA LYS A 666 13.88 9.30 -25.33
C LYS A 666 14.85 10.17 -26.11
N SER A 667 14.51 11.44 -26.31
CA SER A 667 15.37 12.38 -27.03
C SER A 667 15.25 13.75 -26.38
N PHE A 668 16.35 14.22 -25.80
CA PHE A 668 16.39 15.51 -25.12
C PHE A 668 17.25 16.47 -25.93
N ILE A 669 16.65 17.59 -26.33
CA ILE A 669 17.38 18.58 -27.12
C ILE A 669 18.34 19.34 -26.22
N TRP A 670 19.39 19.90 -26.85
CA TRP A 670 20.42 20.64 -26.13
C TRP A 670 20.60 22.07 -26.61
N GLU A 671 20.19 22.39 -27.84
CA GLU A 671 20.33 23.75 -28.34
C GLU A 671 19.36 24.72 -27.65
N LYS A 672 18.30 24.20 -27.02
CA LYS A 672 17.34 25.05 -26.33
C LYS A 672 17.81 25.47 -24.94
N LEU A 673 18.94 24.95 -24.46
CA LEU A 673 19.46 25.32 -23.16
C LEU A 673 19.99 26.74 -23.11
N ARG A 674 20.14 27.40 -24.26
CA ARG A 674 20.63 28.78 -24.27
C ARG A 674 19.61 29.73 -23.65
N TYR A 675 18.33 29.36 -23.63
CA TYR A 675 17.31 30.21 -23.03
C TYR A 675 17.54 30.36 -21.53
N LEU A 676 17.91 29.28 -20.86
CA LEU A 676 18.17 29.31 -19.42
C LEU A 676 19.57 29.88 -19.19
N LYS A 677 19.63 31.16 -18.82
CA LYS A 677 20.89 31.83 -18.56
C LYS A 677 21.38 31.65 -17.13
N ASN A 678 20.62 30.95 -16.29
CA ASN A 678 21.00 30.74 -14.90
C ASN A 678 21.00 29.27 -14.50
N LEU A 679 20.92 28.36 -15.47
CA LEU A 679 20.93 26.94 -15.15
C LEU A 679 22.31 26.50 -14.67
N GLU A 680 22.36 25.85 -13.52
CA GLU A 680 23.62 25.40 -12.94
C GLU A 680 23.61 23.96 -12.44
N THR A 681 22.45 23.38 -12.17
CA THR A 681 22.35 22.05 -11.58
C THR A 681 21.36 21.19 -12.37
N LEU A 682 21.51 21.18 -13.69
CA LEU A 682 20.66 20.36 -14.54
C LEU A 682 20.93 18.89 -14.27
N ASP A 683 19.85 18.12 -14.07
CA ASP A 683 19.94 16.71 -13.75
C ASP A 683 19.15 15.89 -14.75
N LEU A 684 19.78 14.87 -15.32
CA LEU A 684 19.14 13.97 -16.26
C LEU A 684 19.42 12.51 -15.89
N SER A 685 19.50 12.22 -14.60
CA SER A 685 19.81 10.87 -14.15
C SER A 685 18.64 9.93 -14.39
N HIS A 686 18.96 8.64 -14.53
CA HIS A 686 17.96 7.59 -14.72
C HIS A 686 17.06 7.87 -15.93
N ASN A 687 17.66 8.39 -16.99
CA ASN A 687 16.95 8.73 -18.21
C ASN A 687 17.35 7.79 -19.33
N GLN A 688 16.74 7.99 -20.50
CA GLN A 688 17.00 7.16 -21.67
C GLN A 688 17.62 7.98 -22.80
N LEU A 689 18.45 8.95 -22.46
CA LEU A 689 19.14 9.73 -23.48
C LEU A 689 20.15 8.88 -24.22
N THR A 690 20.42 9.25 -25.48
CA THR A 690 21.34 8.50 -26.32
C THR A 690 22.35 9.36 -27.07
N THR A 691 22.17 10.68 -27.10
CA THR A 691 23.07 11.57 -27.84
C THR A 691 23.51 12.70 -26.93
N VAL A 692 24.83 12.89 -26.83
CA VAL A 692 25.41 13.98 -26.05
C VAL A 692 25.42 15.24 -26.92
N PRO A 693 25.41 16.44 -26.34
CA PRO A 693 25.46 17.65 -27.16
C PRO A 693 26.78 17.77 -27.90
N GLU A 694 26.72 18.40 -29.08
CA GLU A 694 27.92 18.59 -29.88
C GLU A 694 28.94 19.48 -29.15
N ARG A 695 28.47 20.56 -28.55
CA ARG A 695 29.32 21.48 -27.81
C ARG A 695 28.55 21.98 -26.60
N LEU A 696 28.98 21.58 -25.40
CA LEU A 696 28.29 22.01 -24.19
C LEU A 696 28.50 23.50 -23.91
N SER A 697 29.61 24.07 -24.38
CA SER A 697 29.86 25.49 -24.20
C SER A 697 28.83 26.32 -24.95
N ASN A 698 28.48 25.91 -26.18
CA ASN A 698 27.50 26.63 -26.97
C ASN A 698 26.07 26.40 -26.46
N CYS A 699 25.84 25.35 -25.68
CA CYS A 699 24.50 25.07 -25.17
C CYS A 699 24.19 25.93 -23.96
N SER A 700 24.97 25.80 -22.89
CA SER A 700 24.78 26.56 -21.67
C SER A 700 26.10 27.18 -21.24
N ARG A 701 26.04 28.45 -20.83
CA ARG A 701 27.22 29.19 -20.39
C ARG A 701 27.38 29.19 -18.88
N SER A 702 26.50 28.50 -18.14
CA SER A 702 26.60 28.49 -16.69
C SER A 702 26.36 27.11 -16.08
N LEU A 703 26.22 26.07 -16.89
CA LEU A 703 26.00 24.73 -16.36
C LEU A 703 27.28 24.21 -15.72
N LYS A 704 27.17 23.73 -14.48
CA LYS A 704 28.33 23.23 -13.75
C LYS A 704 28.06 21.95 -12.98
N ASN A 705 26.83 21.43 -12.98
CA ASN A 705 26.47 20.23 -12.22
C ASN A 705 25.65 19.29 -13.10
N LEU A 706 26.11 19.05 -14.31
CA LEU A 706 25.41 18.13 -15.22
C LEU A 706 25.58 16.70 -14.75
N ILE A 707 24.45 15.99 -14.61
CA ILE A 707 24.44 14.61 -14.12
C ILE A 707 23.68 13.75 -15.12
N LEU A 708 24.28 12.62 -15.50
CA LEU A 708 23.67 11.66 -16.42
C LEU A 708 23.82 10.24 -15.87
N LYS A 709 23.50 10.08 -14.60
CA LYS A 709 23.61 8.77 -13.96
C LYS A 709 22.56 7.81 -14.48
N ASN A 710 22.95 6.53 -14.57
CA ASN A 710 22.06 5.45 -15.02
C ASN A 710 21.47 5.76 -16.39
N ASN A 711 22.30 6.29 -17.29
CA ASN A 711 21.89 6.60 -18.65
C ASN A 711 22.42 5.53 -19.61
N GLN A 712 22.11 5.69 -20.89
CA GLN A 712 22.54 4.76 -21.94
C GLN A 712 23.23 5.58 -23.02
N ILE A 713 24.53 5.85 -22.83
CA ILE A 713 25.33 6.61 -23.78
C ILE A 713 26.49 5.72 -24.20
N ARG A 714 26.63 5.49 -25.50
CA ARG A 714 27.67 4.61 -26.01
C ARG A 714 28.93 5.36 -26.40
N SER A 715 28.82 6.62 -26.82
CA SER A 715 29.99 7.40 -27.23
C SER A 715 29.71 8.87 -26.98
N LEU A 716 30.79 9.65 -26.94
CA LEU A 716 30.71 11.09 -26.73
C LEU A 716 31.25 11.82 -27.95
N THR A 717 30.82 13.06 -28.13
CA THR A 717 31.26 13.87 -29.24
C THR A 717 32.74 14.26 -29.06
N LYS A 718 33.40 14.55 -30.19
CA LYS A 718 34.80 14.91 -30.17
C LYS A 718 35.06 16.27 -29.54
N TYR A 719 34.02 17.08 -29.33
CA TYR A 719 34.15 18.38 -28.68
C TYR A 719 33.11 18.52 -27.58
N PHE A 720 32.95 17.48 -26.76
CA PHE A 720 31.94 17.50 -25.71
C PHE A 720 32.28 18.53 -24.63
N LEU A 721 33.54 18.63 -24.27
CA LEU A 721 34.00 19.54 -23.22
C LEU A 721 34.98 20.56 -23.76
N GLN A 722 34.68 21.13 -24.92
CA GLN A 722 35.53 22.14 -25.54
C GLN A 722 35.15 23.52 -25.01
N ASP A 723 36.12 24.23 -24.42
CA ASP A 723 35.93 25.56 -23.88
C ASP A 723 34.85 25.59 -22.80
N ALA A 724 34.69 24.49 -22.08
CA ALA A 724 33.72 24.40 -20.99
C ALA A 724 34.40 24.66 -19.64
N PHE A 725 34.91 25.88 -19.49
CA PHE A 725 35.64 26.24 -18.28
C PHE A 725 34.71 26.43 -17.09
N GLN A 726 33.40 26.59 -17.32
CA GLN A 726 32.46 26.80 -16.24
C GLN A 726 31.94 25.52 -15.62
N LEU A 727 32.27 24.36 -16.19
CA LEU A 727 31.82 23.09 -15.64
C LEU A 727 32.56 22.76 -14.36
N ARG A 728 31.83 22.29 -13.36
CA ARG A 728 32.39 21.91 -12.07
C ARG A 728 32.09 20.47 -11.69
N TYR A 729 30.90 19.96 -12.00
CA TYR A 729 30.50 18.61 -11.66
C TYR A 729 30.05 17.88 -12.92
N LEU A 730 30.56 16.68 -13.13
CA LEU A 730 30.20 15.86 -14.28
C LEU A 730 29.99 14.43 -13.83
N ASP A 731 28.89 13.82 -14.28
CA ASP A 731 28.55 12.45 -13.90
C ASP A 731 28.18 11.67 -15.16
N LEU A 732 28.88 10.57 -15.41
CA LEU A 732 28.58 9.70 -16.55
C LEU A 732 28.61 8.24 -16.16
N SER A 733 28.38 7.92 -14.89
CA SER A 733 28.45 6.55 -14.41
C SER A 733 27.22 5.76 -14.85
N SER A 734 27.33 4.43 -14.76
CA SER A 734 26.25 3.51 -15.11
C SER A 734 25.77 3.72 -16.55
N ASN A 735 26.72 3.85 -17.46
CA ASN A 735 26.44 4.05 -18.88
C ASN A 735 27.06 2.91 -19.69
N LYS A 736 26.89 2.99 -21.00
CA LYS A 736 27.44 2.01 -21.94
C LYS A 736 28.57 2.61 -22.79
N ILE A 737 29.33 3.53 -22.21
CA ILE A 737 30.37 4.22 -22.96
C ILE A 737 31.48 3.24 -23.35
N GLN A 738 32.07 3.46 -24.52
CA GLN A 738 33.09 2.58 -25.07
C GLN A 738 34.49 3.15 -24.95
N MET A 739 34.69 4.41 -25.33
CA MET A 739 36.01 5.02 -25.28
C MET A 739 35.87 6.54 -25.21
N ILE A 740 36.95 7.18 -24.76
CA ILE A 740 37.03 8.64 -24.67
C ILE A 740 38.29 9.09 -25.39
N GLN A 741 38.13 10.02 -26.33
CA GLN A 741 39.26 10.54 -27.08
C GLN A 741 39.89 11.73 -26.35
N LYS A 742 41.12 12.05 -26.74
CA LYS A 742 41.84 13.15 -26.09
C LYS A 742 41.19 14.49 -26.41
N THR A 743 40.73 14.68 -27.64
CA THR A 743 40.15 15.96 -28.03
C THR A 743 38.82 16.24 -27.35
N SER A 744 38.19 15.22 -26.74
CA SER A 744 36.92 15.41 -26.07
C SER A 744 37.07 15.71 -24.57
N PHE A 745 38.21 15.37 -23.98
CA PHE A 745 38.46 15.59 -22.55
C PHE A 745 39.78 16.33 -22.40
N PRO A 746 39.78 17.64 -22.62
CA PRO A 746 41.02 18.41 -22.45
C PRO A 746 41.45 18.47 -20.99
N GLU A 747 42.76 18.59 -20.79
CA GLU A 747 43.30 18.64 -19.44
C GLU A 747 42.98 19.96 -18.74
N ASN A 748 42.88 21.05 -19.50
CA ASN A 748 42.58 22.34 -18.89
C ASN A 748 41.22 22.35 -18.22
N VAL A 749 40.21 21.77 -18.88
CA VAL A 749 38.88 21.70 -18.29
C VAL A 749 38.86 20.71 -17.12
N LEU A 750 39.55 19.58 -17.28
CA LEU A 750 39.55 18.56 -16.23
C LEU A 750 40.32 18.99 -15.00
N ASN A 751 41.19 20.01 -15.11
CA ASN A 751 41.96 20.46 -13.96
C ASN A 751 41.05 21.07 -12.90
N ASN A 752 40.03 21.83 -13.32
CA ASN A 752 39.15 22.51 -12.40
C ASN A 752 37.92 21.70 -12.02
N LEU A 753 37.81 20.46 -12.49
CA LEU A 753 36.67 19.62 -12.16
C LEU A 753 36.80 19.12 -10.72
N LYS A 754 35.78 19.37 -9.91
CA LYS A 754 35.84 18.98 -8.51
C LYS A 754 35.64 17.48 -8.34
N MET A 755 34.68 16.90 -9.06
CA MET A 755 34.36 15.49 -8.91
C MET A 755 33.87 14.94 -10.24
N LEU A 756 34.39 13.78 -10.62
CA LEU A 756 34.01 13.11 -11.85
C LEU A 756 33.83 11.62 -11.57
N LEU A 757 32.77 11.05 -12.12
CA LEU A 757 32.42 9.65 -11.89
C LEU A 757 32.35 8.91 -13.21
N LEU A 758 33.10 7.82 -13.33
CA LEU A 758 33.07 6.95 -14.51
C LEU A 758 33.11 5.49 -14.09
N HIS A 759 32.33 5.13 -13.09
CA HIS A 759 32.32 3.79 -12.53
C HIS A 759 31.05 3.05 -12.93
N HIS A 760 31.10 1.72 -12.77
CA HIS A 760 29.97 0.84 -13.04
C HIS A 760 29.48 0.97 -14.48
N ASN A 761 30.42 1.04 -15.42
CA ASN A 761 30.07 1.17 -16.83
C ASN A 761 30.74 0.06 -17.65
N ARG A 762 30.69 0.17 -18.97
CA ARG A 762 31.17 -0.86 -19.88
C ARG A 762 32.38 -0.38 -20.67
N PHE A 763 33.32 0.26 -19.98
CA PHE A 763 34.54 0.74 -20.66
C PHE A 763 35.43 -0.43 -21.02
N LEU A 764 35.85 -0.47 -22.28
CA LEU A 764 36.73 -1.51 -22.79
C LEU A 764 38.18 -1.07 -22.65
N CYS A 765 39.05 -2.01 -22.31
CA CYS A 765 40.47 -1.72 -22.09
C CYS A 765 41.27 -2.35 -23.22
N THR A 766 41.41 -1.61 -24.32
CA THR A 766 42.18 -2.04 -25.47
C THR A 766 43.31 -1.04 -25.74
N CYS A 767 43.98 -1.23 -26.87
CA CYS A 767 45.12 -0.39 -27.23
C CYS A 767 44.71 0.98 -27.75
N ASP A 768 43.42 1.21 -28.00
CA ASP A 768 42.96 2.49 -28.53
C ASP A 768 42.75 3.54 -27.46
N ALA A 769 42.87 3.17 -26.17
CA ALA A 769 42.66 4.08 -25.06
C ALA A 769 43.91 4.22 -24.21
N VAL A 770 45.08 4.24 -24.86
CA VAL A 770 46.33 4.39 -24.14
C VAL A 770 46.41 5.76 -23.48
N TRP A 771 45.87 6.79 -24.14
CA TRP A 771 45.85 8.12 -23.54
C TRP A 771 45.00 8.13 -22.27
N PHE A 772 43.81 7.50 -22.32
CA PHE A 772 42.97 7.43 -21.13
C PHE A 772 43.64 6.62 -20.03
N VAL A 773 44.31 5.52 -20.39
CA VAL A 773 45.00 4.70 -19.38
C VAL A 773 46.10 5.51 -18.71
N TRP A 774 46.85 6.30 -19.48
CA TRP A 774 47.88 7.14 -18.90
C TRP A 774 47.29 8.25 -18.05
N TRP A 775 46.12 8.78 -18.45
CA TRP A 775 45.55 9.92 -17.74
C TRP A 775 44.94 9.50 -16.41
N VAL A 776 44.28 8.34 -16.37
CA VAL A 776 43.58 7.94 -15.15
C VAL A 776 44.56 7.66 -14.01
N GLN A 777 45.78 7.24 -14.33
CA GLN A 777 46.79 6.92 -13.34
C GLN A 777 47.79 8.06 -13.13
N HIS A 778 47.55 9.22 -13.72
CA HIS A 778 48.47 10.34 -13.58
C HIS A 778 47.75 11.68 -13.38
N THR A 779 46.48 11.66 -12.98
CA THR A 779 45.71 12.87 -12.76
C THR A 779 45.29 12.97 -11.30
N GLU A 780 44.91 14.19 -10.91
CA GLU A 780 44.47 14.47 -9.55
C GLU A 780 42.95 14.60 -9.43
N VAL A 781 42.21 14.22 -10.48
CA VAL A 781 40.76 14.32 -10.45
C VAL A 781 40.21 13.27 -9.52
N THR A 782 39.35 13.68 -8.59
CA THR A 782 38.76 12.77 -7.61
C THR A 782 37.73 11.89 -8.31
N ILE A 783 38.11 10.63 -8.54
CA ILE A 783 37.25 9.65 -9.19
C ILE A 783 36.96 8.54 -8.19
N PRO A 784 35.79 8.54 -7.56
CA PRO A 784 35.47 7.49 -6.60
C PRO A 784 35.29 6.14 -7.28
N TYR A 785 35.60 5.08 -6.53
CA TYR A 785 35.50 3.70 -7.00
C TYR A 785 36.31 3.50 -8.29
N LEU A 786 37.51 4.09 -8.33
CA LEU A 786 38.34 3.99 -9.52
C LEU A 786 38.91 2.58 -9.70
N ALA A 787 39.10 1.85 -8.61
CA ALA A 787 39.64 0.49 -8.67
C ALA A 787 38.72 -0.53 -8.00
N THR A 788 37.44 -0.20 -7.86
CA THR A 788 36.50 -1.10 -7.22
C THR A 788 35.26 -1.39 -8.05
N ASP A 789 34.75 -0.39 -8.78
CA ASP A 789 33.54 -0.54 -9.57
C ASP A 789 33.79 -0.58 -11.06
N VAL A 790 34.56 0.36 -11.59
CA VAL A 790 34.82 0.41 -13.03
C VAL A 790 35.82 -0.67 -13.40
N THR A 791 35.45 -1.53 -14.35
CA THR A 791 36.33 -2.59 -14.82
C THR A 791 36.51 -2.51 -16.33
N CYS A 792 37.14 -3.52 -16.92
CA CYS A 792 37.36 -3.59 -18.36
C CYS A 792 36.55 -4.74 -18.93
N VAL A 793 35.78 -4.46 -19.98
CA VAL A 793 34.96 -5.48 -20.61
C VAL A 793 35.84 -6.56 -21.25
N GLY A 794 36.89 -6.14 -21.94
CA GLY A 794 37.80 -7.06 -22.59
C GLY A 794 39.10 -6.41 -22.98
N PRO A 795 39.78 -6.97 -23.99
CA PRO A 795 39.40 -8.16 -24.76
C PRO A 795 40.00 -9.45 -24.21
N GLY A 796 39.17 -10.48 -24.03
CA GLY A 796 39.66 -11.77 -23.57
C GLY A 796 39.99 -11.83 -22.09
N ALA A 797 41.28 -11.94 -21.77
CA ALA A 797 41.71 -12.09 -20.38
C ALA A 797 41.62 -10.79 -19.59
N HIS A 798 41.33 -9.66 -20.25
CA HIS A 798 41.25 -8.37 -19.58
C HIS A 798 39.91 -8.14 -18.89
N LYS A 799 39.11 -9.20 -18.69
CA LYS A 799 37.83 -9.04 -18.02
C LYS A 799 38.03 -8.78 -16.54
N GLY A 800 37.36 -7.75 -16.02
CA GLY A 800 37.47 -7.40 -14.62
C GLY A 800 38.74 -6.70 -14.22
N GLN A 801 39.58 -6.33 -15.18
CA GLN A 801 40.84 -5.66 -14.86
C GLN A 801 40.59 -4.23 -14.41
N SER A 802 41.47 -3.74 -13.53
CA SER A 802 41.37 -2.38 -13.03
C SER A 802 42.01 -1.41 -14.02
N VAL A 803 41.32 -0.30 -14.30
CA VAL A 803 41.84 0.68 -15.24
C VAL A 803 43.07 1.36 -14.67
N ILE A 804 43.03 1.71 -13.38
CA ILE A 804 44.16 2.38 -12.75
C ILE A 804 45.34 1.43 -12.54
N SER A 805 45.11 0.12 -12.61
CA SER A 805 46.16 -0.88 -12.43
C SER A 805 46.57 -1.52 -13.74
N LEU A 806 46.48 -0.80 -14.85
CA LEU A 806 46.83 -1.30 -16.17
C LEU A 806 48.10 -0.62 -16.65
N ASP A 807 49.05 -1.42 -17.16
CA ASP A 807 50.31 -0.89 -17.67
C ASP A 807 50.67 -1.55 -18.99
N PRO B 9 -20.21 -25.25 -38.31
CA PRO B 9 -19.37 -24.21 -38.91
C PRO B 9 -18.15 -24.76 -39.63
N LYS B 10 -17.53 -23.95 -40.48
CA LYS B 10 -16.35 -24.36 -41.24
C LYS B 10 -15.10 -23.59 -40.81
N THR B 11 -15.15 -22.26 -40.85
CA THR B 11 -14.01 -21.44 -40.46
C THR B 11 -14.44 -20.24 -39.61
N LEU B 12 -15.56 -20.38 -38.91
CA LEU B 12 -16.07 -19.27 -38.09
C LEU B 12 -15.22 -19.12 -36.82
N PRO B 13 -14.63 -17.96 -36.57
CA PRO B 13 -13.85 -17.77 -35.35
C PRO B 13 -14.67 -17.41 -34.12
N CYS B 14 -15.98 -17.58 -34.16
CA CYS B 14 -16.86 -17.24 -33.05
C CYS B 14 -17.50 -18.50 -32.48
N ASP B 15 -17.71 -18.51 -31.16
CA ASP B 15 -18.34 -19.64 -30.50
C ASP B 15 -19.82 -19.71 -30.91
N VAL B 16 -20.31 -20.95 -31.07
CA VAL B 16 -21.67 -21.21 -31.48
C VAL B 16 -22.37 -22.00 -30.38
N THR B 17 -23.52 -21.50 -29.94
CA THR B 17 -24.32 -22.15 -28.91
C THR B 17 -25.67 -22.53 -29.52
N LEU B 18 -26.06 -23.79 -29.33
CA LEU B 18 -27.29 -24.32 -29.90
C LEU B 18 -28.26 -24.66 -28.77
N ASP B 19 -29.51 -24.20 -28.90
CA ASP B 19 -30.56 -24.49 -27.94
C ASP B 19 -31.75 -25.06 -28.72
N VAL B 20 -31.89 -26.38 -28.68
CA VAL B 20 -32.95 -27.04 -29.43
C VAL B 20 -34.31 -26.71 -28.83
N SER B 21 -34.39 -26.64 -27.50
CA SER B 21 -35.66 -26.34 -26.85
C SER B 21 -36.13 -24.93 -27.16
N LYS B 22 -35.20 -23.96 -27.13
CA LYS B 22 -35.54 -22.57 -27.39
C LYS B 22 -35.46 -22.20 -28.87
N ASN B 23 -34.93 -23.09 -29.71
CA ASN B 23 -34.78 -22.82 -31.14
C ASN B 23 -33.99 -21.54 -31.39
N HIS B 24 -32.94 -21.35 -30.60
CA HIS B 24 -32.09 -20.15 -30.68
C HIS B 24 -30.65 -20.56 -30.87
N VAL B 25 -29.97 -19.91 -31.81
CA VAL B 25 -28.56 -20.13 -32.07
C VAL B 25 -27.81 -18.84 -31.75
N ILE B 26 -26.81 -18.94 -30.88
CA ILE B 26 -26.07 -17.78 -30.38
C ILE B 26 -24.66 -17.82 -30.96
N VAL B 27 -24.25 -16.71 -31.58
CA VAL B 27 -22.91 -16.54 -32.11
C VAL B 27 -22.27 -15.36 -31.38
N ASP B 28 -21.14 -15.61 -30.73
CA ASP B 28 -20.45 -14.61 -29.92
C ASP B 28 -19.09 -14.31 -30.52
N CYS B 29 -18.94 -13.10 -31.07
CA CYS B 29 -17.68 -12.63 -31.63
C CYS B 29 -17.09 -11.48 -30.83
N THR B 30 -17.17 -11.59 -29.49
CA THR B 30 -16.68 -10.52 -28.63
C THR B 30 -15.15 -10.51 -28.60
N ASP B 31 -14.56 -9.33 -28.80
CA ASP B 31 -13.12 -9.13 -28.75
C ASP B 31 -12.40 -10.05 -29.74
N LYS B 32 -12.70 -9.84 -31.02
CA LYS B 32 -12.09 -10.61 -32.09
C LYS B 32 -11.29 -9.78 -33.08
N HIS B 33 -11.39 -8.45 -33.03
CA HIS B 33 -10.64 -7.55 -33.91
C HIS B 33 -10.92 -7.87 -35.38
N LEU B 34 -12.19 -8.05 -35.73
CA LEU B 34 -12.59 -8.36 -37.09
C LEU B 34 -12.83 -7.06 -37.85
N THR B 35 -12.03 -6.82 -38.89
CA THR B 35 -12.22 -5.63 -39.72
C THR B 35 -13.55 -5.69 -40.47
N GLU B 36 -13.91 -6.87 -40.98
CA GLU B 36 -15.15 -7.07 -41.71
C GLU B 36 -15.84 -8.33 -41.18
N ILE B 37 -17.13 -8.43 -41.45
CA ILE B 37 -17.93 -9.58 -41.03
C ILE B 37 -17.44 -10.82 -41.75
N PRO B 38 -17.06 -11.87 -41.04
CA PRO B 38 -16.57 -13.08 -41.71
C PRO B 38 -17.68 -13.80 -42.47
N GLY B 39 -17.30 -14.48 -43.54
CA GLY B 39 -18.24 -15.23 -44.34
C GLY B 39 -18.57 -16.58 -43.74
N GLY B 40 -19.51 -17.26 -44.39
CA GLY B 40 -19.93 -18.58 -43.93
C GLY B 40 -20.84 -18.58 -42.73
N ILE B 41 -21.45 -17.44 -42.41
CA ILE B 41 -22.37 -17.38 -41.27
C ILE B 41 -23.63 -18.16 -41.58
N PRO B 42 -24.05 -19.11 -40.74
CA PRO B 42 -25.28 -19.85 -41.03
C PRO B 42 -26.50 -18.96 -40.99
N THR B 43 -27.49 -19.32 -41.81
CA THR B 43 -28.73 -18.56 -41.90
C THR B 43 -29.72 -18.90 -40.78
N ASN B 44 -29.43 -19.93 -39.99
CA ASN B 44 -30.32 -20.35 -38.92
C ASN B 44 -30.00 -19.68 -37.59
N THR B 45 -29.01 -18.79 -37.55
CA THR B 45 -28.65 -18.12 -36.31
C THR B 45 -29.74 -17.13 -35.90
N THR B 46 -29.81 -16.86 -34.61
CA THR B 46 -30.79 -15.94 -34.04
C THR B 46 -30.16 -14.73 -33.37
N ASN B 47 -29.12 -14.92 -32.58
CA ASN B 47 -28.42 -13.84 -31.89
C ASN B 47 -27.04 -13.67 -32.50
N LEU B 48 -26.72 -12.44 -32.92
CA LEU B 48 -25.44 -12.12 -33.53
C LEU B 48 -24.72 -11.10 -32.65
N THR B 49 -23.46 -11.39 -32.33
CA THR B 49 -22.63 -10.51 -31.52
C THR B 49 -21.59 -9.85 -32.40
N LEU B 50 -21.62 -8.52 -32.48
CA LEU B 50 -20.72 -7.73 -33.30
C LEU B 50 -20.18 -6.55 -32.49
N THR B 51 -19.61 -6.85 -31.34
CA THR B 51 -19.12 -5.84 -30.40
C THR B 51 -17.83 -5.20 -30.91
N ILE B 52 -17.09 -4.55 -30.01
CA ILE B 52 -15.94 -3.72 -30.34
C ILE B 52 -15.03 -4.40 -31.36
N ASN B 53 -14.84 -3.77 -32.50
CA ASN B 53 -14.05 -4.32 -33.61
C ASN B 53 -13.56 -3.15 -34.45
N HIS B 54 -13.13 -3.45 -35.68
CA HIS B 54 -12.66 -2.46 -36.62
C HIS B 54 -13.56 -2.40 -37.87
N ILE B 55 -14.87 -2.49 -37.65
CA ILE B 55 -15.84 -2.45 -38.74
C ILE B 55 -15.95 -1.03 -39.26
N PRO B 56 -15.72 -0.79 -40.55
CA PRO B 56 -15.80 0.59 -41.06
C PRO B 56 -17.23 1.11 -41.17
N ASP B 57 -18.15 0.29 -41.67
CA ASP B 57 -19.53 0.71 -41.86
C ASP B 57 -20.41 -0.54 -41.94
N ILE B 58 -21.70 -0.31 -42.19
CA ILE B 58 -22.69 -1.38 -42.29
C ILE B 58 -23.24 -1.38 -43.70
N SER B 59 -23.20 -2.55 -44.35
CA SER B 59 -23.70 -2.70 -45.71
C SER B 59 -24.97 -3.53 -45.72
N PRO B 60 -25.91 -3.24 -46.63
CA PRO B 60 -27.14 -4.05 -46.70
C PRO B 60 -26.87 -5.51 -47.05
N ALA B 61 -25.79 -5.80 -47.77
CA ALA B 61 -25.46 -7.17 -48.14
C ALA B 61 -24.95 -8.00 -46.97
N SER B 62 -24.67 -7.37 -45.82
CA SER B 62 -24.19 -8.12 -44.67
C SER B 62 -25.25 -9.09 -44.16
N PHE B 63 -26.50 -8.66 -44.12
CA PHE B 63 -27.62 -9.49 -43.68
C PHE B 63 -28.57 -9.82 -44.81
N HIS B 64 -28.04 -9.96 -46.04
CA HIS B 64 -28.90 -10.25 -47.19
C HIS B 64 -29.47 -11.66 -47.11
N ARG B 65 -28.63 -12.65 -46.79
CA ARG B 65 -29.06 -14.03 -46.72
C ARG B 65 -29.52 -14.45 -45.33
N LEU B 66 -29.43 -13.56 -44.34
CA LEU B 66 -29.85 -13.86 -42.97
C LEU B 66 -31.23 -13.29 -42.74
N VAL B 67 -32.23 -14.16 -42.63
CA VAL B 67 -33.61 -13.76 -42.38
C VAL B 67 -34.14 -14.24 -41.04
N HIS B 68 -33.46 -15.16 -40.38
CA HIS B 68 -33.89 -15.67 -39.08
C HIS B 68 -33.24 -14.95 -37.91
N LEU B 69 -32.47 -13.90 -38.17
CA LEU B 69 -31.81 -13.17 -37.09
C LEU B 69 -32.84 -12.40 -36.27
N VAL B 70 -32.77 -12.55 -34.95
CA VAL B 70 -33.69 -11.87 -34.04
C VAL B 70 -32.97 -10.94 -33.08
N GLU B 71 -31.65 -10.90 -33.07
CA GLU B 71 -30.90 -10.04 -32.16
C GLU B 71 -29.58 -9.66 -32.81
N ILE B 72 -29.33 -8.36 -32.95
CA ILE B 72 -28.10 -7.83 -33.51
C ILE B 72 -27.50 -6.86 -32.51
N ASP B 73 -26.23 -7.07 -32.17
CA ASP B 73 -25.53 -6.25 -31.20
C ASP B 73 -24.40 -5.50 -31.90
N PHE B 74 -24.35 -4.18 -31.69
CA PHE B 74 -23.32 -3.31 -32.26
C PHE B 74 -22.80 -2.36 -31.19
N ARG B 75 -22.51 -2.90 -30.00
CA ARG B 75 -22.13 -2.07 -28.87
C ARG B 75 -20.67 -1.65 -28.96
N CYS B 76 -20.43 -0.34 -28.91
CA CYS B 76 -19.09 0.23 -28.84
C CYS B 76 -18.22 -0.20 -30.03
N ASN B 77 -18.77 -0.08 -31.23
CA ASN B 77 -18.00 -0.40 -32.43
C ASN B 77 -16.91 0.63 -32.70
N CYS B 78 -17.03 1.84 -32.15
CA CYS B 78 -16.01 2.87 -32.30
C CYS B 78 -16.07 3.77 -31.06
N VAL B 79 -15.16 3.53 -30.11
CA VAL B 79 -15.10 4.31 -28.88
C VAL B 79 -14.29 5.57 -29.17
N PRO B 80 -14.85 6.77 -28.95
CA PRO B 80 -14.16 8.03 -29.19
C PRO B 80 -12.94 8.21 -28.29
N CYS B 90 -9.69 5.86 -33.01
CA CYS B 90 -10.85 5.30 -33.70
C CYS B 90 -11.11 6.06 -35.00
N PRO B 91 -11.53 5.35 -36.04
CA PRO B 91 -11.84 6.02 -37.32
C PRO B 91 -13.12 6.83 -37.26
N ARG B 92 -13.56 7.34 -38.41
CA ARG B 92 -14.76 8.16 -38.47
C ARG B 92 -15.99 7.37 -38.00
N ARG B 93 -17.07 8.11 -37.79
CA ARG B 93 -18.29 7.51 -37.26
C ARG B 93 -18.87 6.49 -38.25
N LEU B 94 -19.59 5.51 -37.71
CA LEU B 94 -20.17 4.46 -38.54
C LEU B 94 -21.29 5.02 -39.40
N GLN B 95 -21.29 4.65 -40.68
CA GLN B 95 -22.31 5.06 -41.62
C GLN B 95 -23.17 3.85 -41.99
N ILE B 96 -24.48 4.03 -41.92
CA ILE B 96 -25.44 2.96 -42.21
C ILE B 96 -26.12 3.28 -43.53
N LYS B 97 -26.02 2.36 -44.49
CA LYS B 97 -26.66 2.56 -45.78
C LYS B 97 -28.17 2.43 -45.64
N PRO B 98 -28.93 3.10 -46.51
CA PRO B 98 -30.39 2.98 -46.45
C PRO B 98 -30.85 1.56 -46.75
N ARG B 99 -31.97 1.18 -46.12
CA ARG B 99 -32.57 -0.14 -46.30
C ARG B 99 -31.59 -1.25 -45.94
N SER B 100 -30.84 -1.05 -44.85
CA SER B 100 -29.89 -2.04 -44.37
C SER B 100 -30.49 -3.00 -43.35
N PHE B 101 -31.73 -2.76 -42.91
CA PHE B 101 -32.38 -3.61 -41.93
C PHE B 101 -33.79 -4.02 -42.32
N SER B 102 -34.28 -3.60 -43.49
CA SER B 102 -35.62 -3.95 -43.91
C SER B 102 -35.76 -5.43 -44.24
N GLY B 103 -34.67 -6.11 -44.57
CA GLY B 103 -34.71 -7.52 -44.89
C GLY B 103 -34.81 -8.45 -43.70
N LEU B 104 -34.67 -7.93 -42.48
CA LEU B 104 -34.74 -8.73 -41.27
C LEU B 104 -36.15 -8.61 -40.70
N THR B 105 -37.08 -9.37 -41.28
CA THR B 105 -38.46 -9.35 -40.83
C THR B 105 -38.64 -9.98 -39.46
N TYR B 106 -37.74 -10.88 -39.05
CA TYR B 106 -37.82 -11.53 -37.76
C TYR B 106 -37.03 -10.81 -36.68
N LEU B 107 -36.44 -9.66 -36.99
CA LEU B 107 -35.67 -8.91 -36.00
C LEU B 107 -36.58 -8.39 -34.90
N LYS B 108 -36.12 -8.52 -33.65
CA LYS B 108 -36.91 -8.08 -32.50
C LYS B 108 -36.10 -7.16 -31.59
N SER B 109 -34.79 -7.37 -31.53
CA SER B 109 -33.91 -6.58 -30.69
C SER B 109 -32.70 -6.13 -31.49
N LEU B 110 -32.30 -4.88 -31.29
CA LEU B 110 -31.16 -4.30 -32.01
C LEU B 110 -30.44 -3.33 -31.08
N TYR B 111 -29.12 -3.49 -30.98
CA TYR B 111 -28.28 -2.62 -30.17
C TYR B 111 -27.33 -1.85 -31.08
N LEU B 112 -27.24 -0.54 -30.86
CA LEU B 112 -26.35 0.31 -31.65
C LEU B 112 -25.59 1.29 -30.77
N ASP B 113 -25.15 0.85 -29.59
CA ASP B 113 -24.45 1.73 -28.67
C ASP B 113 -23.00 1.94 -29.10
N GLY B 114 -22.48 3.12 -28.79
CA GLY B 114 -21.10 3.43 -29.10
C GLY B 114 -20.78 3.44 -30.58
N ASN B 115 -21.66 4.04 -31.39
CA ASN B 115 -21.45 4.12 -32.83
C ASN B 115 -21.26 5.55 -33.32
N GLN B 116 -21.33 6.54 -32.43
CA GLN B 116 -21.16 7.95 -32.77
C GLN B 116 -22.15 8.38 -33.85
N LEU B 117 -23.37 7.86 -33.78
CA LEU B 117 -24.40 8.21 -34.75
C LEU B 117 -24.90 9.63 -34.50
N LEU B 118 -25.19 10.35 -35.60
CA LEU B 118 -25.71 11.70 -35.51
C LEU B 118 -27.23 11.73 -35.49
N GLU B 119 -27.88 10.85 -36.25
CA GLU B 119 -29.33 10.77 -36.32
C GLU B 119 -29.77 9.33 -36.12
N ILE B 120 -31.04 9.18 -35.79
CA ILE B 120 -31.60 7.83 -35.59
C ILE B 120 -31.65 7.11 -36.93
N PRO B 121 -31.13 5.89 -37.03
CA PRO B 121 -31.16 5.17 -38.31
C PRO B 121 -32.59 4.89 -38.76
N GLN B 122 -32.79 4.92 -40.07
CA GLN B 122 -34.09 4.68 -40.68
C GLN B 122 -34.10 3.31 -41.36
N GLY B 123 -35.29 2.91 -41.82
CA GLY B 123 -35.45 1.63 -42.47
C GLY B 123 -35.54 0.44 -41.54
N LEU B 124 -35.74 0.66 -40.24
CA LEU B 124 -35.83 -0.45 -39.31
C LEU B 124 -37.11 -1.24 -39.55
N PRO B 125 -37.06 -2.56 -39.36
CA PRO B 125 -38.26 -3.38 -39.58
C PRO B 125 -39.33 -3.07 -38.56
N PRO B 126 -40.61 -3.22 -38.92
CA PRO B 126 -41.68 -2.94 -37.96
C PRO B 126 -41.74 -3.94 -36.81
N SER B 127 -41.07 -5.08 -36.92
CA SER B 127 -41.09 -6.10 -35.87
C SER B 127 -40.09 -5.81 -34.76
N LEU B 128 -39.33 -4.73 -34.85
CA LEU B 128 -38.36 -4.40 -33.81
C LEU B 128 -39.07 -4.03 -32.51
N GLN B 129 -38.56 -4.55 -31.40
CA GLN B 129 -39.11 -4.28 -30.08
C GLN B 129 -38.16 -3.53 -29.15
N LEU B 130 -36.85 -3.71 -29.33
CA LEU B 130 -35.85 -3.04 -28.49
C LEU B 130 -34.86 -2.31 -29.38
N LEU B 131 -34.50 -1.09 -28.99
CA LEU B 131 -33.55 -0.28 -29.72
C LEU B 131 -32.69 0.48 -28.74
N SER B 132 -31.37 0.34 -28.85
CA SER B 132 -30.42 1.01 -27.98
C SER B 132 -29.55 1.95 -28.81
N LEU B 133 -29.45 3.20 -28.37
CA LEU B 133 -28.66 4.22 -29.06
C LEU B 133 -27.83 5.01 -28.07
N GLU B 134 -27.27 4.32 -27.07
CA GLU B 134 -26.47 5.00 -26.05
C GLU B 134 -25.09 5.34 -26.61
N ALA B 135 -24.41 6.27 -25.92
CA ALA B 135 -23.07 6.72 -26.29
C ALA B 135 -23.01 7.20 -27.74
N ASN B 136 -24.04 7.93 -28.15
CA ASN B 136 -24.14 8.47 -29.50
C ASN B 136 -24.18 9.99 -29.43
N ASN B 137 -24.25 10.62 -30.61
CA ASN B 137 -24.28 12.07 -30.74
C ASN B 137 -25.62 12.55 -31.26
N ILE B 138 -26.71 11.91 -30.82
CA ILE B 138 -28.06 12.26 -31.23
C ILE B 138 -28.65 13.14 -30.13
N PHE B 139 -28.70 14.44 -30.38
CA PHE B 139 -29.25 15.40 -29.43
C PHE B 139 -30.56 16.01 -29.90
N SER B 140 -31.12 15.51 -31.00
CA SER B 140 -32.38 16.02 -31.54
C SER B 140 -33.35 14.86 -31.70
N ILE B 141 -34.58 15.07 -31.23
CA ILE B 141 -35.63 14.06 -31.31
C ILE B 141 -36.80 14.64 -32.09
N ARG B 142 -37.20 13.96 -33.16
CA ARG B 142 -38.30 14.38 -34.02
C ARG B 142 -39.26 13.22 -34.23
N LYS B 143 -40.53 13.56 -34.44
CA LYS B 143 -41.54 12.54 -34.67
C LYS B 143 -41.37 11.84 -36.01
N GLU B 144 -40.72 12.49 -36.99
CA GLU B 144 -40.53 11.87 -38.29
C GLU B 144 -39.65 10.62 -38.19
N GLN B 145 -38.59 10.70 -37.39
CA GLN B 145 -37.72 9.54 -37.21
C GLN B 145 -38.35 8.48 -36.33
N LEU B 146 -39.23 8.88 -35.41
CA LEU B 146 -39.89 7.95 -34.50
C LEU B 146 -41.18 7.36 -35.06
N THR B 147 -41.62 7.82 -36.24
CA THR B 147 -42.83 7.27 -36.83
C THR B 147 -42.66 5.79 -37.17
N GLU B 148 -41.49 5.41 -37.68
CA GLU B 148 -41.23 4.01 -38.01
C GLU B 148 -41.07 3.14 -36.79
N LEU B 149 -40.89 3.73 -35.61
CA LEU B 149 -40.72 2.99 -34.36
C LEU B 149 -42.02 2.91 -33.56
N ALA B 150 -43.16 2.89 -34.24
CA ALA B 150 -44.44 2.84 -33.54
C ALA B 150 -44.67 1.52 -32.82
N ASN B 151 -43.98 0.45 -33.23
CA ASN B 151 -44.13 -0.86 -32.61
C ASN B 151 -43.00 -1.17 -31.63
N ILE B 152 -42.15 -0.19 -31.32
CA ILE B 152 -41.06 -0.44 -30.38
C ILE B 152 -41.61 -0.54 -28.96
N GLU B 153 -40.86 -1.23 -28.10
CA GLU B 153 -41.26 -1.43 -26.70
C GLU B 153 -40.28 -0.82 -25.73
N ILE B 154 -38.98 -1.04 -25.93
CA ILE B 154 -37.93 -0.51 -25.06
C ILE B 154 -37.01 0.36 -25.89
N LEU B 155 -36.80 1.60 -25.43
CA LEU B 155 -35.96 2.56 -26.12
C LEU B 155 -34.85 3.02 -25.17
N TYR B 156 -33.62 3.01 -25.66
CA TYR B 156 -32.45 3.42 -24.87
C TYR B 156 -31.73 4.51 -25.65
N LEU B 157 -31.94 5.77 -25.24
CA LEU B 157 -31.30 6.92 -25.87
C LEU B 157 -30.45 7.71 -24.88
N GLY B 158 -30.03 7.09 -23.78
CA GLY B 158 -29.27 7.79 -22.77
C GLY B 158 -27.80 7.94 -23.11
N GLN B 159 -27.12 8.70 -22.26
CA GLN B 159 -25.68 8.95 -22.39
C GLN B 159 -25.33 9.53 -23.77
N ASN B 160 -26.13 10.50 -24.22
CA ASN B 160 -25.89 11.15 -25.50
C ASN B 160 -25.15 12.46 -25.38
N CYS B 161 -25.26 13.16 -24.24
CA CYS B 161 -24.57 14.43 -24.05
C CYS B 161 -24.36 14.63 -22.54
N TYR B 162 -23.13 14.39 -22.08
CA TYR B 162 -22.78 14.57 -20.68
C TYR B 162 -21.28 14.79 -20.60
N TYR B 163 -20.72 14.69 -19.39
CA TYR B 163 -19.33 15.10 -19.18
C TYR B 163 -18.35 14.19 -19.91
N ARG B 164 -18.66 12.90 -20.05
CA ARG B 164 -17.76 12.00 -20.76
C ARG B 164 -17.83 12.20 -22.27
N ASN B 165 -19.03 12.47 -22.79
CA ASN B 165 -19.25 12.67 -24.22
C ASN B 165 -19.98 13.99 -24.41
N PRO B 166 -19.26 15.11 -24.35
CA PRO B 166 -19.92 16.41 -24.48
C PRO B 166 -20.37 16.68 -25.91
N CYS B 167 -21.44 17.47 -26.03
CA CYS B 167 -21.96 17.88 -27.32
C CYS B 167 -22.29 19.38 -27.38
N TYR B 168 -22.27 20.10 -26.26
CA TYR B 168 -22.48 21.54 -26.19
C TYR B 168 -23.84 21.98 -26.70
N VAL B 169 -24.79 21.06 -26.84
CA VAL B 169 -26.14 21.36 -27.31
C VAL B 169 -27.14 20.77 -26.33
N SER B 170 -28.08 21.59 -25.87
CA SER B 170 -29.12 21.10 -24.98
C SER B 170 -30.06 20.17 -25.72
N TYR B 171 -30.56 19.15 -25.02
CA TYR B 171 -31.46 18.19 -25.64
C TYR B 171 -32.77 18.86 -26.02
N SER B 172 -33.20 18.64 -27.26
CA SER B 172 -34.43 19.22 -27.79
C SER B 172 -35.35 18.11 -28.26
N ILE B 173 -36.56 18.07 -27.72
CA ILE B 173 -37.57 17.08 -28.09
C ILE B 173 -38.83 17.81 -28.52
N GLU B 174 -39.33 17.47 -29.71
CA GLU B 174 -40.53 18.12 -30.22
C GLU B 174 -41.75 17.67 -29.43
N LYS B 175 -42.83 18.46 -29.54
CA LYS B 175 -44.04 18.18 -28.80
C LYS B 175 -44.69 16.89 -29.26
N ASP B 176 -45.12 16.08 -28.30
CA ASP B 176 -45.81 14.81 -28.57
C ASP B 176 -44.96 13.89 -29.44
N ALA B 177 -43.65 13.87 -29.19
CA ALA B 177 -42.76 13.01 -29.97
C ALA B 177 -42.99 11.54 -29.65
N PHE B 178 -43.18 11.22 -28.38
CA PHE B 178 -43.39 9.84 -27.93
C PHE B 178 -44.86 9.50 -27.74
N LEU B 179 -45.77 10.41 -28.08
CA LEU B 179 -47.20 10.14 -27.89
C LEU B 179 -47.68 9.01 -28.80
N ASN B 180 -47.19 8.98 -30.04
CA ASN B 180 -47.62 7.95 -30.98
C ASN B 180 -47.06 6.58 -30.66
N LEU B 181 -46.09 6.48 -29.75
CA LEU B 181 -45.49 5.20 -29.38
C LEU B 181 -46.38 4.54 -28.33
N THR B 182 -47.46 3.91 -28.81
CA THR B 182 -48.40 3.26 -27.90
C THR B 182 -47.81 1.99 -27.30
N LYS B 183 -46.88 1.34 -28.00
CA LYS B 183 -46.27 0.10 -27.52
C LYS B 183 -45.04 0.35 -26.65
N LEU B 184 -44.66 1.60 -26.43
CA LEU B 184 -43.49 1.90 -25.62
C LEU B 184 -43.73 1.52 -24.16
N LYS B 185 -42.74 0.87 -23.56
CA LYS B 185 -42.82 0.44 -22.17
C LYS B 185 -41.68 0.95 -21.31
N VAL B 186 -40.46 0.99 -21.85
CA VAL B 186 -39.28 1.45 -21.12
C VAL B 186 -38.63 2.56 -21.93
N LEU B 187 -38.37 3.69 -21.27
CA LEU B 187 -37.71 4.83 -21.89
C LEU B 187 -36.60 5.32 -20.99
N SER B 188 -35.41 5.51 -21.55
CA SER B 188 -34.25 5.96 -20.80
C SER B 188 -33.63 7.17 -21.49
N LEU B 189 -33.38 8.23 -20.73
CA LEU B 189 -32.76 9.45 -21.23
C LEU B 189 -31.69 9.94 -20.27
N LYS B 190 -30.93 9.02 -19.69
CA LYS B 190 -29.93 9.37 -18.69
C LYS B 190 -28.73 10.05 -19.34
N ASP B 191 -28.20 11.06 -18.66
CA ASP B 191 -27.00 11.78 -19.10
C ASP B 191 -27.16 12.33 -20.50
N ASN B 192 -28.32 12.92 -20.79
CA ASN B 192 -28.62 13.45 -22.10
C ASN B 192 -28.80 14.96 -22.11
N ASN B 193 -28.42 15.64 -21.02
CA ASN B 193 -28.54 17.09 -20.90
C ASN B 193 -29.98 17.56 -21.12
N VAL B 194 -30.92 16.78 -20.59
CA VAL B 194 -32.34 17.10 -20.74
C VAL B 194 -32.74 18.14 -19.70
N THR B 195 -33.39 19.21 -20.16
CA THR B 195 -33.87 20.27 -19.28
C THR B 195 -35.36 20.18 -18.99
N THR B 196 -36.16 19.76 -19.97
CA THR B 196 -37.61 19.67 -19.81
C THR B 196 -38.05 18.24 -20.15
N VAL B 197 -38.94 17.71 -19.32
CA VAL B 197 -39.47 16.36 -19.55
C VAL B 197 -40.24 16.35 -20.88
N PRO B 198 -40.01 15.36 -21.76
CA PRO B 198 -40.68 15.38 -23.07
C PRO B 198 -42.16 15.07 -22.99
N THR B 199 -42.96 16.07 -22.63
CA THR B 199 -44.41 15.90 -22.64
C THR B 199 -44.92 15.82 -24.07
N VAL B 200 -45.88 14.92 -24.30
CA VAL B 200 -46.45 14.08 -23.26
C VAL B 200 -46.05 12.61 -23.47
N LEU B 201 -45.55 11.99 -22.42
CA LEU B 201 -45.17 10.59 -22.49
C LEU B 201 -46.40 9.70 -22.68
N PRO B 202 -46.25 8.57 -23.37
CA PRO B 202 -47.39 7.68 -23.58
C PRO B 202 -47.89 7.09 -22.27
N SER B 203 -49.20 6.83 -22.23
CA SER B 203 -49.84 6.30 -21.03
C SER B 203 -49.46 4.86 -20.74
N THR B 204 -48.86 4.16 -21.70
CA THR B 204 -48.47 2.77 -21.52
C THR B 204 -47.06 2.61 -20.98
N LEU B 205 -46.38 3.71 -20.65
CA LEU B 205 -45.02 3.63 -20.13
C LEU B 205 -45.03 2.97 -18.75
N THR B 206 -44.05 2.11 -18.53
CA THR B 206 -43.90 1.40 -17.25
C THR B 206 -42.65 1.81 -16.48
N GLU B 207 -41.52 1.98 -17.15
CA GLU B 207 -40.28 2.41 -16.52
C GLU B 207 -39.78 3.67 -17.20
N LEU B 208 -39.51 4.69 -16.39
CA LEU B 208 -39.01 5.97 -16.88
C LEU B 208 -37.66 6.26 -16.24
N TYR B 209 -36.67 6.57 -17.08
CA TYR B 209 -35.30 6.83 -16.62
C TYR B 209 -34.87 8.20 -17.15
N LEU B 210 -35.19 9.25 -16.39
CA LEU B 210 -34.78 10.61 -16.71
C LEU B 210 -33.72 11.13 -15.75
N TYR B 211 -32.98 10.23 -15.11
CA TYR B 211 -32.00 10.63 -14.10
C TYR B 211 -30.73 11.16 -14.76
N ASN B 212 -29.88 11.79 -13.94
CA ASN B 212 -28.62 12.36 -14.39
C ASN B 212 -28.83 13.38 -15.51
N ASN B 213 -29.86 14.21 -15.35
CA ASN B 213 -30.21 15.23 -16.33
C ASN B 213 -30.11 16.61 -15.68
N MET B 214 -30.45 17.64 -16.46
CA MET B 214 -30.40 19.03 -16.00
C MET B 214 -31.80 19.61 -15.80
N ILE B 215 -32.74 18.78 -15.37
CA ILE B 215 -34.10 19.24 -15.12
C ILE B 215 -34.13 20.04 -13.83
N ALA B 216 -34.68 21.26 -13.89
CA ALA B 216 -34.75 22.14 -12.73
C ALA B 216 -36.14 22.28 -12.14
N GLU B 217 -37.18 22.10 -12.95
CA GLU B 217 -38.55 22.23 -12.47
C GLU B 217 -39.39 21.09 -13.03
N ILE B 218 -40.45 20.74 -12.29
CA ILE B 218 -41.37 19.69 -12.66
C ILE B 218 -42.78 20.28 -12.72
N GLN B 219 -43.48 20.03 -13.82
CA GLN B 219 -44.83 20.54 -14.01
C GLN B 219 -45.84 19.59 -13.37
N GLU B 220 -47.00 20.15 -13.01
CA GLU B 220 -48.06 19.35 -12.41
C GLU B 220 -48.69 18.38 -13.40
N ASP B 221 -48.61 18.67 -14.69
CA ASP B 221 -49.15 17.81 -15.73
C ASP B 221 -48.08 16.96 -16.41
N ASP B 222 -46.88 16.88 -15.81
CA ASP B 222 -45.80 16.10 -16.41
C ASP B 222 -46.15 14.62 -16.44
N PHE B 223 -46.74 14.11 -15.36
CA PHE B 223 -47.12 12.70 -15.25
C PHE B 223 -48.63 12.55 -15.07
N ASN B 224 -49.40 13.36 -15.81
CA ASN B 224 -50.84 13.33 -15.66
C ASN B 224 -51.45 12.09 -16.31
N ASN B 225 -50.93 11.68 -17.47
CA ASN B 225 -51.47 10.55 -18.20
C ASN B 225 -50.77 9.23 -17.86
N LEU B 226 -49.75 9.26 -17.01
CA LEU B 226 -49.00 8.05 -16.66
C LEU B 226 -49.71 7.37 -15.48
N ASN B 227 -50.33 6.23 -15.76
CA ASN B 227 -51.01 5.44 -14.74
C ASN B 227 -50.43 4.06 -14.53
N GLN B 228 -49.72 3.51 -15.52
CA GLN B 228 -49.10 2.19 -15.42
C GLN B 228 -47.61 2.26 -15.10
N LEU B 229 -47.09 3.45 -14.78
CA LEU B 229 -45.67 3.58 -14.48
C LEU B 229 -45.34 2.87 -13.18
N GLN B 230 -44.20 2.17 -13.18
CA GLN B 230 -43.74 1.41 -12.02
C GLN B 230 -42.41 1.89 -11.47
N ILE B 231 -41.48 2.29 -12.34
CA ILE B 231 -40.17 2.76 -11.94
C ILE B 231 -39.97 4.18 -12.46
N LEU B 232 -39.65 5.10 -11.55
CA LEU B 232 -39.40 6.50 -11.90
C LEU B 232 -38.07 6.92 -11.30
N ASP B 233 -37.21 7.51 -12.13
CA ASP B 233 -35.89 7.96 -11.71
C ASP B 233 -35.74 9.44 -12.01
N LEU B 234 -35.31 10.21 -11.00
CA LEU B 234 -35.12 11.64 -11.15
C LEU B 234 -33.80 12.09 -10.54
N SER B 235 -32.78 11.25 -10.59
CA SER B 235 -31.49 11.59 -10.02
C SER B 235 -30.76 12.61 -10.89
N GLY B 236 -29.72 13.22 -10.31
CA GLY B 236 -28.90 14.17 -11.04
C GLY B 236 -29.52 15.53 -11.24
N ASN B 237 -30.77 15.74 -10.83
CA ASN B 237 -31.43 17.03 -10.95
C ASN B 237 -31.10 17.87 -9.72
N CYS B 238 -30.35 18.95 -9.93
CA CYS B 238 -29.83 19.77 -8.84
C CYS B 238 -29.05 18.91 -7.85
N PRO B 239 -27.95 18.30 -8.26
CA PRO B 239 -27.25 17.34 -7.40
C PRO B 239 -26.38 18.04 -6.36
N ARG B 240 -25.97 17.26 -5.37
CA ARG B 240 -25.07 17.73 -4.32
C ARG B 240 -23.63 17.57 -4.83
N CYS B 241 -23.00 18.69 -5.16
CA CYS B 241 -21.67 18.68 -5.76
C CYS B 241 -20.55 18.74 -4.74
N TYR B 242 -20.87 18.71 -3.44
CA TYR B 242 -19.83 18.75 -2.42
C TYR B 242 -19.07 17.44 -2.38
N ASN B 243 -17.74 17.53 -2.45
CA ASN B 243 -16.87 16.34 -2.44
C ASN B 243 -17.23 15.36 -3.55
N ALA B 244 -17.56 15.90 -4.73
CA ALA B 244 -17.95 15.07 -5.85
C ALA B 244 -16.72 14.68 -6.67
N PRO B 245 -16.43 13.39 -6.82
CA PRO B 245 -15.27 12.99 -7.63
C PRO B 245 -15.51 13.06 -9.13
N PHE B 246 -16.69 13.49 -9.58
CA PHE B 246 -17.02 13.60 -10.99
C PHE B 246 -17.52 15.00 -11.28
N PRO B 247 -17.33 15.48 -12.52
CA PRO B 247 -17.81 16.82 -12.86
C PRO B 247 -19.32 16.94 -12.71
N CYS B 248 -19.75 18.09 -12.20
CA CYS B 248 -21.17 18.34 -11.99
C CYS B 248 -21.39 19.85 -11.91
N THR B 249 -22.58 20.29 -12.30
CA THR B 249 -22.96 21.70 -12.28
C THR B 249 -24.06 21.92 -11.26
N PRO B 250 -23.75 22.51 -10.10
CA PRO B 250 -24.80 22.77 -9.10
C PRO B 250 -25.78 23.82 -9.60
N CYS B 251 -27.02 23.71 -9.12
CA CYS B 251 -28.06 24.65 -9.50
C CYS B 251 -27.83 26.01 -8.86
N LYS B 252 -28.54 27.01 -9.37
CA LYS B 252 -28.39 28.37 -8.87
C LYS B 252 -28.88 28.47 -7.43
N ASN B 253 -28.06 29.08 -6.58
CA ASN B 253 -28.36 29.29 -5.16
C ASN B 253 -28.60 27.98 -4.42
N ASN B 254 -28.09 26.87 -4.94
CA ASN B 254 -28.26 25.54 -4.35
C ASN B 254 -29.74 25.22 -4.16
N SER B 255 -30.56 25.63 -5.13
CA SER B 255 -31.99 25.40 -5.03
C SER B 255 -32.29 23.91 -5.26
N PRO B 256 -33.21 23.34 -4.48
CA PRO B 256 -33.58 21.93 -4.68
C PRO B 256 -34.47 21.76 -5.91
N LEU B 257 -34.65 20.50 -6.28
CA LEU B 257 -35.51 20.16 -7.42
C LEU B 257 -36.96 20.50 -7.07
N GLN B 258 -37.50 21.54 -7.71
CA GLN B 258 -38.86 21.99 -7.42
C GLN B 258 -39.85 20.96 -7.93
N ILE B 259 -40.46 20.22 -7.01
CA ILE B 259 -41.47 19.21 -7.32
C ILE B 259 -42.77 19.64 -6.65
N PRO B 260 -43.87 19.80 -7.40
CA PRO B 260 -45.13 20.19 -6.78
C PRO B 260 -45.68 19.10 -5.88
N VAL B 261 -46.52 19.52 -4.93
CA VAL B 261 -47.13 18.57 -4.01
C VAL B 261 -48.07 17.63 -4.75
N ASN B 262 -48.82 18.17 -5.71
CA ASN B 262 -49.74 17.36 -6.52
C ASN B 262 -49.08 16.89 -7.81
N ALA B 263 -47.91 16.25 -7.68
CA ALA B 263 -47.18 15.74 -8.84
C ALA B 263 -47.40 14.25 -9.05
N PHE B 264 -47.18 13.44 -8.02
CA PHE B 264 -47.38 12.00 -8.11
C PHE B 264 -48.80 11.60 -7.72
N ASP B 265 -49.78 12.24 -8.36
CA ASP B 265 -51.19 11.96 -8.08
C ASP B 265 -51.75 10.89 -9.01
N ALA B 266 -51.48 11.01 -10.31
CA ALA B 266 -51.98 10.03 -11.26
C ALA B 266 -51.27 8.68 -11.15
N LEU B 267 -50.08 8.65 -10.54
CA LEU B 267 -49.34 7.40 -10.39
C LEU B 267 -50.00 6.54 -9.32
N THR B 268 -50.41 5.33 -9.70
CA THR B 268 -51.02 4.38 -8.78
C THR B 268 -50.29 3.05 -8.70
N GLU B 269 -49.59 2.64 -9.76
CA GLU B 269 -48.85 1.39 -9.79
C GLU B 269 -47.36 1.59 -9.58
N LEU B 270 -46.95 2.78 -9.13
CA LEU B 270 -45.53 3.04 -8.91
C LEU B 270 -45.01 2.19 -7.76
N LYS B 271 -43.83 1.59 -7.97
CA LYS B 271 -43.20 0.73 -6.98
C LYS B 271 -41.80 1.18 -6.59
N VAL B 272 -41.03 1.72 -7.52
CA VAL B 272 -39.67 2.16 -7.27
C VAL B 272 -39.58 3.64 -7.62
N LEU B 273 -39.19 4.47 -6.66
CA LEU B 273 -39.01 5.90 -6.86
C LEU B 273 -37.61 6.28 -6.38
N ARG B 274 -36.84 6.90 -7.26
CA ARG B 274 -35.47 7.28 -6.97
C ARG B 274 -35.34 8.80 -6.97
N LEU B 275 -34.80 9.36 -5.88
CA LEU B 275 -34.54 10.78 -5.76
C LEU B 275 -33.12 11.04 -5.27
N HIS B 276 -32.19 10.16 -5.61
CA HIS B 276 -30.83 10.28 -5.15
C HIS B 276 -30.14 11.48 -5.79
N SER B 277 -29.35 12.20 -4.98
CA SER B 277 -28.60 13.37 -5.43
C SER B 277 -29.52 14.43 -6.05
N ASN B 278 -30.44 14.92 -5.22
CA ASN B 278 -31.38 15.96 -5.63
C ASN B 278 -31.32 17.20 -4.76
N SER B 279 -30.49 17.21 -3.71
CA SER B 279 -30.34 18.34 -2.80
C SER B 279 -31.68 18.74 -2.18
N LEU B 280 -32.54 17.76 -1.93
CA LEU B 280 -33.84 18.04 -1.34
C LEU B 280 -33.69 18.43 0.14
N GLN B 281 -34.55 19.34 0.58
CA GLN B 281 -34.56 19.81 1.96
C GLN B 281 -35.78 19.35 2.75
N HIS B 282 -36.95 19.29 2.12
CA HIS B 282 -38.17 18.86 2.77
C HIS B 282 -38.91 17.89 1.87
N VAL B 283 -39.55 16.91 2.48
CA VAL B 283 -40.34 15.90 1.78
C VAL B 283 -41.78 16.00 2.26
N PRO B 284 -42.64 16.72 1.54
CA PRO B 284 -44.04 16.87 1.94
C PRO B 284 -44.75 15.53 1.89
N PRO B 285 -45.68 15.27 2.82
CA PRO B 285 -46.44 14.01 2.78
C PRO B 285 -47.37 13.92 1.58
N ARG B 286 -47.68 15.03 0.91
CA ARG B 286 -48.58 14.99 -0.23
C ARG B 286 -48.01 14.21 -1.40
N TRP B 287 -46.68 14.06 -1.47
CA TRP B 287 -46.07 13.33 -2.58
C TRP B 287 -46.47 11.86 -2.55
N PHE B 288 -46.52 11.25 -1.37
CA PHE B 288 -46.83 9.83 -1.23
C PHE B 288 -48.29 9.59 -0.83
N LYS B 289 -49.17 10.56 -1.09
CA LYS B 289 -50.58 10.39 -0.73
C LYS B 289 -51.26 9.36 -1.64
N ASN B 290 -50.99 9.43 -2.94
CA ASN B 290 -51.66 8.55 -3.90
C ASN B 290 -50.90 7.25 -4.15
N ILE B 291 -49.57 7.27 -4.06
CA ILE B 291 -48.76 6.08 -4.33
C ILE B 291 -48.71 5.29 -3.02
N ASN B 292 -49.70 4.43 -2.82
CA ASN B 292 -49.78 3.57 -1.64
C ASN B 292 -49.10 2.21 -1.85
N ASN B 293 -48.62 1.93 -3.06
CA ASN B 293 -47.97 0.66 -3.36
C ASN B 293 -46.47 0.82 -3.57
N LEU B 294 -45.88 1.90 -3.06
CA LEU B 294 -44.45 2.11 -3.22
C LEU B 294 -43.66 1.07 -2.43
N GLN B 295 -42.61 0.56 -3.06
CA GLN B 295 -41.76 -0.47 -2.45
C GLN B 295 -40.36 0.04 -2.15
N GLU B 296 -39.66 0.60 -3.14
CA GLU B 296 -38.30 1.09 -2.97
C GLU B 296 -38.29 2.60 -3.13
N LEU B 297 -37.73 3.30 -2.15
CA LEU B 297 -37.61 4.74 -2.17
C LEU B 297 -36.16 5.12 -1.94
N ASP B 298 -35.63 6.00 -2.79
CA ASP B 298 -34.25 6.45 -2.72
C ASP B 298 -34.22 7.94 -2.45
N LEU B 299 -33.49 8.34 -1.40
CA LEU B 299 -33.34 9.74 -1.04
C LEU B 299 -31.92 10.07 -0.62
N SER B 300 -30.94 9.37 -1.20
CA SER B 300 -29.55 9.54 -0.81
C SER B 300 -28.97 10.82 -1.42
N GLN B 301 -27.86 11.27 -0.83
CA GLN B 301 -27.14 12.46 -1.27
C GLN B 301 -28.05 13.69 -1.31
N ASN B 302 -28.79 13.88 -0.22
CA ASN B 302 -29.68 15.01 -0.09
C ASN B 302 -29.38 15.80 1.18
N PHE B 303 -30.17 16.83 1.45
CA PHE B 303 -30.04 17.65 2.65
C PHE B 303 -31.20 17.41 3.61
N LEU B 304 -31.63 16.15 3.72
CA LEU B 304 -32.77 15.79 4.56
C LEU B 304 -32.36 15.40 5.98
N ALA B 305 -31.27 15.96 6.49
CA ALA B 305 -30.85 15.67 7.85
C ALA B 305 -31.90 16.13 8.86
N LYS B 306 -32.45 17.33 8.65
CA LYS B 306 -33.52 17.80 9.52
C LYS B 306 -34.83 17.07 9.24
N GLU B 307 -35.01 16.58 8.00
CA GLU B 307 -36.23 15.85 7.67
C GLU B 307 -36.26 14.47 8.33
N ILE B 308 -35.08 13.88 8.58
CA ILE B 308 -35.04 12.58 9.26
C ILE B 308 -35.60 12.71 10.67
N GLY B 309 -35.29 13.82 11.35
CA GLY B 309 -35.82 14.02 12.68
C GLY B 309 -37.33 14.14 12.73
N ASP B 310 -37.93 14.61 11.63
CA ASP B 310 -39.39 14.72 11.55
C ASP B 310 -39.99 13.48 10.87
N ALA B 311 -39.60 13.23 9.62
CA ALA B 311 -40.04 12.05 8.86
C ALA B 311 -41.57 11.94 8.84
N LYS B 312 -42.25 13.06 8.58
CA LYS B 312 -43.69 13.05 8.54
C LYS B 312 -44.23 12.29 7.33
N PHE B 313 -43.45 12.22 6.26
CA PHE B 313 -43.87 11.53 5.05
C PHE B 313 -43.85 10.00 5.19
N LEU B 314 -43.23 9.47 6.25
CA LEU B 314 -43.15 8.03 6.41
C LEU B 314 -44.49 7.41 6.80
N HIS B 315 -45.46 8.23 7.24
CA HIS B 315 -46.76 7.71 7.63
C HIS B 315 -47.60 7.27 6.44
N PHE B 316 -47.23 7.66 5.22
CA PHE B 316 -47.99 7.31 4.02
C PHE B 316 -47.32 6.21 3.20
N LEU B 317 -46.39 5.47 3.80
CA LEU B 317 -45.69 4.39 3.11
C LEU B 317 -45.77 3.13 3.97
N PRO B 318 -46.93 2.46 3.98
CA PRO B 318 -47.04 1.22 4.77
C PRO B 318 -46.48 0.00 4.08
N ASN B 319 -46.35 0.02 2.75
CA ASN B 319 -45.84 -1.11 1.99
C ASN B 319 -44.42 -0.90 1.51
N LEU B 320 -43.70 0.06 2.07
CA LEU B 320 -42.32 0.31 1.66
C LEU B 320 -41.42 -0.85 2.04
N ILE B 321 -40.57 -1.26 1.12
CA ILE B 321 -39.65 -2.38 1.31
C ILE B 321 -38.23 -1.88 1.56
N GLN B 322 -37.72 -1.02 0.67
CA GLN B 322 -36.37 -0.50 0.77
C GLN B 322 -36.42 1.01 0.93
N LEU B 323 -35.70 1.53 1.91
CA LEU B 323 -35.61 2.97 2.14
C LEU B 323 -34.13 3.37 2.18
N ASP B 324 -33.77 4.36 1.37
CA ASP B 324 -32.38 4.81 1.26
C ASP B 324 -32.30 6.27 1.69
N LEU B 325 -31.46 6.55 2.69
CA LEU B 325 -31.20 7.91 3.16
C LEU B 325 -29.71 8.09 3.40
N SER B 326 -28.89 7.60 2.48
CA SER B 326 -27.45 7.58 2.67
C SER B 326 -26.83 8.93 2.33
N PHE B 327 -25.87 9.34 3.16
CA PHE B 327 -25.05 10.53 2.91
C PHE B 327 -25.91 11.80 2.84
N ASN B 328 -26.58 12.08 3.96
CA ASN B 328 -27.38 13.29 4.13
C ASN B 328 -26.79 14.21 5.19
N PHE B 329 -25.47 14.14 5.40
CA PHE B 329 -24.83 14.94 6.42
C PHE B 329 -24.80 16.42 6.04
N GLU B 330 -24.89 17.27 7.05
CA GLU B 330 -24.82 18.71 6.84
C GLU B 330 -23.38 19.17 6.76
N LEU B 331 -23.16 20.30 6.09
CA LEU B 331 -21.82 20.85 5.93
C LEU B 331 -21.35 21.48 7.23
N GLN B 332 -20.13 21.12 7.65
CA GLN B 332 -19.50 21.66 8.85
C GLN B 332 -20.36 21.42 10.10
N VAL B 333 -21.04 20.28 10.14
CA VAL B 333 -21.91 19.92 11.27
C VAL B 333 -21.54 18.52 11.73
N TYR B 334 -21.25 18.38 13.02
CA TYR B 334 -20.95 17.09 13.64
C TYR B 334 -22.01 16.84 14.71
N ARG B 335 -23.00 16.02 14.39
CA ARG B 335 -24.09 15.76 15.31
C ARG B 335 -23.60 14.96 16.52
N ALA B 336 -24.19 15.25 17.68
CA ALA B 336 -23.81 14.53 18.89
C ALA B 336 -24.35 13.10 18.87
N SER B 337 -25.55 12.91 18.32
CA SER B 337 -26.17 11.59 18.27
C SER B 337 -27.15 11.56 17.11
N MET B 338 -27.52 10.34 16.72
CA MET B 338 -28.47 10.16 15.63
C MET B 338 -29.88 10.54 16.09
N ASN B 339 -30.57 11.33 15.27
CA ASN B 339 -31.93 11.79 15.57
C ASN B 339 -32.90 11.03 14.67
N LEU B 340 -33.46 9.96 15.20
CA LEU B 340 -34.42 9.12 14.48
C LEU B 340 -35.83 9.46 14.92
N SER B 341 -36.69 9.76 13.96
CA SER B 341 -38.08 10.12 14.27
C SER B 341 -38.88 8.90 14.70
N GLN B 342 -39.93 9.15 15.48
CA GLN B 342 -40.81 8.08 15.93
C GLN B 342 -41.70 7.55 14.82
N ALA B 343 -41.78 8.24 13.68
CA ALA B 343 -42.61 7.79 12.57
C ALA B 343 -42.02 6.59 11.84
N PHE B 344 -40.79 6.21 12.15
CA PHE B 344 -40.18 5.06 11.49
C PHE B 344 -40.87 3.75 11.85
N SER B 345 -41.66 3.73 12.93
CA SER B 345 -42.37 2.51 13.31
C SER B 345 -43.51 2.18 12.34
N SER B 346 -43.94 3.14 11.52
CA SER B 346 -45.01 2.90 10.57
C SER B 346 -44.55 2.07 9.38
N LEU B 347 -43.25 1.87 9.21
CA LEU B 347 -42.71 1.07 8.10
C LEU B 347 -42.77 -0.41 8.50
N LYS B 348 -43.99 -0.95 8.45
CA LYS B 348 -44.21 -2.33 8.86
C LYS B 348 -43.50 -3.30 7.91
N SER B 349 -43.55 -3.04 6.61
CA SER B 349 -42.98 -3.93 5.61
C SER B 349 -41.53 -3.60 5.27
N LEU B 350 -40.91 -2.69 6.00
CA LEU B 350 -39.53 -2.32 5.72
C LEU B 350 -38.60 -3.50 5.98
N LYS B 351 -37.67 -3.73 5.05
CA LYS B 351 -36.72 -4.83 5.15
C LYS B 351 -35.27 -4.34 5.19
N ILE B 352 -34.90 -3.44 4.30
CA ILE B 352 -33.54 -2.91 4.22
C ILE B 352 -33.59 -1.41 4.49
N LEU B 353 -32.78 -0.96 5.45
CA LEU B 353 -32.72 0.45 5.82
C LEU B 353 -31.25 0.89 5.86
N ARG B 354 -30.96 2.02 5.21
CA ARG B 354 -29.60 2.54 5.13
C ARG B 354 -29.58 3.96 5.67
N ILE B 355 -28.77 4.19 6.70
CA ILE B 355 -28.61 5.52 7.30
C ILE B 355 -27.14 5.92 7.21
N ARG B 356 -26.46 5.48 6.15
CA ARG B 356 -25.07 5.82 5.97
C ARG B 356 -24.90 7.32 5.73
N GLY B 357 -23.69 7.81 5.98
CA GLY B 357 -23.41 9.22 5.79
C GLY B 357 -24.15 10.15 6.70
N TYR B 358 -24.65 9.64 7.84
CA TYR B 358 -25.33 10.43 8.85
C TYR B 358 -24.43 10.69 10.05
N VAL B 359 -23.17 11.04 9.77
CA VAL B 359 -22.08 11.10 10.74
C VAL B 359 -22.52 11.73 12.06
N PHE B 360 -22.29 11.03 13.15
CA PHE B 360 -22.61 11.50 14.49
C PHE B 360 -21.64 10.89 15.48
N LYS B 361 -21.64 11.42 16.70
CA LYS B 361 -20.63 11.03 17.68
C LYS B 361 -20.97 9.73 18.38
N GLU B 362 -22.08 9.70 19.12
CA GLU B 362 -22.42 8.58 19.98
C GLU B 362 -23.75 7.97 19.57
N LEU B 363 -23.81 6.64 19.55
CA LEU B 363 -25.01 5.88 19.27
C LEU B 363 -25.51 5.23 20.55
N LYS B 364 -26.79 5.45 20.86
CA LYS B 364 -27.39 4.92 22.08
C LYS B 364 -28.51 3.95 21.74
N SER B 365 -28.90 3.16 22.74
CA SER B 365 -29.94 2.16 22.53
C SER B 365 -31.30 2.79 22.30
N PHE B 366 -31.60 3.88 23.02
CA PHE B 366 -32.90 4.52 22.89
C PHE B 366 -33.09 5.21 21.55
N GLN B 367 -32.00 5.47 20.82
CA GLN B 367 -32.12 6.09 19.50
C GLN B 367 -32.64 5.12 18.45
N LEU B 368 -32.58 3.82 18.71
CA LEU B 368 -33.09 2.81 17.80
C LEU B 368 -34.45 2.26 18.23
N SER B 369 -35.14 2.95 19.13
CA SER B 369 -36.45 2.48 19.59
C SER B 369 -37.49 2.39 18.48
N PRO B 370 -37.59 3.34 17.53
CA PRO B 370 -38.61 3.18 16.46
C PRO B 370 -38.41 1.93 15.62
N LEU B 371 -37.18 1.45 15.49
CA LEU B 371 -36.88 0.25 14.71
C LEU B 371 -37.05 -1.04 15.50
N HIS B 372 -37.42 -0.95 16.78
CA HIS B 372 -37.57 -2.15 17.59
C HIS B 372 -38.81 -2.95 17.19
N ASN B 373 -39.86 -2.27 16.71
CA ASN B 373 -41.11 -2.92 16.36
C ASN B 373 -41.16 -3.38 14.91
N LEU B 374 -40.08 -3.21 14.16
CA LEU B 374 -40.03 -3.62 12.75
C LEU B 374 -39.79 -5.13 12.70
N GLN B 375 -40.86 -5.90 12.52
CA GLN B 375 -40.72 -7.35 12.47
C GLN B 375 -40.06 -7.82 11.18
N ASN B 376 -40.32 -7.13 10.08
CA ASN B 376 -39.80 -7.53 8.78
C ASN B 376 -38.43 -6.93 8.48
N LEU B 377 -37.86 -6.17 9.40
CA LEU B 377 -36.54 -5.59 9.17
C LEU B 377 -35.47 -6.68 9.21
N GLU B 378 -34.64 -6.71 8.17
CA GLU B 378 -33.58 -7.71 8.05
C GLU B 378 -32.20 -7.10 8.00
N VAL B 379 -31.98 -6.08 7.18
CA VAL B 379 -30.68 -5.45 7.01
C VAL B 379 -30.77 -4.01 7.51
N LEU B 380 -29.86 -3.65 8.41
CA LEU B 380 -29.77 -2.30 8.94
C LEU B 380 -28.37 -1.77 8.66
N ASP B 381 -28.28 -0.76 7.80
CA ASP B 381 -27.00 -0.20 7.39
C ASP B 381 -26.71 1.07 8.19
N LEU B 382 -25.57 1.09 8.87
CA LEU B 382 -25.16 2.25 9.66
C LEU B 382 -23.68 2.58 9.46
N GLY B 383 -23.08 2.13 8.37
CA GLY B 383 -21.66 2.37 8.15
C GLY B 383 -21.36 3.76 7.65
N THR B 384 -20.08 4.11 7.70
CA THR B 384 -19.57 5.41 7.30
C THR B 384 -20.30 6.52 8.05
N ASN B 385 -20.20 6.47 9.38
CA ASN B 385 -20.83 7.44 10.25
C ASN B 385 -19.91 7.97 11.33
N PHE B 386 -18.67 7.47 11.42
CA PHE B 386 -17.69 7.93 12.40
C PHE B 386 -18.25 7.87 13.83
N ILE B 387 -18.97 6.78 14.12
CA ILE B 387 -19.54 6.61 15.45
C ILE B 387 -18.42 6.32 16.44
N LYS B 388 -18.37 7.10 17.52
CA LYS B 388 -17.31 6.96 18.51
C LYS B 388 -17.70 5.99 19.61
N ILE B 389 -18.82 6.25 20.29
CA ILE B 389 -19.29 5.42 21.39
C ILE B 389 -20.51 4.65 20.90
N ALA B 390 -20.46 3.32 21.03
CA ALA B 390 -21.57 2.47 20.61
C ALA B 390 -21.53 1.20 21.43
N ASN B 391 -22.51 1.02 22.30
CA ASN B 391 -22.59 -0.16 23.15
C ASN B 391 -23.08 -1.35 22.31
N LEU B 392 -22.25 -2.39 22.21
CA LEU B 392 -22.60 -3.55 21.41
C LEU B 392 -23.74 -4.36 22.03
N SER B 393 -24.00 -4.19 23.32
CA SER B 393 -25.08 -4.92 23.97
C SER B 393 -26.46 -4.41 23.58
N MET B 394 -26.56 -3.25 22.94
CA MET B 394 -27.85 -2.71 22.51
C MET B 394 -28.44 -3.47 21.35
N PHE B 395 -27.67 -4.32 20.68
CA PHE B 395 -28.15 -5.08 19.53
C PHE B 395 -28.79 -6.41 19.93
N LYS B 396 -28.91 -6.69 21.22
CA LYS B 396 -29.53 -7.93 21.65
C LYS B 396 -31.01 -8.00 21.29
N GLN B 397 -31.66 -6.83 21.15
CA GLN B 397 -33.06 -6.80 20.77
C GLN B 397 -33.28 -7.07 19.29
N PHE B 398 -32.25 -6.89 18.46
CA PHE B 398 -32.34 -7.13 17.02
C PHE B 398 -31.94 -8.55 16.65
N LYS B 399 -32.59 -9.53 17.29
CA LYS B 399 -32.29 -10.93 16.97
C LYS B 399 -32.81 -11.31 15.59
N ARG B 400 -33.95 -10.74 15.19
CA ARG B 400 -34.52 -11.04 13.88
C ARG B 400 -33.74 -10.39 12.73
N LEU B 401 -32.86 -9.46 13.03
CA LEU B 401 -32.07 -8.80 11.98
C LEU B 401 -31.09 -9.78 11.37
N LYS B 402 -30.92 -9.70 10.05
CA LYS B 402 -30.01 -10.60 9.33
C LYS B 402 -28.61 -10.01 9.21
N VAL B 403 -28.50 -8.77 8.73
CA VAL B 403 -27.21 -8.12 8.53
C VAL B 403 -27.22 -6.79 9.29
N ILE B 404 -26.21 -6.59 10.12
CA ILE B 404 -26.02 -5.34 10.86
C ILE B 404 -24.69 -4.74 10.43
N ASP B 405 -24.71 -3.47 10.05
CA ASP B 405 -23.54 -2.79 9.50
C ASP B 405 -22.83 -2.01 10.60
N LEU B 406 -21.56 -2.36 10.83
CA LEU B 406 -20.68 -1.69 11.78
C LEU B 406 -19.36 -1.36 11.09
N SER B 407 -19.47 -0.65 9.98
CA SER B 407 -18.40 -0.48 9.00
C SER B 407 -17.30 0.48 9.46
N VAL B 408 -16.58 1.05 8.50
CA VAL B 408 -15.31 1.75 8.69
C VAL B 408 -15.36 2.84 9.76
N ASN B 409 -16.55 3.14 10.28
CA ASN B 409 -16.68 4.09 11.38
C ASN B 409 -15.78 3.72 12.55
N LYS B 410 -15.53 4.67 13.44
CA LYS B 410 -14.48 4.56 14.45
C LYS B 410 -14.98 4.04 15.79
N ILE B 411 -15.92 3.08 15.77
CA ILE B 411 -16.39 2.50 17.02
C ILE B 411 -15.24 1.81 17.73
N SER B 412 -15.07 2.12 19.00
CA SER B 412 -13.98 1.61 19.83
C SER B 412 -14.56 0.84 21.00
N PRO B 413 -13.78 -0.06 21.60
CA PRO B 413 -14.26 -0.80 22.77
C PRO B 413 -14.59 0.15 23.93
N SER B 414 -15.59 -0.24 24.71
CA SER B 414 -16.03 0.59 25.81
C SER B 414 -14.95 0.67 26.90
N GLY B 415 -14.78 1.86 27.46
CA GLY B 415 -13.81 2.10 28.50
C GLY B 415 -14.37 1.89 29.89
N ASP B 416 -13.55 2.21 30.88
CA ASP B 416 -13.94 2.07 32.28
C ASP B 416 -14.51 3.38 32.82
N SER B 452 -19.36 1.78 -20.23
CA SER B 452 -20.51 0.89 -20.25
C SER B 452 -20.59 0.12 -21.56
N CYS B 453 -19.42 -0.19 -22.13
CA CYS B 453 -19.39 -0.94 -23.39
C CYS B 453 -19.89 -2.36 -23.20
N ARG B 454 -19.55 -3.00 -22.07
CA ARG B 454 -19.99 -4.35 -21.79
C ARG B 454 -21.40 -4.31 -21.20
N PHE B 455 -21.86 -5.45 -20.68
CA PHE B 455 -23.17 -5.62 -20.05
C PHE B 455 -24.31 -5.47 -21.06
N LYS B 456 -25.44 -6.12 -20.79
CA LYS B 456 -26.59 -6.05 -21.68
C LYS B 456 -27.90 -5.73 -20.96
N ASN B 457 -27.94 -5.81 -19.63
CA ASN B 457 -29.17 -5.49 -18.91
C ASN B 457 -29.48 -4.01 -18.89
N LYS B 458 -28.50 -3.16 -19.20
CA LYS B 458 -28.67 -1.71 -19.24
C LYS B 458 -29.19 -1.17 -17.92
N GLU B 459 -30.46 -0.75 -17.89
CA GLU B 459 -31.06 -0.19 -16.68
C GLU B 459 -31.41 -1.33 -15.73
N ALA B 460 -30.57 -1.53 -14.72
CA ALA B 460 -30.78 -2.57 -13.73
C ALA B 460 -30.54 -2.00 -12.34
N SER B 461 -31.19 -2.60 -11.35
CA SER B 461 -31.03 -2.17 -9.98
C SER B 461 -29.66 -2.55 -9.44
N PHE B 462 -29.21 -1.83 -8.43
CA PHE B 462 -27.91 -2.09 -7.82
C PHE B 462 -27.96 -3.42 -7.07
N THR B 463 -26.96 -4.26 -7.31
CA THR B 463 -26.86 -5.55 -6.64
C THR B 463 -25.99 -5.43 -5.39
N SER B 464 -26.56 -5.76 -4.25
CA SER B 464 -25.82 -5.68 -3.00
C SER B 464 -24.68 -6.70 -2.98
N VAL B 465 -23.59 -6.32 -2.33
CA VAL B 465 -22.42 -7.19 -2.24
C VAL B 465 -22.77 -8.37 -1.33
N GLN B 466 -22.96 -9.54 -1.92
CA GLN B 466 -23.32 -10.75 -1.17
C GLN B 466 -22.04 -11.37 -0.62
N GLU B 467 -21.69 -11.00 0.61
CA GLU B 467 -20.51 -11.55 1.26
C GLU B 467 -20.72 -13.02 1.60
N SER B 468 -19.62 -13.74 1.72
CA SER B 468 -19.68 -15.16 2.04
C SER B 468 -20.14 -15.41 3.47
N CYS B 469 -20.12 -14.38 4.33
CA CYS B 469 -20.53 -14.52 5.72
C CYS B 469 -22.01 -14.25 5.94
N TYR B 470 -22.73 -13.81 4.91
CA TYR B 470 -24.15 -13.50 5.07
C TYR B 470 -25.01 -14.77 5.11
N LYS B 471 -24.61 -15.81 4.39
CA LYS B 471 -25.41 -17.03 4.31
C LYS B 471 -25.37 -17.84 5.60
N TYR B 472 -24.49 -17.51 6.54
CA TYR B 472 -24.37 -18.27 7.78
C TYR B 472 -25.35 -17.81 8.85
N GLY B 473 -26.06 -16.71 8.63
CA GLY B 473 -27.02 -16.22 9.61
C GLY B 473 -26.84 -14.77 9.97
N GLN B 474 -26.95 -14.45 11.26
CA GLN B 474 -26.77 -13.07 11.71
C GLN B 474 -25.33 -12.64 11.49
N THR B 475 -25.16 -11.43 10.96
CA THR B 475 -23.85 -10.91 10.60
C THR B 475 -23.64 -9.56 11.27
N LEU B 476 -22.49 -9.40 11.93
CA LEU B 476 -22.08 -8.14 12.55
C LEU B 476 -20.76 -7.75 11.91
N ASP B 477 -20.84 -7.03 10.79
CA ASP B 477 -19.66 -6.64 10.02
C ASP B 477 -18.98 -5.47 10.73
N LEU B 478 -18.04 -5.80 11.62
CA LEU B 478 -17.27 -4.81 12.36
C LEU B 478 -15.94 -4.48 11.70
N SER B 479 -15.87 -4.56 10.38
CA SER B 479 -14.60 -4.39 9.68
C SER B 479 -14.16 -2.92 9.67
N LYS B 480 -12.84 -2.72 9.69
CA LYS B 480 -12.23 -1.40 9.58
C LYS B 480 -12.69 -0.45 10.70
N ASN B 481 -12.92 -1.01 11.88
CA ASN B 481 -13.34 -0.21 13.02
C ASN B 481 -12.12 0.20 13.84
N SER B 482 -12.36 1.00 14.88
CA SER B 482 -11.30 1.48 15.75
C SER B 482 -11.03 0.57 16.94
N ILE B 483 -11.34 -0.72 16.82
CA ILE B 483 -11.11 -1.66 17.90
C ILE B 483 -9.67 -2.13 17.85
N PHE B 484 -8.96 -1.99 18.97
CA PHE B 484 -7.57 -2.42 19.07
C PHE B 484 -7.36 -3.57 20.04
N PHE B 485 -8.38 -3.93 20.83
CA PHE B 485 -8.28 -5.07 21.73
C PHE B 485 -9.68 -5.60 22.00
N ILE B 486 -9.76 -6.89 22.29
CA ILE B 486 -11.02 -7.61 22.40
C ILE B 486 -11.26 -7.98 23.86
N LYS B 487 -12.45 -7.70 24.36
CA LYS B 487 -12.86 -8.06 25.71
C LYS B 487 -14.10 -8.94 25.64
N SER B 488 -14.21 -9.86 26.60
CA SER B 488 -15.37 -10.75 26.64
C SER B 488 -16.64 -10.01 27.05
N SER B 489 -16.50 -8.94 27.85
CA SER B 489 -17.68 -8.20 28.30
C SER B 489 -18.28 -7.36 27.19
N ASP B 490 -17.46 -6.94 26.21
CA ASP B 490 -17.98 -6.12 25.12
C ASP B 490 -18.96 -6.91 24.25
N PHE B 491 -18.65 -8.17 23.97
CA PHE B 491 -19.49 -9.02 23.14
C PHE B 491 -20.56 -9.75 23.93
N GLN B 492 -20.92 -9.25 25.11
CA GLN B 492 -21.94 -9.89 25.92
C GLN B 492 -23.32 -9.69 25.30
N HIS B 493 -24.24 -10.60 25.63
CA HIS B 493 -25.60 -10.60 25.11
C HIS B 493 -25.64 -10.66 23.59
N LEU B 494 -24.68 -11.39 23.00
CA LEU B 494 -24.59 -11.53 21.56
C LEU B 494 -24.37 -13.00 21.19
N SER B 495 -25.05 -13.91 21.89
CA SER B 495 -24.91 -15.33 21.63
C SER B 495 -25.59 -15.76 20.34
N PHE B 496 -26.44 -14.92 19.76
CA PHE B 496 -27.14 -15.24 18.51
C PHE B 496 -26.35 -14.85 17.27
N LEU B 497 -25.15 -14.31 17.43
CA LEU B 497 -24.35 -13.87 16.30
C LEU B 497 -23.71 -15.08 15.62
N LYS B 498 -24.12 -15.34 14.38
CA LYS B 498 -23.56 -16.43 13.60
C LYS B 498 -22.41 -15.99 12.70
N CYS B 499 -22.10 -14.69 12.66
CA CYS B 499 -21.02 -14.17 11.84
C CYS B 499 -20.40 -12.97 12.53
N LEU B 500 -19.13 -12.73 12.23
CA LEU B 500 -18.41 -11.59 12.81
C LEU B 500 -17.23 -11.27 11.93
N ASN B 501 -17.21 -10.07 11.35
CA ASN B 501 -16.14 -9.61 10.49
C ASN B 501 -15.32 -8.56 11.23
N LEU B 502 -13.99 -8.73 11.20
CA LEU B 502 -13.08 -7.79 11.85
C LEU B 502 -11.89 -7.47 10.95
N SER B 503 -12.14 -7.32 9.65
CA SER B 503 -11.07 -7.03 8.72
C SER B 503 -10.66 -5.57 8.78
N GLY B 504 -9.35 -5.32 8.84
CA GLY B 504 -8.83 -3.97 8.88
C GLY B 504 -8.85 -3.30 10.23
N ASN B 505 -9.25 -4.01 11.28
CA ASN B 505 -9.28 -3.41 12.61
C ASN B 505 -7.90 -3.21 13.20
N LEU B 506 -6.90 -3.95 12.72
CA LEU B 506 -5.52 -3.85 13.19
C LEU B 506 -5.44 -4.08 14.70
N ILE B 507 -5.91 -5.25 15.12
CA ILE B 507 -5.93 -5.63 16.52
C ILE B 507 -4.64 -6.37 16.84
N SER B 508 -3.92 -5.89 17.85
CA SER B 508 -2.69 -6.51 18.32
C SER B 508 -3.00 -7.18 19.66
N GLN B 509 -3.30 -8.48 19.61
CA GLN B 509 -3.68 -9.21 20.81
C GLN B 509 -3.13 -10.63 20.72
N THR B 510 -2.89 -11.22 21.89
CA THR B 510 -2.43 -12.61 22.01
C THR B 510 -3.57 -13.40 22.65
N LEU B 511 -4.45 -13.93 21.82
CA LEU B 511 -5.60 -14.68 22.32
C LEU B 511 -5.16 -16.00 22.94
N ASN B 512 -5.78 -16.35 24.07
CA ASN B 512 -5.48 -17.59 24.77
C ASN B 512 -6.71 -18.45 25.00
N GLY B 513 -7.85 -18.10 24.41
CA GLY B 513 -9.04 -18.89 24.50
C GLY B 513 -10.14 -18.36 25.41
N SER B 514 -10.18 -17.05 25.65
CA SER B 514 -11.21 -16.49 26.51
C SER B 514 -11.80 -15.18 25.99
N GLU B 515 -11.33 -14.65 24.87
CA GLU B 515 -11.83 -13.36 24.38
C GLU B 515 -13.26 -13.47 23.87
N PHE B 516 -13.52 -14.46 23.01
CA PHE B 516 -14.85 -14.64 22.43
C PHE B 516 -15.68 -15.64 23.22
N GLN B 517 -15.75 -15.43 24.54
CA GLN B 517 -16.53 -16.34 25.38
C GLN B 517 -18.02 -16.30 25.08
N PRO B 518 -18.69 -15.14 25.00
CA PRO B 518 -20.14 -15.16 24.72
C PRO B 518 -20.49 -15.69 23.34
N LEU B 519 -19.56 -15.70 22.40
CA LEU B 519 -19.83 -16.16 21.03
C LEU B 519 -19.81 -17.69 21.00
N ALA B 520 -20.82 -18.28 21.65
CA ALA B 520 -20.94 -19.73 21.69
C ALA B 520 -21.47 -20.30 20.39
N GLU B 521 -22.38 -19.59 19.72
CA GLU B 521 -22.99 -20.06 18.48
C GLU B 521 -22.32 -19.49 17.24
N LEU B 522 -21.18 -18.81 17.39
CA LEU B 522 -20.49 -18.23 16.24
C LEU B 522 -19.92 -19.35 15.36
N ARG B 523 -20.16 -19.23 14.06
CA ARG B 523 -19.68 -20.20 13.08
C ARG B 523 -18.64 -19.66 12.12
N TYR B 524 -18.67 -18.35 11.85
CA TYR B 524 -17.73 -17.72 10.93
C TYR B 524 -17.08 -16.54 11.62
N LEU B 525 -15.75 -16.50 11.61
CA LEU B 525 -14.98 -15.42 12.23
C LEU B 525 -13.93 -14.93 11.24
N ASP B 526 -13.86 -13.62 11.05
CA ASP B 526 -12.90 -13.00 10.15
C ASP B 526 -11.94 -12.13 10.96
N PHE B 527 -10.64 -12.34 10.77
CA PHE B 527 -9.60 -11.61 11.47
C PHE B 527 -8.53 -11.14 10.48
N SER B 528 -8.95 -10.77 9.27
CA SER B 528 -8.01 -10.34 8.25
C SER B 528 -7.48 -8.94 8.56
N ASN B 529 -6.29 -8.66 8.01
CA ASN B 529 -5.65 -7.35 8.15
C ASN B 529 -5.47 -6.97 9.62
N ASN B 530 -5.09 -7.94 10.44
CA ASN B 530 -4.86 -7.73 11.86
C ASN B 530 -3.45 -8.17 12.23
N ARG B 531 -3.16 -8.15 13.53
CA ARG B 531 -1.86 -8.53 14.07
C ARG B 531 -2.10 -9.57 15.15
N LEU B 532 -2.20 -10.83 14.76
CA LEU B 532 -2.47 -11.93 15.68
C LEU B 532 -1.17 -12.62 16.07
N ASP B 533 -0.93 -12.72 17.38
CA ASP B 533 0.24 -13.38 17.91
C ASP B 533 -0.14 -14.80 18.34
N LEU B 534 0.34 -15.79 17.60
CA LEU B 534 0.02 -17.19 17.89
C LEU B 534 1.02 -17.77 18.89
N LEU B 535 1.08 -17.15 20.06
CA LEU B 535 1.97 -17.59 21.13
C LEU B 535 1.40 -18.73 21.95
N HIS B 536 0.12 -19.04 21.80
CA HIS B 536 -0.53 -20.12 22.54
C HIS B 536 -1.35 -20.97 21.59
N SER B 537 -1.41 -22.27 21.90
CA SER B 537 -2.18 -23.22 21.10
C SER B 537 -3.65 -23.30 21.52
N THR B 538 -4.05 -22.55 22.54
CA THR B 538 -5.42 -22.55 23.03
C THR B 538 -6.28 -21.47 22.39
N ALA B 539 -5.79 -20.82 21.34
CA ALA B 539 -6.56 -19.77 20.68
C ALA B 539 -7.78 -20.37 19.98
N PHE B 540 -8.90 -19.64 20.07
CA PHE B 540 -10.17 -20.05 19.46
C PHE B 540 -10.65 -21.40 20.01
N GLU B 541 -10.29 -21.71 21.25
CA GLU B 541 -10.74 -22.97 21.85
C GLU B 541 -12.20 -22.89 22.28
N GLU B 542 -12.62 -21.73 22.78
CA GLU B 542 -13.99 -21.55 23.23
C GLU B 542 -15.00 -21.51 22.08
N LEU B 543 -14.54 -21.32 20.84
CA LEU B 543 -15.42 -21.30 19.67
C LEU B 543 -15.75 -22.75 19.31
N ARG B 544 -16.69 -23.33 20.05
CA ARG B 544 -17.05 -24.73 19.84
C ARG B 544 -17.77 -24.93 18.52
N LYS B 545 -18.58 -23.97 18.10
CA LYS B 545 -19.38 -24.07 16.89
C LYS B 545 -18.76 -23.37 15.70
N LEU B 546 -17.51 -22.94 15.81
CA LEU B 546 -16.86 -22.26 14.69
C LEU B 546 -16.60 -23.24 13.55
N GLU B 547 -16.84 -22.79 12.32
CA GLU B 547 -16.66 -23.60 11.13
C GLU B 547 -15.58 -23.05 10.20
N VAL B 548 -15.59 -21.75 9.93
CA VAL B 548 -14.64 -21.11 9.04
C VAL B 548 -13.90 -20.03 9.82
N LEU B 549 -12.57 -20.05 9.75
CA LEU B 549 -11.72 -19.07 10.42
C LEU B 549 -10.80 -18.41 9.41
N ASP B 550 -10.71 -17.09 9.46
CA ASP B 550 -9.88 -16.30 8.56
C ASP B 550 -8.88 -15.51 9.40
N ILE B 551 -7.59 -15.86 9.27
CA ILE B 551 -6.53 -15.15 9.97
C ILE B 551 -5.53 -14.63 8.96
N SER B 552 -6.00 -14.29 7.76
CA SER B 552 -5.14 -13.84 6.69
C SER B 552 -4.62 -12.43 6.97
N SER B 553 -3.61 -12.03 6.19
CA SER B 553 -3.01 -10.69 6.27
C SER B 553 -2.53 -10.37 7.68
N ASN B 554 -1.90 -11.35 8.33
CA ASN B 554 -1.33 -11.20 9.66
C ASN B 554 0.19 -11.40 9.61
N SER B 555 0.83 -10.84 8.58
CA SER B 555 2.25 -11.05 8.37
C SER B 555 3.13 -10.34 9.38
N HIS B 556 2.59 -9.41 10.17
CA HIS B 556 3.40 -8.63 11.09
C HIS B 556 4.10 -9.51 12.12
N TYR B 557 3.33 -10.32 12.84
CA TYR B 557 3.93 -11.18 13.86
C TYR B 557 4.58 -12.42 13.25
N PHE B 558 4.08 -12.88 12.10
CA PHE B 558 4.62 -14.08 11.49
C PHE B 558 5.96 -13.81 10.79
N GLN B 559 6.26 -12.55 10.47
CA GLN B 559 7.53 -12.25 9.83
C GLN B 559 8.70 -12.36 10.80
N SER B 560 8.47 -12.09 12.08
CA SER B 560 9.52 -12.19 13.07
C SER B 560 9.94 -13.64 13.27
N GLU B 561 11.24 -13.85 13.48
CA GLU B 561 11.79 -15.18 13.67
C GLU B 561 12.27 -15.35 15.12
N GLY B 562 12.09 -16.55 15.65
CA GLY B 562 12.49 -16.87 17.01
C GLY B 562 11.35 -16.91 18.01
N ILE B 563 10.19 -16.38 17.66
CA ILE B 563 9.04 -16.40 18.56
C ILE B 563 8.21 -17.65 18.29
N THR B 564 7.44 -18.06 19.29
CA THR B 564 6.63 -19.26 19.16
C THR B 564 5.48 -19.04 18.17
N HIS B 565 5.24 -20.06 17.34
CA HIS B 565 4.16 -20.04 16.35
C HIS B 565 3.41 -21.36 16.46
N MET B 566 2.39 -21.40 17.31
CA MET B 566 1.61 -22.61 17.53
C MET B 566 0.65 -22.80 16.37
N LEU B 567 1.04 -23.64 15.41
CA LEU B 567 0.21 -23.93 14.26
C LEU B 567 -0.77 -25.07 14.50
N ASN B 568 -0.70 -25.74 15.65
CA ASN B 568 -1.60 -26.84 15.99
C ASN B 568 -2.82 -26.37 16.77
N PHE B 569 -3.20 -25.10 16.65
CA PHE B 569 -4.36 -24.59 17.36
C PHE B 569 -5.68 -25.08 16.79
N THR B 570 -5.67 -25.70 15.61
CA THR B 570 -6.89 -26.22 15.00
C THR B 570 -7.35 -27.53 15.60
N LYS B 571 -6.54 -28.14 16.48
CA LYS B 571 -6.96 -29.39 17.11
C LYS B 571 -8.18 -29.20 18.01
N ASN B 572 -8.22 -28.08 18.74
CA ASN B 572 -9.35 -27.83 19.62
C ASN B 572 -10.64 -27.58 18.84
N LEU B 573 -10.53 -27.04 17.63
CA LEU B 573 -11.70 -26.78 16.80
C LEU B 573 -12.23 -28.10 16.26
N LYS B 574 -13.32 -28.59 16.86
CA LYS B 574 -13.84 -29.91 16.51
C LYS B 574 -14.62 -29.89 15.20
N VAL B 575 -15.33 -28.81 14.90
CA VAL B 575 -16.18 -28.74 13.73
C VAL B 575 -15.66 -27.73 12.71
N LEU B 576 -14.37 -27.41 12.75
CA LEU B 576 -13.79 -26.51 11.77
C LEU B 576 -13.79 -27.16 10.39
N GLN B 577 -14.19 -26.39 9.38
CA GLN B 577 -14.30 -26.89 8.02
C GLN B 577 -13.32 -26.21 7.07
N LYS B 578 -13.21 -24.89 7.12
CA LYS B 578 -12.33 -24.14 6.24
C LYS B 578 -11.46 -23.21 7.06
N LEU B 579 -10.17 -23.16 6.73
CA LEU B 579 -9.22 -22.30 7.41
C LEU B 579 -8.43 -21.52 6.36
N MET B 580 -8.51 -20.19 6.43
CA MET B 580 -7.84 -19.31 5.48
C MET B 580 -6.79 -18.51 6.23
N MET B 581 -5.52 -18.84 6.00
CA MET B 581 -4.40 -18.14 6.62
C MET B 581 -3.37 -17.70 5.58
N ASN B 582 -3.85 -17.36 4.39
CA ASN B 582 -2.96 -16.99 3.29
C ASN B 582 -2.42 -15.57 3.51
N ASP B 583 -1.39 -15.24 2.73
CA ASP B 583 -0.73 -13.93 2.79
C ASP B 583 -0.24 -13.60 4.19
N ASN B 584 0.31 -14.61 4.86
CA ASN B 584 0.85 -14.45 6.22
C ASN B 584 2.37 -14.48 6.26
N ASP B 585 3.03 -14.95 5.20
CA ASP B 585 4.49 -15.01 5.14
C ASP B 585 5.06 -15.80 6.32
N ILE B 586 4.45 -16.95 6.60
CA ILE B 586 4.89 -17.80 7.70
C ILE B 586 6.18 -18.49 7.30
N SER B 587 7.24 -18.26 8.07
CA SER B 587 8.55 -18.84 7.80
C SER B 587 9.00 -19.86 8.83
N SER B 588 8.44 -19.82 10.04
CA SER B 588 8.80 -20.76 11.09
C SER B 588 7.54 -21.15 11.86
N SER B 589 7.58 -22.34 12.45
CA SER B 589 6.44 -22.85 13.22
C SER B 589 6.97 -23.70 14.36
N THR B 590 6.57 -23.37 15.59
CA THR B 590 6.99 -24.15 16.74
C THR B 590 6.40 -25.56 16.69
N SER B 591 5.12 -25.67 16.36
CA SER B 591 4.47 -26.97 16.26
C SER B 591 5.01 -27.74 15.06
N ARG B 592 5.35 -29.01 15.27
CA ARG B 592 5.88 -29.83 14.19
C ARG B 592 4.80 -30.16 13.16
N THR B 593 3.60 -30.49 13.62
CA THR B 593 2.50 -30.88 12.74
C THR B 593 1.23 -30.14 13.15
N MET B 594 0.33 -30.02 12.18
CA MET B 594 -0.98 -29.41 12.40
C MET B 594 -2.04 -30.50 12.45
N GLU B 595 -2.84 -30.51 13.52
CA GLU B 595 -3.83 -31.55 13.74
C GLU B 595 -5.24 -30.96 13.60
N SER B 596 -6.07 -31.64 12.83
CA SER B 596 -7.47 -31.24 12.66
C SER B 596 -8.25 -32.44 12.14
N GLU B 597 -9.28 -32.85 12.88
CA GLU B 597 -10.07 -34.02 12.53
C GLU B 597 -11.27 -33.69 11.64
N SER B 598 -11.50 -32.42 11.32
CA SER B 598 -12.62 -32.04 10.48
C SER B 598 -12.29 -31.01 9.40
N LEU B 599 -11.07 -30.50 9.36
CA LEU B 599 -10.72 -29.49 8.37
C LEU B 599 -10.73 -30.11 6.97
N ARG B 600 -11.37 -29.41 6.03
CA ARG B 600 -11.47 -29.86 4.66
C ARG B 600 -10.80 -28.94 3.65
N THR B 601 -10.80 -27.63 3.88
CA THR B 601 -10.18 -26.67 2.99
C THR B 601 -9.18 -25.84 3.76
N LEU B 602 -7.96 -25.72 3.23
CA LEU B 602 -6.89 -24.94 3.85
C LEU B 602 -6.20 -24.11 2.79
N GLU B 603 -6.05 -22.82 3.07
CA GLU B 603 -5.37 -21.89 2.17
C GLU B 603 -4.07 -21.44 2.82
N PHE B 604 -2.96 -21.62 2.10
CA PHE B 604 -1.64 -21.28 2.60
C PHE B 604 -0.84 -20.55 1.52
N ARG B 605 -1.48 -19.64 0.81
CA ARG B 605 -0.84 -18.93 -0.28
C ARG B 605 -0.13 -17.67 0.23
N GLY B 606 0.88 -17.25 -0.53
CA GLY B 606 1.63 -16.05 -0.16
C GLY B 606 2.41 -16.19 1.13
N ASN B 607 2.98 -17.37 1.38
CA ASN B 607 3.76 -17.63 2.57
C ASN B 607 5.18 -18.02 2.17
N HIS B 608 5.97 -18.43 3.15
CA HIS B 608 7.37 -18.83 2.94
C HIS B 608 7.49 -20.31 3.31
N LEU B 609 7.20 -21.18 2.36
CA LEU B 609 7.33 -22.62 2.57
C LEU B 609 8.69 -23.16 2.15
N ASP B 610 9.52 -22.34 1.51
CA ASP B 610 10.86 -22.80 1.13
C ASP B 610 11.74 -22.99 2.35
N VAL B 611 11.66 -22.08 3.32
CA VAL B 611 12.46 -22.21 4.53
C VAL B 611 11.95 -23.38 5.37
N LEU B 612 10.64 -23.59 5.40
CA LEU B 612 10.08 -24.73 6.14
C LEU B 612 10.51 -26.05 5.52
N TRP B 613 10.55 -26.12 4.20
CA TRP B 613 10.96 -27.32 3.48
C TRP B 613 12.37 -27.19 2.92
N ARG B 614 13.26 -26.53 3.66
CA ARG B 614 14.64 -26.35 3.22
C ARG B 614 15.37 -27.69 3.20
N ASP B 615 16.39 -27.77 2.34
CA ASP B 615 17.18 -28.99 2.23
C ASP B 615 17.89 -29.27 3.55
N GLY B 616 17.84 -30.53 3.98
CA GLY B 616 18.41 -30.94 5.24
C GLY B 616 17.53 -30.73 6.45
N ASP B 617 16.32 -30.19 6.27
CA ASP B 617 15.39 -29.94 7.36
C ASP B 617 14.13 -30.76 7.08
N ASN B 618 14.01 -31.92 7.72
CA ASN B 618 12.85 -32.79 7.54
C ASN B 618 11.85 -32.69 8.69
N ARG B 619 11.98 -31.67 9.54
CA ARG B 619 11.06 -31.52 10.67
C ARG B 619 9.65 -31.21 10.20
N TYR B 620 9.51 -30.36 9.18
CA TYR B 620 8.20 -29.92 8.71
C TYR B 620 7.80 -30.60 7.40
N LEU B 621 8.32 -31.81 7.14
CA LEU B 621 7.94 -32.51 5.92
C LEU B 621 6.49 -32.98 5.97
N GLN B 622 6.10 -33.61 7.07
CA GLN B 622 4.72 -34.08 7.25
C GLN B 622 3.88 -33.06 8.00
N LEU B 623 3.86 -31.83 7.50
CA LEU B 623 3.09 -30.78 8.17
C LEU B 623 1.59 -31.00 8.04
N PHE B 624 1.15 -31.49 6.88
CA PHE B 624 -0.27 -31.70 6.61
C PHE B 624 -0.67 -33.16 6.70
N LYS B 625 0.18 -34.02 7.29
CA LYS B 625 -0.13 -35.43 7.37
C LYS B 625 -1.29 -35.70 8.31
N ASN B 626 -1.33 -35.01 9.46
CA ASN B 626 -2.37 -35.25 10.44
C ASN B 626 -3.74 -34.76 10.01
N LEU B 627 -3.82 -33.96 8.94
CA LEU B 627 -5.10 -33.48 8.42
C LEU B 627 -5.73 -34.60 7.59
N LEU B 628 -6.40 -35.52 8.30
CA LEU B 628 -6.98 -36.69 7.66
C LEU B 628 -8.11 -36.31 6.71
N LYS B 629 -8.95 -35.36 7.11
CA LYS B 629 -10.12 -34.99 6.33
C LYS B 629 -9.84 -33.86 5.34
N LEU B 630 -8.60 -33.40 5.22
CA LEU B 630 -8.27 -32.34 4.29
C LEU B 630 -8.44 -32.82 2.85
N GLU B 631 -9.07 -31.99 2.03
CA GLU B 631 -9.32 -32.31 0.64
C GLU B 631 -8.83 -31.26 -0.35
N GLU B 632 -8.68 -30.00 0.06
CA GLU B 632 -8.24 -28.93 -0.82
C GLU B 632 -7.05 -28.22 -0.21
N LEU B 633 -6.00 -28.04 -1.01
CA LEU B 633 -4.80 -27.34 -0.60
C LEU B 633 -4.52 -26.21 -1.57
N ASP B 634 -4.10 -25.06 -1.03
CA ASP B 634 -3.87 -23.85 -1.82
C ASP B 634 -2.51 -23.26 -1.49
N ILE B 635 -1.48 -24.11 -1.48
CA ILE B 635 -0.11 -23.65 -1.25
C ILE B 635 0.47 -23.09 -2.54
N SER B 636 0.37 -21.78 -2.72
CA SER B 636 0.80 -21.13 -3.94
C SER B 636 1.55 -19.85 -3.58
N LYS B 637 2.34 -19.36 -4.55
CA LYS B 637 3.14 -18.14 -4.38
C LYS B 637 4.04 -18.23 -3.15
N ASN B 638 4.60 -19.41 -2.92
CA ASN B 638 5.45 -19.68 -1.77
C ASN B 638 6.94 -19.60 -2.10
N SER B 639 7.29 -19.18 -3.32
CA SER B 639 8.69 -19.07 -3.75
C SER B 639 9.42 -20.40 -3.60
N LEU B 640 8.73 -21.49 -3.93
CA LEU B 640 9.30 -22.84 -3.83
C LEU B 640 10.08 -23.12 -5.10
N SER B 641 11.41 -23.01 -5.02
CA SER B 641 12.25 -23.29 -6.19
C SER B 641 12.16 -24.76 -6.59
N PHE B 642 12.13 -25.65 -5.60
CA PHE B 642 12.04 -27.08 -5.87
C PHE B 642 11.32 -27.76 -4.71
N LEU B 643 10.78 -28.94 -4.98
CA LEU B 643 10.06 -29.70 -3.98
C LEU B 643 10.96 -30.83 -3.47
N PRO B 644 11.40 -30.80 -2.21
CA PRO B 644 12.25 -31.88 -1.69
C PRO B 644 11.47 -33.18 -1.60
N SER B 645 12.20 -34.29 -1.73
CA SER B 645 11.59 -35.61 -1.69
C SER B 645 11.03 -35.88 -0.29
N GLY B 646 9.86 -36.52 -0.26
CA GLY B 646 9.19 -36.87 0.97
C GLY B 646 8.00 -36.00 1.33
N VAL B 647 7.81 -34.87 0.64
CA VAL B 647 6.66 -34.02 0.93
C VAL B 647 5.38 -34.70 0.48
N PHE B 648 5.42 -35.42 -0.64
CA PHE B 648 4.23 -36.11 -1.13
C PHE B 648 3.84 -37.27 -0.22
N ASP B 649 4.83 -37.91 0.41
CA ASP B 649 4.52 -38.97 1.37
C ASP B 649 3.80 -38.42 2.59
N GLY B 650 4.14 -37.21 3.02
CA GLY B 650 3.48 -36.56 4.13
C GLY B 650 2.21 -35.82 3.77
N MET B 651 1.78 -35.88 2.51
CA MET B 651 0.54 -35.23 2.11
C MET B 651 -0.66 -35.98 2.70
N PRO B 652 -1.77 -35.30 2.93
CA PRO B 652 -2.97 -35.96 3.47
C PRO B 652 -3.46 -37.04 2.53
N PRO B 653 -3.94 -38.16 3.07
CA PRO B 653 -4.41 -39.25 2.20
C PRO B 653 -5.64 -38.89 1.38
N ASN B 654 -6.49 -37.98 1.89
CA ASN B 654 -7.71 -37.59 1.22
C ASN B 654 -7.57 -36.29 0.43
N LEU B 655 -6.35 -35.96 0.02
CA LEU B 655 -6.14 -34.74 -0.76
C LEU B 655 -6.75 -34.89 -2.14
N LYS B 656 -7.50 -33.86 -2.57
CA LYS B 656 -8.18 -33.88 -3.87
C LYS B 656 -7.98 -32.62 -4.69
N ASN B 657 -7.61 -31.50 -4.07
CA ASN B 657 -7.42 -30.24 -4.79
C ASN B 657 -6.08 -29.64 -4.35
N LEU B 658 -5.04 -29.87 -5.16
CA LEU B 658 -3.71 -29.35 -4.89
C LEU B 658 -3.36 -28.28 -5.92
N SER B 659 -2.94 -27.12 -5.44
CA SER B 659 -2.58 -26.00 -6.31
C SER B 659 -1.17 -25.54 -5.97
N LEU B 660 -0.38 -25.26 -7.00
CA LEU B 660 0.99 -24.78 -6.86
C LEU B 660 1.25 -23.64 -7.85
N ALA B 661 0.31 -22.71 -7.96
CA ALA B 661 0.41 -21.64 -8.94
C ALA B 661 1.42 -20.59 -8.50
N LYS B 662 2.15 -20.04 -9.48
CA LYS B 662 3.10 -18.96 -9.26
C LYS B 662 4.13 -19.32 -8.20
N ASN B 663 4.60 -20.58 -8.23
CA ASN B 663 5.57 -21.05 -7.27
C ASN B 663 6.99 -21.08 -7.81
N GLY B 664 7.17 -21.00 -9.13
CA GLY B 664 8.50 -21.04 -9.71
C GLY B 664 9.20 -22.37 -9.53
N LEU B 665 8.49 -23.48 -9.74
CA LEU B 665 9.07 -24.81 -9.58
C LEU B 665 10.05 -25.07 -10.71
N LYS B 666 11.35 -25.01 -10.40
CA LYS B 666 12.36 -25.25 -11.42
C LYS B 666 12.32 -26.68 -11.93
N SER B 667 12.14 -27.65 -11.03
CA SER B 667 12.08 -29.05 -11.40
C SER B 667 11.08 -29.74 -10.48
N PHE B 668 9.97 -30.22 -11.06
CA PHE B 668 8.91 -30.88 -10.32
C PHE B 668 8.90 -32.36 -10.69
N ILE B 669 9.08 -33.23 -9.69
CA ILE B 669 9.08 -34.66 -9.94
C ILE B 669 7.67 -35.15 -10.20
N TRP B 670 7.57 -36.28 -10.90
CA TRP B 670 6.29 -36.87 -11.27
C TRP B 670 6.10 -38.29 -10.77
N GLU B 671 7.17 -39.02 -10.48
CA GLU B 671 7.04 -40.39 -9.98
C GLU B 671 6.50 -40.44 -8.56
N LYS B 672 6.58 -39.33 -7.83
CA LYS B 672 6.07 -39.28 -6.46
C LYS B 672 4.56 -39.06 -6.39
N LEU B 673 3.91 -38.83 -7.52
CA LEU B 673 2.46 -38.64 -7.54
C LEU B 673 1.69 -39.92 -7.25
N ARG B 674 2.35 -41.08 -7.24
CA ARG B 674 1.67 -42.32 -6.94
C ARG B 674 1.20 -42.38 -5.50
N TYR B 675 1.84 -41.61 -4.62
CA TYR B 675 1.43 -41.60 -3.21
C TYR B 675 0.02 -41.03 -3.06
N LEU B 676 -0.30 -39.98 -3.80
CA LEU B 676 -1.62 -39.36 -3.75
C LEU B 676 -2.57 -40.20 -4.59
N LYS B 677 -3.38 -41.03 -3.93
CA LYS B 677 -4.34 -41.89 -4.60
C LYS B 677 -5.68 -41.20 -4.85
N ASN B 678 -5.83 -39.94 -4.42
CA ASN B 678 -7.08 -39.21 -4.60
C ASN B 678 -6.87 -37.86 -5.27
N LEU B 679 -5.70 -37.61 -5.85
CA LEU B 679 -5.44 -36.34 -6.53
C LEU B 679 -6.24 -36.26 -7.82
N GLU B 680 -6.99 -35.18 -7.99
CA GLU B 680 -7.83 -35.00 -9.18
C GLU B 680 -7.72 -33.62 -9.82
N THR B 681 -7.27 -32.60 -9.09
CA THR B 681 -7.24 -31.23 -9.58
C THR B 681 -5.86 -30.61 -9.33
N LEU B 682 -4.81 -31.33 -9.70
CA LEU B 682 -3.45 -30.81 -9.55
C LEU B 682 -3.24 -29.63 -10.48
N ASP B 683 -2.71 -28.54 -9.93
CA ASP B 683 -2.51 -27.30 -10.68
C ASP B 683 -1.04 -26.89 -10.60
N LEU B 684 -0.44 -26.62 -11.76
CA LEU B 684 0.94 -26.17 -11.84
C LEU B 684 1.04 -24.95 -12.76
N SER B 685 0.03 -24.09 -12.75
CA SER B 685 0.01 -22.92 -13.62
C SER B 685 1.04 -21.88 -13.15
N HIS B 686 1.50 -21.07 -14.11
CA HIS B 686 2.44 -19.98 -13.84
C HIS B 686 3.71 -20.49 -13.15
N ASN B 687 4.17 -21.66 -13.58
CA ASN B 687 5.36 -22.29 -13.02
C ASN B 687 6.49 -22.27 -14.04
N GLN B 688 7.64 -22.81 -13.64
CA GLN B 688 8.82 -22.86 -14.49
C GLN B 688 9.23 -24.28 -14.80
N LEU B 689 8.25 -25.18 -14.94
CA LEU B 689 8.54 -26.56 -15.29
C LEU B 689 9.08 -26.64 -16.71
N THR B 690 9.89 -27.68 -16.97
CA THR B 690 10.51 -27.86 -18.28
C THR B 690 10.42 -29.28 -18.82
N THR B 691 10.04 -30.26 -18.00
CA THR B 691 9.98 -31.65 -18.43
C THR B 691 8.62 -32.22 -18.07
N VAL B 692 7.94 -32.81 -19.06
CA VAL B 692 6.66 -33.47 -18.85
C VAL B 692 6.93 -34.90 -18.37
N PRO B 693 6.00 -35.53 -17.65
CA PRO B 693 6.23 -36.91 -17.22
C PRO B 693 6.28 -37.86 -18.40
N GLU B 694 7.07 -38.93 -18.23
CA GLU B 694 7.18 -39.93 -19.29
C GLU B 694 5.85 -40.62 -19.56
N ARG B 695 5.13 -40.99 -18.50
CA ARG B 695 3.82 -41.63 -18.62
C ARG B 695 2.94 -41.12 -17.49
N LEU B 696 1.91 -40.35 -17.85
CA LEU B 696 1.01 -39.81 -16.83
C LEU B 696 0.15 -40.91 -16.20
N SER B 697 -0.11 -42.00 -16.93
CA SER B 697 -0.88 -43.10 -16.38
C SER B 697 -0.14 -43.76 -15.22
N ASN B 698 1.19 -43.93 -15.36
CA ASN B 698 1.97 -44.53 -14.30
C ASN B 698 2.20 -43.58 -13.13
N CYS B 699 2.02 -42.29 -13.34
CA CYS B 699 2.23 -41.32 -12.27
C CYS B 699 1.02 -41.25 -11.34
N SER B 700 -0.14 -40.89 -11.88
CA SER B 700 -1.37 -40.79 -11.11
C SER B 700 -2.48 -41.53 -11.83
N ARG B 701 -3.26 -42.29 -11.06
CA ARG B 701 -4.37 -43.07 -11.60
C ARG B 701 -5.72 -42.36 -11.46
N SER B 702 -5.73 -41.13 -10.95
CA SER B 702 -6.99 -40.41 -10.76
C SER B 702 -6.90 -38.95 -11.17
N LEU B 703 -5.78 -38.49 -11.72
CA LEU B 703 -5.65 -37.10 -12.14
C LEU B 703 -6.51 -36.83 -13.36
N LYS B 704 -7.33 -35.79 -13.29
CA LYS B 704 -8.23 -35.44 -14.39
C LYS B 704 -8.30 -33.96 -14.69
N ASN B 705 -7.63 -33.10 -13.91
CA ASN B 705 -7.68 -31.65 -14.10
C ASN B 705 -6.28 -31.06 -14.03
N LEU B 706 -5.35 -31.67 -14.77
CA LEU B 706 -3.97 -31.16 -14.80
C LEU B 706 -3.91 -29.87 -15.60
N ILE B 707 -3.32 -28.84 -14.99
CA ILE B 707 -3.22 -27.51 -15.59
C ILE B 707 -1.77 -27.07 -15.58
N LEU B 708 -1.27 -26.61 -16.72
CA LEU B 708 0.10 -26.11 -16.87
C LEU B 708 0.09 -24.78 -17.62
N LYS B 709 -0.79 -23.88 -17.20
CA LYS B 709 -0.90 -22.58 -17.86
C LYS B 709 0.31 -21.71 -17.55
N ASN B 710 0.70 -20.91 -18.55
CA ASN B 710 1.83 -19.97 -18.43
C ASN B 710 3.11 -20.70 -18.03
N ASN B 711 3.33 -21.86 -18.61
CA ASN B 711 4.53 -22.66 -18.35
C ASN B 711 5.51 -22.51 -19.51
N GLN B 712 6.66 -23.17 -19.40
CA GLN B 712 7.71 -23.14 -20.42
C GLN B 712 8.05 -24.58 -20.77
N ILE B 713 7.27 -25.17 -21.69
CA ILE B 713 7.48 -26.53 -22.15
C ILE B 713 7.67 -26.49 -23.66
N ARG B 714 8.81 -27.03 -24.12
CA ARG B 714 9.14 -26.99 -25.53
C ARG B 714 8.69 -28.22 -26.28
N SER B 715 8.62 -29.38 -25.62
CA SER B 715 8.22 -30.62 -26.27
C SER B 715 7.59 -31.54 -25.24
N LEU B 716 6.84 -32.52 -25.74
CA LEU B 716 6.17 -33.50 -24.91
C LEU B 716 6.72 -34.89 -25.20
N THR B 717 6.58 -35.79 -24.23
CA THR B 717 7.03 -37.15 -24.40
C THR B 717 6.16 -37.90 -25.41
N LYS B 718 6.74 -38.94 -26.01
CA LYS B 718 6.02 -39.73 -27.01
C LYS B 718 4.89 -40.55 -26.42
N TYR B 719 4.84 -40.70 -25.10
CA TYR B 719 3.77 -41.43 -24.42
C TYR B 719 3.21 -40.59 -23.27
N PHE B 720 2.97 -39.30 -23.53
CA PHE B 720 2.48 -38.42 -22.48
C PHE B 720 1.06 -38.79 -22.05
N LEU B 721 0.20 -39.15 -23.00
CA LEU B 721 -1.19 -39.48 -22.73
C LEU B 721 -1.49 -40.92 -23.13
N GLN B 722 -0.61 -41.84 -22.79
CA GLN B 722 -0.80 -43.25 -23.10
C GLN B 722 -1.59 -43.91 -21.98
N ASP B 723 -2.72 -44.52 -22.34
CA ASP B 723 -3.60 -45.21 -21.39
C ASP B 723 -4.08 -44.29 -20.28
N ALA B 724 -4.23 -43.01 -20.58
CA ALA B 724 -4.73 -42.03 -19.62
C ALA B 724 -6.22 -41.79 -19.81
N PHE B 725 -7.00 -42.84 -19.60
CA PHE B 725 -8.44 -42.76 -19.81
C PHE B 725 -9.14 -41.97 -18.72
N GLN B 726 -8.48 -41.73 -17.58
CA GLN B 726 -9.09 -41.00 -16.48
C GLN B 726 -8.94 -39.50 -16.60
N LEU B 727 -8.16 -39.01 -17.57
CA LEU B 727 -7.98 -37.58 -17.74
C LEU B 727 -9.24 -36.94 -18.30
N ARG B 728 -9.61 -35.79 -17.74
CA ARG B 728 -10.78 -35.04 -18.19
C ARG B 728 -10.46 -33.61 -18.61
N TYR B 729 -9.54 -32.95 -17.92
CA TYR B 729 -9.17 -31.58 -18.22
C TYR B 729 -7.67 -31.49 -18.42
N LEU B 730 -7.25 -30.84 -19.51
CA LEU B 730 -5.84 -30.67 -19.83
C LEU B 730 -5.62 -29.24 -20.30
N ASP B 731 -4.58 -28.60 -19.78
CA ASP B 731 -4.26 -27.21 -20.12
C ASP B 731 -2.76 -27.12 -20.43
N LEU B 732 -2.43 -26.63 -21.62
CA LEU B 732 -1.04 -26.44 -22.01
C LEU B 732 -0.84 -25.11 -22.72
N SER B 733 -1.70 -24.13 -22.46
CA SER B 733 -1.62 -22.85 -23.13
C SER B 733 -0.48 -22.00 -22.58
N SER B 734 -0.13 -20.96 -23.34
CA SER B 734 0.93 -20.03 -22.96
C SER B 734 2.26 -20.76 -22.71
N ASN B 735 2.61 -21.67 -23.60
CA ASN B 735 3.84 -22.45 -23.52
C ASN B 735 4.69 -22.21 -24.77
N LYS B 736 5.83 -22.88 -24.82
CA LYS B 736 6.75 -22.79 -25.94
C LYS B 736 6.80 -24.10 -26.74
N ILE B 737 5.67 -24.80 -26.81
CA ILE B 737 5.63 -26.10 -27.47
C ILE B 737 5.88 -25.94 -28.96
N GLN B 738 6.55 -26.93 -29.55
CA GLN B 738 6.93 -26.90 -30.96
C GLN B 738 6.05 -27.80 -31.83
N MET B 739 5.84 -29.05 -31.42
CA MET B 739 5.04 -29.97 -32.21
C MET B 739 4.49 -31.06 -31.31
N ILE B 740 3.44 -31.73 -31.79
CA ILE B 740 2.80 -32.85 -31.10
C ILE B 740 2.75 -34.03 -32.06
N GLN B 741 3.26 -35.17 -31.62
CA GLN B 741 3.24 -36.38 -32.43
C GLN B 741 1.95 -37.16 -32.22
N LYS B 742 1.65 -38.04 -33.17
CA LYS B 742 0.43 -38.84 -33.10
C LYS B 742 0.46 -39.80 -31.93
N THR B 743 1.62 -40.42 -31.66
CA THR B 743 1.72 -41.40 -30.59
C THR B 743 1.57 -40.78 -29.20
N SER B 744 1.68 -39.45 -29.09
CA SER B 744 1.55 -38.79 -27.80
C SER B 744 0.12 -38.32 -27.51
N PHE B 745 -0.71 -38.16 -28.54
CA PHE B 745 -2.08 -37.69 -28.38
C PHE B 745 -3.01 -38.68 -29.09
N PRO B 746 -3.31 -39.81 -28.45
CA PRO B 746 -4.23 -40.78 -29.07
C PRO B 746 -5.64 -40.23 -29.15
N GLU B 747 -6.38 -40.70 -30.15
CA GLU B 747 -7.76 -40.25 -30.35
C GLU B 747 -8.69 -40.79 -29.28
N ASN B 748 -8.41 -42.00 -28.76
CA ASN B 748 -9.27 -42.59 -27.75
C ASN B 748 -9.30 -41.75 -26.47
N VAL B 749 -8.13 -41.27 -26.04
CA VAL B 749 -8.07 -40.43 -24.85
C VAL B 749 -8.68 -39.06 -25.14
N LEU B 750 -8.41 -38.50 -26.32
CA LEU B 750 -8.92 -37.17 -26.66
C LEU B 750 -10.43 -37.16 -26.86
N ASN B 751 -11.04 -38.32 -27.11
CA ASN B 751 -12.49 -38.37 -27.31
C ASN B 751 -13.25 -37.97 -26.05
N ASN B 752 -12.76 -38.41 -24.88
CA ASN B 752 -13.43 -38.14 -23.61
C ASN B 752 -12.96 -36.86 -22.93
N LEU B 753 -12.07 -36.10 -23.56
CA LEU B 753 -11.58 -34.87 -22.97
C LEU B 753 -12.65 -33.79 -23.08
N LYS B 754 -13.04 -33.20 -21.95
CA LYS B 754 -14.09 -32.20 -21.95
C LYS B 754 -13.60 -30.87 -22.52
N MET B 755 -12.41 -30.44 -22.13
CA MET B 755 -11.89 -29.15 -22.56
C MET B 755 -10.37 -29.22 -22.67
N LEU B 756 -9.84 -28.71 -23.77
CA LEU B 756 -8.40 -28.67 -24.00
C LEU B 756 -8.03 -27.31 -24.57
N LEU B 757 -6.93 -26.75 -24.07
CA LEU B 757 -6.47 -25.42 -24.45
C LEU B 757 -5.05 -25.50 -24.99
N LEU B 758 -4.86 -24.98 -26.21
CA LEU B 758 -3.55 -24.90 -26.84
C LEU B 758 -3.38 -23.56 -27.54
N HIS B 759 -3.79 -22.48 -26.88
CA HIS B 759 -3.75 -21.15 -27.46
C HIS B 759 -2.64 -20.30 -26.85
N HIS B 760 -2.32 -19.21 -27.54
CA HIS B 760 -1.31 -18.25 -27.09
C HIS B 760 0.05 -18.92 -26.87
N ASN B 761 0.44 -19.79 -27.79
CA ASN B 761 1.72 -20.48 -27.69
C ASN B 761 2.54 -20.29 -28.95
N ARG B 762 3.64 -21.03 -29.09
CA ARG B 762 4.58 -20.87 -30.18
C ARG B 762 4.59 -22.09 -31.09
N PHE B 763 3.40 -22.59 -31.44
CA PHE B 763 3.31 -23.73 -32.33
C PHE B 763 3.68 -23.34 -33.75
N LEU B 764 4.60 -24.10 -34.35
CA LEU B 764 5.05 -23.88 -35.71
C LEU B 764 4.19 -24.68 -36.68
N CYS B 765 3.89 -24.09 -37.83
CA CYS B 765 3.04 -24.73 -38.83
C CYS B 765 3.90 -25.10 -40.04
N THR B 766 4.50 -26.28 -39.96
CA THR B 766 5.33 -26.82 -41.04
C THR B 766 4.73 -28.15 -41.52
N CYS B 767 5.47 -28.83 -42.39
CA CYS B 767 5.01 -30.08 -42.98
C CYS B 767 5.13 -31.27 -42.03
N ASP B 768 5.77 -31.10 -40.88
CA ASP B 768 5.92 -32.21 -39.93
C ASP B 768 4.71 -32.39 -39.02
N ALA B 769 3.74 -31.50 -39.08
CA ALA B 769 2.55 -31.55 -38.23
C ALA B 769 1.29 -31.69 -39.08
N VAL B 770 1.36 -32.47 -40.16
CA VAL B 770 0.19 -32.67 -41.01
C VAL B 770 -0.90 -33.42 -40.25
N TRP B 771 -0.51 -34.36 -39.39
CA TRP B 771 -1.49 -35.08 -38.58
C TRP B 771 -2.21 -34.14 -37.63
N PHE B 772 -1.47 -33.23 -36.99
CA PHE B 772 -2.10 -32.27 -36.10
C PHE B 772 -3.02 -31.32 -36.87
N VAL B 773 -2.58 -30.89 -38.06
CA VAL B 773 -3.38 -30.00 -38.88
C VAL B 773 -4.69 -30.67 -39.27
N TRP B 774 -4.62 -31.96 -39.65
CA TRP B 774 -5.83 -32.70 -39.98
C TRP B 774 -6.72 -32.90 -38.75
N TRP B 775 -6.11 -33.09 -37.59
CA TRP B 775 -6.89 -33.41 -36.39
C TRP B 775 -7.61 -32.18 -35.85
N VAL B 776 -6.97 -31.01 -35.88
CA VAL B 776 -7.58 -29.82 -35.28
C VAL B 776 -8.81 -29.39 -36.05
N GLN B 777 -8.87 -29.67 -37.35
CA GLN B 777 -10.01 -29.28 -38.18
C GLN B 777 -10.98 -30.42 -38.41
N HIS B 778 -10.82 -31.55 -37.71
CA HIS B 778 -11.72 -32.68 -37.89
C HIS B 778 -12.08 -33.35 -36.56
N THR B 779 -11.90 -32.67 -35.44
CA THR B 779 -12.22 -33.21 -34.13
C THR B 779 -13.31 -32.40 -33.46
N GLU B 780 -13.95 -33.01 -32.45
CA GLU B 780 -15.01 -32.37 -31.69
C GLU B 780 -14.55 -31.86 -30.34
N VAL B 781 -13.23 -31.83 -30.09
CA VAL B 781 -12.72 -31.37 -28.81
C VAL B 781 -12.90 -29.85 -28.72
N THR B 782 -13.49 -29.40 -27.62
CA THR B 782 -13.74 -27.98 -27.41
C THR B 782 -12.42 -27.27 -27.14
N ILE B 783 -11.92 -26.55 -28.13
CA ILE B 783 -10.67 -25.80 -28.01
C ILE B 783 -11.00 -24.32 -28.17
N PRO B 784 -11.05 -23.58 -27.08
CA PRO B 784 -11.35 -22.14 -27.17
C PRO B 784 -10.22 -21.38 -27.83
N TYR B 785 -10.59 -20.29 -28.50
CA TYR B 785 -9.64 -19.42 -29.21
C TYR B 785 -8.81 -20.22 -30.22
N LEU B 786 -9.48 -21.13 -30.94
CA LEU B 786 -8.77 -21.97 -31.91
C LEU B 786 -8.33 -21.17 -33.12
N ALA B 787 -9.05 -20.11 -33.47
CA ALA B 787 -8.72 -19.29 -34.63
C ALA B 787 -8.54 -17.81 -34.25
N THR B 788 -8.27 -17.53 -32.98
CA THR B 788 -8.11 -16.14 -32.54
C THR B 788 -6.79 -15.91 -31.80
N ASP B 789 -6.35 -16.87 -30.99
CA ASP B 789 -5.16 -16.71 -30.17
C ASP B 789 -3.98 -17.53 -30.68
N VAL B 790 -4.18 -18.82 -30.95
CA VAL B 790 -3.10 -19.68 -31.39
C VAL B 790 -2.79 -19.41 -32.85
N THR B 791 -1.53 -19.09 -33.15
CA THR B 791 -1.10 -18.82 -34.51
C THR B 791 0.07 -19.72 -34.88
N CYS B 792 0.68 -19.47 -36.04
CA CYS B 792 1.82 -20.23 -36.51
C CYS B 792 3.06 -19.33 -36.53
N VAL B 793 4.14 -19.81 -35.91
CA VAL B 793 5.38 -19.02 -35.87
C VAL B 793 5.95 -18.84 -37.27
N GLY B 794 5.96 -19.91 -38.06
CA GLY B 794 6.47 -19.84 -39.41
C GLY B 794 6.04 -21.03 -40.24
N PRO B 795 6.84 -21.36 -41.28
CA PRO B 795 8.07 -20.69 -41.70
C PRO B 795 7.82 -19.61 -42.76
N GLY B 796 8.38 -18.42 -42.57
CA GLY B 796 8.27 -17.37 -43.56
C GLY B 796 6.92 -16.69 -43.60
N ALA B 797 6.18 -16.91 -44.69
CA ALA B 797 4.90 -16.24 -44.88
C ALA B 797 3.79 -16.82 -44.00
N HIS B 798 4.04 -17.92 -43.30
CA HIS B 798 3.04 -18.54 -42.45
C HIS B 798 2.91 -17.88 -41.08
N LYS B 799 3.45 -16.67 -40.91
CA LYS B 799 3.35 -15.98 -39.64
C LYS B 799 1.92 -15.50 -39.41
N GLY B 800 1.38 -15.80 -38.23
CA GLY B 800 0.03 -15.39 -37.88
C GLY B 800 -1.08 -16.20 -38.53
N GLN B 801 -0.74 -17.29 -39.23
CA GLN B 801 -1.75 -18.10 -39.87
C GLN B 801 -2.56 -18.89 -38.85
N SER B 802 -3.82 -19.14 -39.19
CA SER B 802 -4.70 -19.91 -38.32
C SER B 802 -4.48 -21.40 -38.55
N VAL B 803 -4.36 -22.15 -37.45
CA VAL B 803 -4.14 -23.59 -37.55
C VAL B 803 -5.37 -24.27 -38.14
N ILE B 804 -6.57 -23.88 -37.69
CA ILE B 804 -7.78 -24.49 -38.19
C ILE B 804 -8.08 -24.08 -39.63
N SER B 805 -7.45 -23.00 -40.12
CA SER B 805 -7.66 -22.52 -41.48
C SER B 805 -6.48 -22.84 -42.39
N LEU B 806 -5.78 -23.94 -42.13
CA LEU B 806 -4.63 -24.35 -42.92
C LEU B 806 -4.98 -25.59 -43.74
N ASP B 807 -4.64 -25.57 -45.01
CA ASP B 807 -4.91 -26.69 -45.91
C ASP B 807 -3.70 -27.00 -46.78
#